data_1WAU
# 
_entry.id   1WAU 
# 
_audit_conform.dict_name       mmcif_pdbx.dic 
_audit_conform.dict_version    5.382 
_audit_conform.dict_location   http://mmcif.pdb.org/dictionaries/ascii/mmcif_pdbx.dic 
# 
loop_
_database_2.database_id 
_database_2.database_code 
_database_2.pdbx_database_accession 
_database_2.pdbx_DOI 
PDB   1WAU         pdb_00001wau 10.2210/pdb1wau/pdb 
PDBE  EBI-21436    ?            ?                   
WWPDB D_1290021436 ?            ?                   
# 
loop_
_pdbx_database_related.db_name 
_pdbx_database_related.db_id 
_pdbx_database_related.content_type 
_pdbx_database_related.details 
PDB 1EUA unspecified 'SCHIFF BASE INTERMEDIATE IN KDPG ALDOLASE FROM ESCHERICHIA COLI'                
PDB 1EUN unspecified 'STRUCTURE OF 2-KETO-3-DEOXY-6- PHOSPHOGLUCONATE ALDOLASE FROM ESCHERICHIA COLI' 
PDB 1FQ0 unspecified 'KDPG ALDOLASE FROM ESCHERICHIA COLI'                                            
PDB 1FWR unspecified 'CRYSTAL STRUCTURE OF KDPG ALDOLASE DOUBLE MUTANT K133Q/T161K'                   
# 
_pdbx_database_status.status_code                     REL 
_pdbx_database_status.entry_id                        1WAU 
_pdbx_database_status.deposit_site                    PDBE 
_pdbx_database_status.process_site                    PDBE 
_pdbx_database_status.SG_entry                        . 
_pdbx_database_status.recvd_initial_deposition_date   2004-10-28 
_pdbx_database_status.pdb_format_compatible           Y 
_pdbx_database_status.status_code_sf                  REL 
_pdbx_database_status.status_code_mr                  ? 
_pdbx_database_status.status_code_cs                  ? 
_pdbx_database_status.methods_development_category    ? 
_pdbx_database_status.status_code_nmr_data            ? 
# 
loop_
_audit_author.name 
_audit_author.pdbx_ordinal 
'Merkel, A.B.'   1 
'Naismith, J.H.' 2 
# 
_citation.id                        primary 
_citation.title                     'Mechanism of the Class I Kdpg Aldolase.' 
_citation.journal_abbrev            Bioorg.Med.Chem. 
_citation.journal_volume            14 
_citation.page_first                3002 
_citation.page_last                 ? 
_citation.year                      2006 
_citation.journal_id_ASTM           BMECEP 
_citation.country                   UK 
_citation.journal_id_ISSN           0968-0896 
_citation.journal_id_CSD            1200 
_citation.book_publisher            ? 
_citation.pdbx_database_id_PubMed   16403639 
_citation.pdbx_database_id_DOI      10.1016/J.BMC.2005.12.022 
# 
loop_
_citation_author.citation_id 
_citation_author.name 
_citation_author.ordinal 
_citation_author.identifier_ORCID 
primary 'Fullerton, S.W.B.' 1 ? 
primary 'Griffiths, J.S.'   2 ? 
primary 'Merkel, A.B.'      3 ? 
primary 'Cheriyan, M.'      4 ? 
primary 'Wymer, N.J.'       5 ? 
primary 'Hutchins, M.J.'    6 ? 
primary 'Fierke, C.A.'      7 ? 
primary 'Toone, E.J.'       8 ? 
primary 'Naismith, J.H.'    9 ? 
# 
_cell.entry_id           1WAU 
_cell.length_a           105.195 
_cell.length_b           105.195 
_cell.length_c           51.444 
_cell.angle_alpha        90.00 
_cell.angle_beta         90.00 
_cell.angle_gamma        120.00 
_cell.Z_PDB              6 
_cell.pdbx_unique_axis   ? 
# 
_symmetry.entry_id                         1WAU 
_symmetry.space_group_name_H-M             'P 3 2 1' 
_symmetry.pdbx_full_space_group_name_H-M   ? 
_symmetry.cell_setting                     ? 
_symmetry.Int_Tables_number                150 
# 
loop_
_entity.id 
_entity.type 
_entity.src_method 
_entity.pdbx_description 
_entity.formula_weight 
_entity.pdbx_number_of_molecules 
_entity.pdbx_ec 
_entity.pdbx_mutation 
_entity.pdbx_fragment 
_entity.details 
1 polymer     man 'KHG/KDPG ALDOLASE' 22289.941 1   '4.1.2.14, 4.1.3.16' YES ? ? 
2 non-polymer syn 'SULFATE ION'       96.063    1   ?                    ?   ? ? 
3 water       nat water               18.015    102 ?                    ?   ? ? 
# 
_entity_name_com.entity_id   1 
_entity_name_com.name        
;4-HYDROXY-2-OXOGLUTARATE ALDOLASE, 2-KETO-4-HYDROXYGLUTARATE ALDOLASE, KHG-ALDOLASE, 2-DEHYDRO-3-DEOXY-PHOSPHOGLUCONATE ALDOLASE, PHOSPHO-2-DEHYDRO-3-DEOXYGLUCONATE ALDOLASE, PHOSPHO-2-KETO-3-DEOXYGLUCONATE ALDOLASE, 2-KETO-3-DEOXY-6-PHOSPHOGLUCONATE ALDOLASE
;
# 
_entity_poly.entity_id                      1 
_entity_poly.type                           'polypeptide(L)' 
_entity_poly.nstd_linkage                   no 
_entity_poly.nstd_monomer                   no 
_entity_poly.pdbx_seq_one_letter_code       
;MKNWKTSAESILTTGPVVPVIVVKKLEHAVPMAKALVAGGVRVLNVTLRTECAVDAIRAIAKEVPEAIVGAGTVLNPQQL
AEVTEAGAQFAISPGLTEPLLKAATEGTIPLIPGISTVSELMLGMDYGLKEFKFFPAEANGGVKALQAIAGPFSQVRFCP
TGGISPANYRDYLALKSVLCIGGSWLVPADALEAGDYDRITKLAREAVEGAKL
;
_entity_poly.pdbx_seq_one_letter_code_can   
;MKNWKTSAESILTTGPVVPVIVVKKLEHAVPMAKALVAGGVRVLNVTLRTECAVDAIRAIAKEVPEAIVGAGTVLNPQQL
AEVTEAGAQFAISPGLTEPLLKAATEGTIPLIPGISTVSELMLGMDYGLKEFKFFPAEANGGVKALQAIAGPFSQVRFCP
TGGISPANYRDYLALKSVLCIGGSWLVPADALEAGDYDRITKLAREAVEGAKL
;
_entity_poly.pdbx_strand_id                 A 
_entity_poly.pdbx_target_identifier         ? 
# 
loop_
_entity_poly_seq.entity_id 
_entity_poly_seq.num 
_entity_poly_seq.mon_id 
_entity_poly_seq.hetero 
1 1   MET n 
1 2   LYS n 
1 3   ASN n 
1 4   TRP n 
1 5   LYS n 
1 6   THR n 
1 7   SER n 
1 8   ALA n 
1 9   GLU n 
1 10  SER n 
1 11  ILE n 
1 12  LEU n 
1 13  THR n 
1 14  THR n 
1 15  GLY n 
1 16  PRO n 
1 17  VAL n 
1 18  VAL n 
1 19  PRO n 
1 20  VAL n 
1 21  ILE n 
1 22  VAL n 
1 23  VAL n 
1 24  LYS n 
1 25  LYS n 
1 26  LEU n 
1 27  GLU n 
1 28  HIS n 
1 29  ALA n 
1 30  VAL n 
1 31  PRO n 
1 32  MET n 
1 33  ALA n 
1 34  LYS n 
1 35  ALA n 
1 36  LEU n 
1 37  VAL n 
1 38  ALA n 
1 39  GLY n 
1 40  GLY n 
1 41  VAL n 
1 42  ARG n 
1 43  VAL n 
1 44  LEU n 
1 45  ASN n 
1 46  VAL n 
1 47  THR n 
1 48  LEU n 
1 49  ARG n 
1 50  THR n 
1 51  GLU n 
1 52  CYS n 
1 53  ALA n 
1 54  VAL n 
1 55  ASP n 
1 56  ALA n 
1 57  ILE n 
1 58  ARG n 
1 59  ALA n 
1 60  ILE n 
1 61  ALA n 
1 62  LYS n 
1 63  GLU n 
1 64  VAL n 
1 65  PRO n 
1 66  GLU n 
1 67  ALA n 
1 68  ILE n 
1 69  VAL n 
1 70  GLY n 
1 71  ALA n 
1 72  GLY n 
1 73  THR n 
1 74  VAL n 
1 75  LEU n 
1 76  ASN n 
1 77  PRO n 
1 78  GLN n 
1 79  GLN n 
1 80  LEU n 
1 81  ALA n 
1 82  GLU n 
1 83  VAL n 
1 84  THR n 
1 85  GLU n 
1 86  ALA n 
1 87  GLY n 
1 88  ALA n 
1 89  GLN n 
1 90  PHE n 
1 91  ALA n 
1 92  ILE n 
1 93  SER n 
1 94  PRO n 
1 95  GLY n 
1 96  LEU n 
1 97  THR n 
1 98  GLU n 
1 99  PRO n 
1 100 LEU n 
1 101 LEU n 
1 102 LYS n 
1 103 ALA n 
1 104 ALA n 
1 105 THR n 
1 106 GLU n 
1 107 GLY n 
1 108 THR n 
1 109 ILE n 
1 110 PRO n 
1 111 LEU n 
1 112 ILE n 
1 113 PRO n 
1 114 GLY n 
1 115 ILE n 
1 116 SER n 
1 117 THR n 
1 118 VAL n 
1 119 SER n 
1 120 GLU n 
1 121 LEU n 
1 122 MET n 
1 123 LEU n 
1 124 GLY n 
1 125 MET n 
1 126 ASP n 
1 127 TYR n 
1 128 GLY n 
1 129 LEU n 
1 130 LYS n 
1 131 GLU n 
1 132 PHE n 
1 133 LYS n 
1 134 PHE n 
1 135 PHE n 
1 136 PRO n 
1 137 ALA n 
1 138 GLU n 
1 139 ALA n 
1 140 ASN n 
1 141 GLY n 
1 142 GLY n 
1 143 VAL n 
1 144 LYS n 
1 145 ALA n 
1 146 LEU n 
1 147 GLN n 
1 148 ALA n 
1 149 ILE n 
1 150 ALA n 
1 151 GLY n 
1 152 PRO n 
1 153 PHE n 
1 154 SER n 
1 155 GLN n 
1 156 VAL n 
1 157 ARG n 
1 158 PHE n 
1 159 CYS n 
1 160 PRO n 
1 161 THR n 
1 162 GLY n 
1 163 GLY n 
1 164 ILE n 
1 165 SER n 
1 166 PRO n 
1 167 ALA n 
1 168 ASN n 
1 169 TYR n 
1 170 ARG n 
1 171 ASP n 
1 172 TYR n 
1 173 LEU n 
1 174 ALA n 
1 175 LEU n 
1 176 LYS n 
1 177 SER n 
1 178 VAL n 
1 179 LEU n 
1 180 CYS n 
1 181 ILE n 
1 182 GLY n 
1 183 GLY n 
1 184 SER n 
1 185 TRP n 
1 186 LEU n 
1 187 VAL n 
1 188 PRO n 
1 189 ALA n 
1 190 ASP n 
1 191 ALA n 
1 192 LEU n 
1 193 GLU n 
1 194 ALA n 
1 195 GLY n 
1 196 ASP n 
1 197 TYR n 
1 198 ASP n 
1 199 ARG n 
1 200 ILE n 
1 201 THR n 
1 202 LYS n 
1 203 LEU n 
1 204 ALA n 
1 205 ARG n 
1 206 GLU n 
1 207 ALA n 
1 208 VAL n 
1 209 GLU n 
1 210 GLY n 
1 211 ALA n 
1 212 LYS n 
1 213 LEU n 
# 
_entity_src_gen.entity_id                          1 
_entity_src_gen.pdbx_src_id                        1 
_entity_src_gen.pdbx_alt_source_flag               sample 
_entity_src_gen.pdbx_seq_type                      ? 
_entity_src_gen.pdbx_beg_seq_num                   ? 
_entity_src_gen.pdbx_end_seq_num                   ? 
_entity_src_gen.gene_src_common_name               ? 
_entity_src_gen.gene_src_genus                     ? 
_entity_src_gen.pdbx_gene_src_gene                 ? 
_entity_src_gen.gene_src_species                   ? 
_entity_src_gen.gene_src_strain                    ? 
_entity_src_gen.gene_src_tissue                    ? 
_entity_src_gen.gene_src_tissue_fraction           ? 
_entity_src_gen.gene_src_details                   ? 
_entity_src_gen.pdbx_gene_src_fragment             ? 
_entity_src_gen.pdbx_gene_src_scientific_name      'ESCHERICHIA COLI' 
_entity_src_gen.pdbx_gene_src_ncbi_taxonomy_id     562 
_entity_src_gen.pdbx_gene_src_variant              ? 
_entity_src_gen.pdbx_gene_src_cell_line            ? 
_entity_src_gen.pdbx_gene_src_atcc                 ? 
_entity_src_gen.pdbx_gene_src_organ                ? 
_entity_src_gen.pdbx_gene_src_organelle            ? 
_entity_src_gen.pdbx_gene_src_cell                 ? 
_entity_src_gen.pdbx_gene_src_cellular_location    ? 
_entity_src_gen.host_org_common_name               ? 
_entity_src_gen.pdbx_host_org_scientific_name      'ESCHERICHIA COLI' 
_entity_src_gen.pdbx_host_org_ncbi_taxonomy_id     469008 
_entity_src_gen.host_org_genus                     ? 
_entity_src_gen.pdbx_host_org_gene                 ? 
_entity_src_gen.pdbx_host_org_organ                ? 
_entity_src_gen.host_org_species                   ? 
_entity_src_gen.pdbx_host_org_tissue               ? 
_entity_src_gen.pdbx_host_org_tissue_fraction      ? 
_entity_src_gen.pdbx_host_org_strain               'BL21(DE3)' 
_entity_src_gen.pdbx_host_org_variant              ? 
_entity_src_gen.pdbx_host_org_cell_line            ? 
_entity_src_gen.pdbx_host_org_atcc                 ? 
_entity_src_gen.pdbx_host_org_culture_collection   ? 
_entity_src_gen.pdbx_host_org_cell                 ? 
_entity_src_gen.pdbx_host_org_organelle            ? 
_entity_src_gen.pdbx_host_org_cellular_location    ? 
_entity_src_gen.pdbx_host_org_vector_type          ? 
_entity_src_gen.pdbx_host_org_vector               ? 
_entity_src_gen.host_org_details                   ? 
_entity_src_gen.expression_system_id               ? 
_entity_src_gen.plasmid_name                       PET30B 
_entity_src_gen.plasmid_details                    ? 
_entity_src_gen.pdbx_description                   ? 
# 
_struct_ref.id                         1 
_struct_ref.db_name                    UNP 
_struct_ref.db_code                    ALKH_ECOLI 
_struct_ref.entity_id                  1 
_struct_ref.pdbx_seq_one_letter_code   ? 
_struct_ref.pdbx_align_begin           ? 
_struct_ref.pdbx_db_accession          P10177 
_struct_ref.pdbx_db_isoform            ? 
# 
_struct_ref_seq.align_id                      1 
_struct_ref_seq.ref_id                        1 
_struct_ref_seq.pdbx_PDB_id_code              1WAU 
_struct_ref_seq.pdbx_strand_id                A 
_struct_ref_seq.seq_align_beg                 1 
_struct_ref_seq.pdbx_seq_align_beg_ins_code   ? 
_struct_ref_seq.seq_align_end                 213 
_struct_ref_seq.pdbx_seq_align_end_ins_code   ? 
_struct_ref_seq.pdbx_db_accession             P10177 
_struct_ref_seq.db_align_beg                  1 
_struct_ref_seq.pdbx_db_align_beg_ins_code    ? 
_struct_ref_seq.db_align_end                  213 
_struct_ref_seq.pdbx_db_align_end_ins_code    ? 
_struct_ref_seq.pdbx_auth_seq_align_beg       1 
_struct_ref_seq.pdbx_auth_seq_align_end       213 
# 
_struct_ref_seq_dif.align_id                     1 
_struct_ref_seq_dif.pdbx_pdb_id_code             1WAU 
_struct_ref_seq_dif.mon_id                       ASN 
_struct_ref_seq_dif.pdbx_pdb_strand_id           A 
_struct_ref_seq_dif.seq_num                      45 
_struct_ref_seq_dif.pdbx_pdb_ins_code            ? 
_struct_ref_seq_dif.pdbx_seq_db_name             UNP 
_struct_ref_seq_dif.pdbx_seq_db_accession_code   P10177 
_struct_ref_seq_dif.db_mon_id                    GLU 
_struct_ref_seq_dif.pdbx_seq_db_seq_num          45 
_struct_ref_seq_dif.details                      'engineered mutation' 
_struct_ref_seq_dif.pdbx_auth_seq_num            45 
_struct_ref_seq_dif.pdbx_ordinal                 1 
# 
loop_
_chem_comp.id 
_chem_comp.type 
_chem_comp.mon_nstd_flag 
_chem_comp.name 
_chem_comp.pdbx_synonyms 
_chem_comp.formula 
_chem_comp.formula_weight 
ALA 'L-peptide linking' y ALANINE         ? 'C3 H7 N O2'     89.093  
ARG 'L-peptide linking' y ARGININE        ? 'C6 H15 N4 O2 1' 175.209 
ASN 'L-peptide linking' y ASPARAGINE      ? 'C4 H8 N2 O3'    132.118 
ASP 'L-peptide linking' y 'ASPARTIC ACID' ? 'C4 H7 N O4'     133.103 
CYS 'L-peptide linking' y CYSTEINE        ? 'C3 H7 N O2 S'   121.158 
GLN 'L-peptide linking' y GLUTAMINE       ? 'C5 H10 N2 O3'   146.144 
GLU 'L-peptide linking' y 'GLUTAMIC ACID' ? 'C5 H9 N O4'     147.129 
GLY 'peptide linking'   y GLYCINE         ? 'C2 H5 N O2'     75.067  
HIS 'L-peptide linking' y HISTIDINE       ? 'C6 H10 N3 O2 1' 156.162 
HOH non-polymer         . WATER           ? 'H2 O'           18.015  
ILE 'L-peptide linking' y ISOLEUCINE      ? 'C6 H13 N O2'    131.173 
LEU 'L-peptide linking' y LEUCINE         ? 'C6 H13 N O2'    131.173 
LYS 'L-peptide linking' y LYSINE          ? 'C6 H15 N2 O2 1' 147.195 
MET 'L-peptide linking' y METHIONINE      ? 'C5 H11 N O2 S'  149.211 
PHE 'L-peptide linking' y PHENYLALANINE   ? 'C9 H11 N O2'    165.189 
PRO 'L-peptide linking' y PROLINE         ? 'C5 H9 N O2'     115.130 
SER 'L-peptide linking' y SERINE          ? 'C3 H7 N O3'     105.093 
SO4 non-polymer         . 'SULFATE ION'   ? 'O4 S -2'        96.063  
THR 'L-peptide linking' y THREONINE       ? 'C4 H9 N O3'     119.119 
TRP 'L-peptide linking' y TRYPTOPHAN      ? 'C11 H12 N2 O2'  204.225 
TYR 'L-peptide linking' y TYROSINE        ? 'C9 H11 N O3'    181.189 
VAL 'L-peptide linking' y VALINE          ? 'C5 H11 N O2'    117.146 
# 
_exptl.entry_id          1WAU 
_exptl.method            'X-RAY DIFFRACTION' 
_exptl.crystals_number   1 
# 
_exptl_crystal.id                    1 
_exptl_crystal.density_meas          ? 
_exptl_crystal.density_Matthews      3.6 
_exptl_crystal.density_percent_sol   65 
_exptl_crystal.description           ? 
# 
_exptl_crystal_grow.crystal_id      1 
_exptl_crystal_grow.method          ? 
_exptl_crystal_grow.temp            ? 
_exptl_crystal_grow.temp_details    ? 
_exptl_crystal_grow.pH              8.00 
_exptl_crystal_grow.pdbx_pH_range   ? 
_exptl_crystal_grow.pdbx_details    '0.1M AMMONIUM SULPHATE, 15% PEG4000, 10MM TRIS, PH8.0, pH 8.00' 
# 
_diffrn.id                     1 
_diffrn.ambient_temp           100.0 
_diffrn.ambient_temp_details   ? 
_diffrn.crystal_id             1 
# 
_diffrn_detector.diffrn_id              1 
_diffrn_detector.detector               'IMAGE PLATE' 
_diffrn_detector.type                   'RIGAKU RAXIS IV' 
_diffrn_detector.pdbx_collection_date   2004-03-15 
_diffrn_detector.details                MIRRORS 
# 
_diffrn_radiation.diffrn_id                        1 
_diffrn_radiation.wavelength_id                    1 
_diffrn_radiation.pdbx_monochromatic_or_laue_m_l   M 
_diffrn_radiation.monochromator                    ? 
_diffrn_radiation.pdbx_diffrn_protocol             'SINGLE WAVELENGTH' 
_diffrn_radiation.pdbx_scattering_type             x-ray 
# 
_diffrn_radiation_wavelength.id           1 
_diffrn_radiation_wavelength.wavelength   1.5418 
_diffrn_radiation_wavelength.wt           1.0 
# 
_diffrn_source.diffrn_id                   1 
_diffrn_source.source                      'ROTATING ANODE' 
_diffrn_source.type                        'RIGAKU MICROMAX-007' 
_diffrn_source.pdbx_synchrotron_site       ? 
_diffrn_source.pdbx_synchrotron_beamline   ? 
_diffrn_source.pdbx_wavelength             1.5418 
_diffrn_source.pdbx_wavelength_list        ? 
# 
_reflns.pdbx_diffrn_id               1 
_reflns.pdbx_ordinal                 1 
_reflns.entry_id                     1WAU 
_reflns.observed_criterion_sigma_I   1.500 
_reflns.observed_criterion_sigma_F   ? 
_reflns.d_resolution_low             45.550 
_reflns.d_resolution_high            2.800 
_reflns.number_obs                   15069 
_reflns.number_all                   ? 
_reflns.percent_possible_obs         96.1 
_reflns.pdbx_Rmerge_I_obs            0.06000 
_reflns.pdbx_Rsym_value              ? 
_reflns.pdbx_netI_over_sigmaI        8.5000 
_reflns.B_iso_Wilson_estimate        ? 
_reflns.pdbx_redundancy              1.700 
# 
_reflns_shell.pdbx_diffrn_id         1 
_reflns_shell.pdbx_ordinal           1 
_reflns_shell.d_res_high             2.80 
_reflns_shell.d_res_low              2.87 
_reflns_shell.percent_possible_all   93.8 
_reflns_shell.Rmerge_I_obs           0.46000 
_reflns_shell.pdbx_Rsym_value        ? 
_reflns_shell.meanI_over_sigI_obs    1.600 
_reflns_shell.pdbx_redundancy        1.70 
# 
_refine.pdbx_refine_id                           'X-RAY DIFFRACTION' 
_refine.entry_id                                 1WAU 
_refine.pdbx_diffrn_id                           1 
_refine.pdbx_TLS_residual_ADP_flag               'LIKELY RESIDUAL' 
_refine.ls_number_reflns_obs                     7816 
_refine.ls_number_reflns_all                     ? 
_refine.pdbx_ls_sigma_I                          ? 
_refine.pdbx_ls_sigma_F                          ? 
_refine.pdbx_data_cutoff_high_absF               ? 
_refine.pdbx_data_cutoff_low_absF                ? 
_refine.pdbx_data_cutoff_high_rms_absF           ? 
_refine.ls_d_res_low                             91.29 
_refine.ls_d_res_high                            2.80 
_refine.ls_percent_reflns_obs                    98.5 
_refine.ls_R_factor_obs                          0.174 
_refine.ls_R_factor_all                          ? 
_refine.ls_R_factor_R_work                       0.171 
_refine.ls_R_factor_R_free                       0.246 
_refine.ls_R_factor_R_free_error                 ? 
_refine.ls_R_factor_R_free_error_details         ? 
_refine.ls_percent_reflns_R_free                 4.600 
_refine.ls_number_reflns_R_free                  380 
_refine.ls_number_parameters                     ? 
_refine.ls_number_restraints                     ? 
_refine.occupancy_min                            ? 
_refine.occupancy_max                            ? 
_refine.correlation_coeff_Fo_to_Fc               0.961 
_refine.correlation_coeff_Fo_to_Fc_free          0.917 
_refine.B_iso_mean                               65.16 
_refine.aniso_B[1][1]                            1.56000 
_refine.aniso_B[2][2]                            1.56000 
_refine.aniso_B[3][3]                            -2.34000 
_refine.aniso_B[1][2]                            0.78000 
_refine.aniso_B[1][3]                            0.00000 
_refine.aniso_B[2][3]                            0.00000 
_refine.solvent_model_details                    MASK 
_refine.solvent_model_param_ksol                 ? 
_refine.solvent_model_param_bsol                 ? 
_refine.pdbx_solvent_vdw_probe_radii             1.20 
_refine.pdbx_solvent_ion_probe_radii             0.80 
_refine.pdbx_solvent_shrinkage_radii             0.80 
_refine.pdbx_ls_cross_valid_method               THROUGHOUT 
_refine.details                                  'HYDROGENS HAVE BEEN ADDED IN THE RIDING POSITIONS.' 
_refine.pdbx_starting_model                      'PDB ENTRY 1EUA' 
_refine.pdbx_method_to_determine_struct          'MOLECULAR REPLACEMENT' 
_refine.pdbx_isotropic_thermal_model             ? 
_refine.pdbx_stereochemistry_target_values       'MAXIMUM LIKELIHOOD' 
_refine.pdbx_stereochem_target_val_spec_case     ? 
_refine.pdbx_R_Free_selection_details            RANDOM 
_refine.pdbx_overall_ESU_R                       0.595 
_refine.pdbx_overall_ESU_R_Free                  0.326 
_refine.overall_SU_ML                            0.274 
_refine.pdbx_overall_phase_error                 ? 
_refine.overall_SU_B                             25.119 
_refine.overall_SU_R_Cruickshank_DPI             ? 
_refine.pdbx_overall_SU_R_free_Cruickshank_DPI   ? 
_refine.pdbx_overall_SU_R_Blow_DPI               ? 
_refine.pdbx_overall_SU_R_free_Blow_DPI          ? 
# 
_refine_hist.pdbx_refine_id                   'X-RAY DIFFRACTION' 
_refine_hist.cycle_id                         LAST 
_refine_hist.pdbx_number_atoms_protein        1565 
_refine_hist.pdbx_number_atoms_nucleic_acid   0 
_refine_hist.pdbx_number_atoms_ligand         5 
_refine_hist.number_atoms_solvent             102 
_refine_hist.number_atoms_total               1672 
_refine_hist.d_res_high                       2.80 
_refine_hist.d_res_low                        91.29 
# 
loop_
_refine_ls_restr.type 
_refine_ls_restr.dev_ideal 
_refine_ls_restr.dev_ideal_target 
_refine_ls_restr.weight 
_refine_ls_restr.number 
_refine_ls_restr.pdbx_refine_id 
_refine_ls_restr.pdbx_restraint_function 
r_bond_refined_d             0.028  0.022  ? 1597 'X-RAY DIFFRACTION' ? 
r_bond_other_d               ?      ?      ? ?    'X-RAY DIFFRACTION' ? 
r_angle_refined_deg          2.311  1.999  ? 2175 'X-RAY DIFFRACTION' ? 
r_angle_other_deg            ?      ?      ? ?    'X-RAY DIFFRACTION' ? 
r_dihedral_angle_1_deg       6.903  5.000  ? 212  'X-RAY DIFFRACTION' ? 
r_dihedral_angle_2_deg       41.271 24.706 ? 51   'X-RAY DIFFRACTION' ? 
r_dihedral_angle_3_deg       21.709 15.000 ? 265  'X-RAY DIFFRACTION' ? 
r_dihedral_angle_4_deg       16.093 15.000 ? 7    'X-RAY DIFFRACTION' ? 
r_chiral_restr               0.136  0.200  ? 262  'X-RAY DIFFRACTION' ? 
r_gen_planes_refined         0.007  0.020  ? 1167 'X-RAY DIFFRACTION' ? 
r_gen_planes_other           ?      ?      ? ?    'X-RAY DIFFRACTION' ? 
r_nbd_refined                0.303  0.200  ? 904  'X-RAY DIFFRACTION' ? 
r_nbd_other                  ?      ?      ? ?    'X-RAY DIFFRACTION' ? 
r_nbtor_refined              0.324  0.200  ? 1114 'X-RAY DIFFRACTION' ? 
r_nbtor_other                ?      ?      ? ?    'X-RAY DIFFRACTION' ? 
r_xyhbond_nbd_refined        0.359  0.200  ? 119  'X-RAY DIFFRACTION' ? 
r_xyhbond_nbd_other          ?      ?      ? ?    'X-RAY DIFFRACTION' ? 
r_metal_ion_refined          ?      ?      ? ?    'X-RAY DIFFRACTION' ? 
r_metal_ion_other            ?      ?      ? ?    'X-RAY DIFFRACTION' ? 
r_symmetry_vdw_refined       0.569  0.200  ? 64   'X-RAY DIFFRACTION' ? 
r_symmetry_vdw_other         ?      ?      ? ?    'X-RAY DIFFRACTION' ? 
r_symmetry_hbond_refined     0.441  0.200  ? 12   'X-RAY DIFFRACTION' ? 
r_symmetry_hbond_other       ?      ?      ? ?    'X-RAY DIFFRACTION' ? 
r_symmetry_metal_ion_refined ?      ?      ? ?    'X-RAY DIFFRACTION' ? 
r_symmetry_metal_ion_other   ?      ?      ? ?    'X-RAY DIFFRACTION' ? 
r_mcbond_it                  1.001  1.500  ? 1092 'X-RAY DIFFRACTION' ? 
r_mcbond_other               ?      ?      ? ?    'X-RAY DIFFRACTION' ? 
r_mcangle_it                 1.713  2.000  ? 1702 'X-RAY DIFFRACTION' ? 
r_mcangle_other              ?      ?      ? ?    'X-RAY DIFFRACTION' ? 
r_scbond_it                  2.897  3.000  ? 578  'X-RAY DIFFRACTION' ? 
r_scbond_other               ?      ?      ? ?    'X-RAY DIFFRACTION' ? 
r_scangle_it                 4.743  4.500  ? 473  'X-RAY DIFFRACTION' ? 
r_scangle_other              ?      ?      ? ?    'X-RAY DIFFRACTION' ? 
r_long_range_B_refined       ?      ?      ? ?    'X-RAY DIFFRACTION' ? 
r_long_range_B_other         ?      ?      ? ?    'X-RAY DIFFRACTION' ? 
r_rigid_bond_restr           ?      ?      ? ?    'X-RAY DIFFRACTION' ? 
r_sphericity_free            ?      ?      ? ?    'X-RAY DIFFRACTION' ? 
r_sphericity_bonded          ?      ?      ? ?    'X-RAY DIFFRACTION' ? 
# 
_refine_ls_shell.pdbx_refine_id                   'X-RAY DIFFRACTION' 
_refine_ls_shell.pdbx_total_number_of_bins_used   20 
_refine_ls_shell.d_res_high                       2.80 
_refine_ls_shell.d_res_low                        2.88 
_refine_ls_shell.number_reflns_R_work             569 
_refine_ls_shell.R_factor_R_work                  0.3200 
_refine_ls_shell.percent_reflns_obs               ? 
_refine_ls_shell.R_factor_R_free                  0.4590 
_refine_ls_shell.R_factor_R_free_error            ? 
_refine_ls_shell.percent_reflns_R_free            ? 
_refine_ls_shell.number_reflns_R_free             23 
_refine_ls_shell.number_reflns_all                ? 
_refine_ls_shell.R_factor_all                     ? 
# 
_struct.entry_id                  1WAU 
_struct.title                     'Structure of KDPG Aldolase E45N mutant' 
_struct.pdbx_model_details        ? 
_struct.pdbx_CASP_flag            ? 
_struct.pdbx_model_type_details   ? 
# 
_struct_keywords.entry_id        1WAU 
_struct_keywords.pdbx_keywords   LYASE 
_struct_keywords.text            'KDPG ALDOLASE, ESCHERICHIA COLI, LYASE, E45N MUTANT, MULTIFUNCTIONAL ENZYME' 
# 
loop_
_struct_asym.id 
_struct_asym.pdbx_blank_PDB_chainid_flag 
_struct_asym.pdbx_modified 
_struct_asym.entity_id 
_struct_asym.details 
A N N 1 ? 
B N N 2 ? 
C N N 3 ? 
# 
_struct_biol.id   1 
# 
loop_
_struct_conf.conf_type_id 
_struct_conf.id 
_struct_conf.pdbx_PDB_helix_id 
_struct_conf.beg_label_comp_id 
_struct_conf.beg_label_asym_id 
_struct_conf.beg_label_seq_id 
_struct_conf.pdbx_beg_PDB_ins_code 
_struct_conf.end_label_comp_id 
_struct_conf.end_label_asym_id 
_struct_conf.end_label_seq_id 
_struct_conf.pdbx_end_PDB_ins_code 
_struct_conf.beg_auth_comp_id 
_struct_conf.beg_auth_asym_id 
_struct_conf.beg_auth_seq_id 
_struct_conf.end_auth_comp_id 
_struct_conf.end_auth_asym_id 
_struct_conf.end_auth_seq_id 
_struct_conf.pdbx_PDB_helix_class 
_struct_conf.details 
_struct_conf.pdbx_PDB_helix_length 
HELX_P HELX_P1  1  SER A 7   ? THR A 13  ? SER A 7   THR A 13  1 ? 7  
HELX_P HELX_P2  2  LYS A 25  ? GLU A 27  ? LYS A 25  GLU A 27  5 ? 3  
HELX_P HELX_P3  3  HIS A 28  ? GLY A 39  ? HIS A 28  GLY A 39  1 ? 12 
HELX_P HELX_P4  4  CYS A 52  ? VAL A 64  ? CYS A 52  VAL A 64  1 ? 13 
HELX_P HELX_P5  5  ASN A 76  ? GLY A 87  ? ASN A 76  GLY A 87  1 ? 12 
HELX_P HELX_P6  6  THR A 97  ? GLY A 107 ? THR A 97  GLY A 107 1 ? 11 
HELX_P HELX_P7  7  THR A 117 ? TYR A 127 ? THR A 117 TYR A 127 1 ? 11 
HELX_P HELX_P8  8  GLY A 141 ? ALA A 150 ? GLY A 141 ALA A 150 1 ? 10 
HELX_P HELX_P9  9  ASN A 168 ? LEU A 175 ? ASN A 168 LEU A 175 1 ? 8  
HELX_P HELX_P10 10 PRO A 188 ? ALA A 194 ? PRO A 188 ALA A 194 1 ? 7  
HELX_P HELX_P11 11 ASP A 196 ? GLY A 210 ? ASP A 196 GLY A 210 1 ? 15 
# 
_struct_conf_type.id          HELX_P 
_struct_conf_type.criteria    ? 
_struct_conf_type.reference   ? 
# 
_struct_mon_prot_cis.pdbx_id                1 
_struct_mon_prot_cis.label_comp_id          PHE 
_struct_mon_prot_cis.label_seq_id           135 
_struct_mon_prot_cis.label_asym_id          A 
_struct_mon_prot_cis.label_alt_id           . 
_struct_mon_prot_cis.pdbx_PDB_ins_code      ? 
_struct_mon_prot_cis.auth_comp_id           PHE 
_struct_mon_prot_cis.auth_seq_id            135 
_struct_mon_prot_cis.auth_asym_id           A 
_struct_mon_prot_cis.pdbx_label_comp_id_2   PRO 
_struct_mon_prot_cis.pdbx_label_seq_id_2    136 
_struct_mon_prot_cis.pdbx_label_asym_id_2   A 
_struct_mon_prot_cis.pdbx_PDB_ins_code_2    ? 
_struct_mon_prot_cis.pdbx_auth_comp_id_2    PRO 
_struct_mon_prot_cis.pdbx_auth_seq_id_2     136 
_struct_mon_prot_cis.pdbx_auth_asym_id_2    A 
_struct_mon_prot_cis.pdbx_PDB_model_num     1 
_struct_mon_prot_cis.pdbx_omega_angle       -4.61 
# 
loop_
_struct_sheet.id 
_struct_sheet.type 
_struct_sheet.number_strands 
_struct_sheet.details 
AA ? 4 ? 
AB ? 4 ? 
# 
loop_
_struct_sheet_order.sheet_id 
_struct_sheet_order.range_id_1 
_struct_sheet_order.range_id_2 
_struct_sheet_order.offset 
_struct_sheet_order.sense 
AA 1 2 ? parallel 
AA 2 3 ? parallel 
AA 3 4 ? parallel 
AB 1 2 ? parallel 
AB 2 3 ? parallel 
AB 3 4 ? parallel 
# 
loop_
_struct_sheet_range.sheet_id 
_struct_sheet_range.id 
_struct_sheet_range.beg_label_comp_id 
_struct_sheet_range.beg_label_asym_id 
_struct_sheet_range.beg_label_seq_id 
_struct_sheet_range.pdbx_beg_PDB_ins_code 
_struct_sheet_range.end_label_comp_id 
_struct_sheet_range.end_label_asym_id 
_struct_sheet_range.end_label_seq_id 
_struct_sheet_range.pdbx_end_PDB_ins_code 
_struct_sheet_range.beg_auth_comp_id 
_struct_sheet_range.beg_auth_asym_id 
_struct_sheet_range.beg_auth_seq_id 
_struct_sheet_range.end_auth_comp_id 
_struct_sheet_range.end_auth_asym_id 
_struct_sheet_range.end_auth_seq_id 
AA 1 ILE A 68  ? GLY A 72  ? ILE A 68  GLY A 72  
AA 2 VAL A 43  ? THR A 47  ? VAL A 43  THR A 47  
AA 3 VAL A 17  ? ILE A 21  ? VAL A 17  ILE A 21  
AA 4 ILE A 181 ? GLY A 183 ? ILE A 181 GLY A 183 
AB 1 ALA A 91  ? SER A 93  ? ALA A 91  SER A 93  
AB 2 LEU A 111 ? ILE A 115 ? LEU A 111 ILE A 115 
AB 3 GLU A 131 ? PHE A 134 ? GLU A 131 PHE A 134 
AB 4 ARG A 157 ? PRO A 160 ? ARG A 157 PRO A 160 
# 
loop_
_pdbx_struct_sheet_hbond.sheet_id 
_pdbx_struct_sheet_hbond.range_id_1 
_pdbx_struct_sheet_hbond.range_id_2 
_pdbx_struct_sheet_hbond.range_1_label_atom_id 
_pdbx_struct_sheet_hbond.range_1_label_comp_id 
_pdbx_struct_sheet_hbond.range_1_label_asym_id 
_pdbx_struct_sheet_hbond.range_1_label_seq_id 
_pdbx_struct_sheet_hbond.range_1_PDB_ins_code 
_pdbx_struct_sheet_hbond.range_1_auth_atom_id 
_pdbx_struct_sheet_hbond.range_1_auth_comp_id 
_pdbx_struct_sheet_hbond.range_1_auth_asym_id 
_pdbx_struct_sheet_hbond.range_1_auth_seq_id 
_pdbx_struct_sheet_hbond.range_2_label_atom_id 
_pdbx_struct_sheet_hbond.range_2_label_comp_id 
_pdbx_struct_sheet_hbond.range_2_label_asym_id 
_pdbx_struct_sheet_hbond.range_2_label_seq_id 
_pdbx_struct_sheet_hbond.range_2_PDB_ins_code 
_pdbx_struct_sheet_hbond.range_2_auth_atom_id 
_pdbx_struct_sheet_hbond.range_2_auth_comp_id 
_pdbx_struct_sheet_hbond.range_2_auth_asym_id 
_pdbx_struct_sheet_hbond.range_2_auth_seq_id 
AA 1 2 N GLY A 70  ? N GLY A 70  O LEU A 44  ? O LEU A 44  
AA 2 3 N ASN A 45  ? N ASN A 45  O PRO A 19  ? O PRO A 19  
AA 3 4 N VAL A 18  ? N VAL A 18  O ILE A 181 ? O ILE A 181 
AB 1 2 N SER A 93  ? N SER A 93  O ILE A 112 ? O ILE A 112 
AB 2 3 N ILE A 115 ? N ILE A 115 O LYS A 133 ? O LYS A 133 
AB 3 4 N PHE A 132 ? N PHE A 132 O ARG A 157 ? O ARG A 157 
# 
_struct_site.id                   AC1 
_struct_site.pdbx_evidence_code   Software 
_struct_site.pdbx_auth_asym_id    ? 
_struct_site.pdbx_auth_comp_id    ? 
_struct_site.pdbx_auth_seq_id     ? 
_struct_site.pdbx_auth_ins_code   ? 
_struct_site.pdbx_num_residues    8 
_struct_site.details              'BINDING SITE FOR RESIDUE SO4 A1214' 
# 
loop_
_struct_site_gen.id 
_struct_site_gen.site_id 
_struct_site_gen.pdbx_num_res 
_struct_site_gen.label_comp_id 
_struct_site_gen.label_asym_id 
_struct_site_gen.label_seq_id 
_struct_site_gen.pdbx_auth_ins_code 
_struct_site_gen.auth_comp_id 
_struct_site_gen.auth_asym_id 
_struct_site_gen.auth_seq_id 
_struct_site_gen.label_atom_id 
_struct_site_gen.label_alt_id 
_struct_site_gen.symmetry 
_struct_site_gen.details 
1 AC1 8 GLY A 162 ? GLY A 162  . ? 1_555 ? 
2 AC1 8 GLY A 163 ? GLY A 163  . ? 1_555 ? 
3 AC1 8 ILE A 164 ? ILE A 164  . ? 1_555 ? 
4 AC1 8 SER A 184 ? SER A 184  . ? 1_555 ? 
5 AC1 8 HOH C .   ? HOH A 2098 . ? 1_555 ? 
6 AC1 8 HOH C .   ? HOH A 2100 . ? 1_555 ? 
7 AC1 8 HOH C .   ? HOH A 2101 . ? 1_555 ? 
8 AC1 8 HOH C .   ? HOH A 2102 . ? 1_555 ? 
# 
_atom_sites.entry_id                    1WAU 
_atom_sites.fract_transf_matrix[1][1]   -0.00502672 
_atom_sites.fract_transf_matrix[1][2]   -0.00133890 
_atom_sites.fract_transf_matrix[1][3]   0.00966549 
_atom_sites.fract_transf_matrix[2][1]   0.00410841 
_atom_sites.fract_transf_matrix[2][2]   -0.00698831 
_atom_sites.fract_transf_matrix[2][3]   0.00740128 
_atom_sites.fract_transf_matrix[3][1]   0.01073707 
_atom_sites.fract_transf_matrix[3][2]   0.01432840 
_atom_sites.fract_transf_matrix[3][3]   0.00756883 
_atom_sites.fract_transf_vector[1]      -0.441251 
_atom_sites.fract_transf_vector[2]      -0.210677 
_atom_sites.fract_transf_vector[3]      0.203299 
# 
loop_
_atom_type.symbol 
C 
N 
O 
S 
# 
loop_
_atom_site.group_PDB 
_atom_site.id 
_atom_site.type_symbol 
_atom_site.label_atom_id 
_atom_site.label_alt_id 
_atom_site.label_comp_id 
_atom_site.label_asym_id 
_atom_site.label_entity_id 
_atom_site.label_seq_id 
_atom_site.pdbx_PDB_ins_code 
_atom_site.Cartn_x 
_atom_site.Cartn_y 
_atom_site.Cartn_z 
_atom_site.occupancy 
_atom_site.B_iso_or_equiv 
_atom_site.pdbx_formal_charge 
_atom_site.auth_seq_id 
_atom_site.auth_comp_id 
_atom_site.auth_asym_id 
_atom_site.auth_atom_id 
_atom_site.pdbx_PDB_model_num 
ATOM   1    N N   . MET A 1 1   ? -16.684 -0.616  -9.926  1.00 96.74  ? 1    MET A N   1 
ATOM   2    C CA  . MET A 1 1   ? -15.425 -1.170  -9.385  1.00 98.38  ? 1    MET A CA  1 
ATOM   3    C C   . MET A 1 1   ? -15.362 -2.701  -9.422  1.00 98.27  ? 1    MET A C   1 
ATOM   4    O O   . MET A 1 1   ? -14.800 -3.293  -8.471  1.00 98.68  ? 1    MET A O   1 
ATOM   5    C CB  . MET A 1 1   ? -15.197 -0.759  -7.917  1.00 98.56  ? 1    MET A CB  1 
ATOM   6    C CG  . MET A 1 1   ? -15.911 0.437   -7.447  1.00 100.15 ? 1    MET A CG  1 
ATOM   7    S SD  . MET A 1 1   ? -17.161 -0.003  -6.247  1.00 103.00 ? 1    MET A SD  1 
ATOM   8    C CE  . MET A 1 1   ? -18.719 -0.098  -7.185  1.00 101.27 ? 1    MET A CE  1 
ATOM   9    N N   . LYS A 1 2   ? -15.946 -3.337  -10.451 1.00 97.48  ? 2    LYS A N   1 
ATOM   10   C CA  . LYS A 1 2   ? -15.790 -4.807  -10.693 1.00 96.73  ? 2    LYS A CA  1 
ATOM   11   C C   . LYS A 1 2   ? -16.517 -5.813  -9.721  1.00 96.09  ? 2    LYS A C   1 
ATOM   12   O O   . LYS A 1 2   ? -17.546 -5.464  -9.138  1.00 96.18  ? 2    LYS A O   1 
ATOM   13   C CB  . LYS A 1 2   ? -14.285 -5.163  -10.834 1.00 98.08  ? 2    LYS A CB  1 
ATOM   14   C CG  . LYS A 1 2   ? -13.957 -6.145  -11.982 1.00 100.46 ? 2    LYS A CG  1 
ATOM   15   C CD  . LYS A 1 2   ? -14.236 -5.521  -13.380 1.00 102.50 ? 2    LYS A CD  1 
ATOM   16   C CE  . LYS A 1 2   ? -13.117 -4.548  -13.838 1.00 103.29 ? 2    LYS A CE  1 
ATOM   17   N NZ  . LYS A 1 2   ? -13.410 -3.928  -15.173 1.00 102.71 ? 2    LYS A NZ  1 
ATOM   18   N N   . ASN A 1 3   ? -16.009 -7.060  -9.594  1.00 94.55  ? 3    ASN A N   1 
ATOM   19   C CA  . ASN A 1 3   ? -16.457 -8.055  -8.535  1.00 93.51  ? 3    ASN A CA  1 
ATOM   20   C C   . ASN A 1 3   ? -15.677 -8.065  -7.164  1.00 91.39  ? 3    ASN A C   1 
ATOM   21   O O   . ASN A 1 3   ? -15.503 -9.113  -6.497  1.00 90.47  ? 3    ASN A O   1 
ATOM   22   C CB  . ASN A 1 3   ? -16.703 -9.498  -9.081  1.00 93.27  ? 3    ASN A CB  1 
ATOM   23   C CG  . ASN A 1 3   ? -15.597 -10.003 -10.040 1.00 93.21  ? 3    ASN A CG  1 
ATOM   24   O OD1 . ASN A 1 3   ? -15.845 -10.870 -10.873 1.00 92.09  ? 3    ASN A OD1 1 
ATOM   25   N ND2 . ASN A 1 3   ? -14.396 -9.477  -9.916  1.00 94.06  ? 3    ASN A ND2 1 
ATOM   26   N N   . TRP A 1 4   ? -15.267 -6.861  -6.759  1.00 88.65  ? 4    TRP A N   1 
ATOM   27   C CA  . TRP A 1 4   ? -14.518 -6.628  -5.559  1.00 85.95  ? 4    TRP A CA  1 
ATOM   28   C C   . TRP A 1 4   ? -15.372 -6.321  -4.325  1.00 84.98  ? 4    TRP A C   1 
ATOM   29   O O   . TRP A 1 4   ? -16.215 -5.403  -4.356  1.00 83.84  ? 4    TRP A O   1 
ATOM   30   C CB  . TRP A 1 4   ? -13.609 -5.455  -5.827  1.00 85.34  ? 4    TRP A CB  1 
ATOM   31   C CG  . TRP A 1 4   ? -12.499 -5.755  -6.768  1.00 85.13  ? 4    TRP A CG  1 
ATOM   32   C CD1 . TRP A 1 4   ? -12.073 -6.996  -7.194  1.00 83.71  ? 4    TRP A CD1 1 
ATOM   33   C CD2 . TRP A 1 4   ? -11.615 -4.795  -7.374  1.00 84.92  ? 4    TRP A CD2 1 
ATOM   34   N NE1 . TRP A 1 4   ? -10.994 -6.855  -8.039  1.00 83.39  ? 4    TRP A NE1 1 
ATOM   35   C CE2 . TRP A 1 4   ? -10.690 -5.520  -8.167  1.00 82.79  ? 4    TRP A CE2 1 
ATOM   36   C CE3 . TRP A 1 4   ? -11.536 -3.390  -7.350  1.00 84.83  ? 4    TRP A CE3 1 
ATOM   37   C CZ2 . TRP A 1 4   ? -9.693  -4.891  -8.911  1.00 81.45  ? 4    TRP A CZ2 1 
ATOM   38   C CZ3 . TRP A 1 4   ? -10.542 -2.773  -8.104  1.00 84.31  ? 4    TRP A CZ3 1 
ATOM   39   C CH2 . TRP A 1 4   ? -9.630  -3.533  -8.867  1.00 82.54  ? 4    TRP A CH2 1 
ATOM   40   N N   . LYS A 1 5   ? -15.120 -7.071  -3.239  1.00 83.98  ? 5    LYS A N   1 
ATOM   41   C CA  . LYS A 1 5   ? -15.811 -6.860  -1.935  1.00 83.53  ? 5    LYS A CA  1 
ATOM   42   C C   . LYS A 1 5   ? -15.686 -5.451  -1.355  1.00 82.04  ? 5    LYS A C   1 
ATOM   43   O O   . LYS A 1 5   ? -16.624 -4.974  -0.758  1.00 83.05  ? 5    LYS A O   1 
ATOM   44   C CB  . LYS A 1 5   ? -15.445 -7.909  -0.850  1.00 83.97  ? 5    LYS A CB  1 
ATOM   45   C CG  . LYS A 1 5   ? -16.446 -9.118  -0.728  1.00 85.58  ? 5    LYS A CG  1 
ATOM   46   C CD  . LYS A 1 5   ? -16.080 -10.377 -1.640  1.00 86.12  ? 5    LYS A CD  1 
ATOM   47   C CE  . LYS A 1 5   ? -14.998 -11.308 -1.004  1.00 83.75  ? 5    LYS A CE  1 
ATOM   48   N NZ  . LYS A 1 5   ? -13.776 -10.562 -0.452  1.00 78.22  ? 5    LYS A NZ  1 
ATOM   49   N N   . THR A 1 6   ? -14.538 -4.801  -1.497  1.00 79.71  ? 6    THR A N   1 
ATOM   50   C CA  . THR A 1 6   ? -14.416 -3.378  -1.152  1.00 77.57  ? 6    THR A CA  1 
ATOM   51   C C   . THR A 1 6   ? -13.689 -2.674  -2.312  1.00 75.49  ? 6    THR A C   1 
ATOM   52   O O   . THR A 1 6   ? -12.987 -3.327  -3.067  1.00 73.64  ? 6    THR A O   1 
ATOM   53   C CB  . THR A 1 6   ? -13.711 -3.145  0.247   1.00 78.43  ? 6    THR A CB  1 
ATOM   54   O OG1 . THR A 1 6   ? -12.304 -3.307  0.107   1.00 77.36  ? 6    THR A OG1 1 
ATOM   55   C CG2 . THR A 1 6   ? -14.232 -4.108  1.382   1.00 77.79  ? 6    THR A CG2 1 
ATOM   56   N N   . SER A 1 7   ? -13.884 -1.369  -2.497  1.00 74.00  ? 7    SER A N   1 
ATOM   57   C CA  . SER A 1 7   ? -13.316 -0.715  -3.686  1.00 73.17  ? 7    SER A CA  1 
ATOM   58   C C   . SER A 1 7   ? -11.876 -0.224  -3.444  1.00 72.92  ? 7    SER A C   1 
ATOM   59   O O   . SER A 1 7   ? -11.535 0.194   -2.327  1.00 73.08  ? 7    SER A O   1 
ATOM   60   C CB  . SER A 1 7   ? -14.175 0.442   -4.123  1.00 72.53  ? 7    SER A CB  1 
ATOM   61   O OG  . SER A 1 7   ? -14.155 1.436   -3.111  1.00 73.62  ? 7    SER A OG  1 
ATOM   62   N N   . ALA A 1 8   ? -11.032 -0.274  -4.482  1.00 71.87  ? 8    ALA A N   1 
ATOM   63   C CA  . ALA A 1 8   ? -9.690  0.327   -4.401  1.00 71.07  ? 8    ALA A CA  1 
ATOM   64   C C   . ALA A 1 8   ? -9.717  1.765   -3.866  1.00 70.86  ? 8    ALA A C   1 
ATOM   65   O O   . ALA A 1 8   ? -8.846  2.156   -3.078  1.00 70.12  ? 8    ALA A O   1 
ATOM   66   C CB  . ALA A 1 8   ? -9.029  0.312   -5.723  1.00 70.77  ? 8    ALA A CB  1 
ATOM   67   N N   . GLU A 1 9   ? -10.714 2.548   -4.300  1.00 70.59  ? 9    GLU A N   1 
ATOM   68   C CA  . GLU A 1 9   ? -10.875 3.887   -3.765  1.00 70.03  ? 9    GLU A CA  1 
ATOM   69   C C   . GLU A 1 9   ? -10.817 3.827   -2.236  1.00 68.30  ? 9    GLU A C   1 
ATOM   70   O O   . GLU A 1 9   ? -10.008 4.546   -1.623  1.00 68.20  ? 9    GLU A O   1 
ATOM   71   C CB  . GLU A 1 9   ? -12.163 4.542   -4.269  1.00 70.24  ? 9    GLU A CB  1 
ATOM   72   C CG  . GLU A 1 9   ? -12.173 6.087   -4.168  1.00 70.70  ? 9    GLU A CG  1 
ATOM   73   C CD  . GLU A 1 9   ? -13.357 6.744   -4.942  1.00 73.35  ? 9    GLU A CD  1 
ATOM   74   O OE1 . GLU A 1 9   ? -14.075 6.060   -5.729  1.00 76.45  ? 9    GLU A OE1 1 
ATOM   75   O OE2 . GLU A 1 9   ? -13.581 7.963   -4.768  1.00 79.01  ? 9    GLU A OE2 1 
ATOM   76   N N   . SER A 1 10  ? -11.624 2.949   -1.629  1.00 66.31  ? 10   SER A N   1 
ATOM   77   C CA  . SER A 1 10  ? -11.830 2.998   -0.178  1.00 65.16  ? 10   SER A CA  1 
ATOM   78   C C   . SER A 1 10  ? -10.596 2.690   0.631   1.00 64.28  ? 10   SER A C   1 
ATOM   79   O O   . SER A 1 10  ? -10.430 3.255   1.702   1.00 63.73  ? 10   SER A O   1 
ATOM   80   C CB  . SER A 1 10  ? -12.916 2.050   0.256   1.00 65.00  ? 10   SER A CB  1 
ATOM   81   O OG  . SER A 1 10  ? -12.451 0.733   0.151   1.00 67.26  ? 10   SER A OG  1 
ATOM   82   N N   . ILE A 1 11  ? -9.758  1.782   0.122   1.00 63.11  ? 11   ILE A N   1 
ATOM   83   C CA  . ILE A 1 11  ? -8.500  1.467   0.737   1.00 62.29  ? 11   ILE A CA  1 
ATOM   84   C C   . ILE A 1 11  ? -7.648  2.727   0.761   1.00 62.55  ? 11   ILE A C   1 
ATOM   85   O O   . ILE A 1 11  ? -6.999  3.028   1.782   1.00 62.60  ? 11   ILE A O   1 
ATOM   86   C CB  . ILE A 1 11  ? -7.678  0.428   -0.079  1.00 62.69  ? 11   ILE A CB  1 
ATOM   87   C CG1 . ILE A 1 11  ? -8.332  -0.975  -0.170  1.00 62.52  ? 11   ILE A CG1 1 
ATOM   88   C CG2 . ILE A 1 11  ? -6.204  0.368   0.399   1.00 61.18  ? 11   ILE A CG2 1 
ATOM   89   C CD1 . ILE A 1 11  ? -8.604  -1.690  1.114   1.00 59.07  ? 11   ILE A CD1 1 
ATOM   90   N N   . LEU A 1 12  ? -7.630  3.448   -0.352  1.00 61.84  ? 12   LEU A N   1 
ATOM   91   C CA  . LEU A 1 12  ? -6.640  4.483   -0.506  1.00 62.43  ? 12   LEU A CA  1 
ATOM   92   C C   . LEU A 1 12  ? -7.086  5.729   0.182   1.00 63.03  ? 12   LEU A C   1 
ATOM   93   O O   . LEU A 1 12  ? -6.268  6.583   0.520   1.00 64.31  ? 12   LEU A O   1 
ATOM   94   C CB  . LEU A 1 12  ? -6.343  4.804   -1.958  1.00 62.24  ? 12   LEU A CB  1 
ATOM   95   C CG  . LEU A 1 12  ? -5.495  3.872   -2.795  1.00 62.58  ? 12   LEU A CG  1 
ATOM   96   C CD1 . LEU A 1 12  ? -4.949  4.689   -3.934  1.00 63.04  ? 12   LEU A CD1 1 
ATOM   97   C CD2 . LEU A 1 12  ? -4.294  3.245   -2.007  1.00 64.99  ? 12   LEU A CD2 1 
ATOM   98   N N   . THR A 1 13  ? -8.377  5.860   0.400   1.00 63.10  ? 13   THR A N   1 
ATOM   99   C CA  . THR A 1 13  ? -8.861  7.042   1.135   1.00 63.81  ? 13   THR A CA  1 
ATOM   100  C C   . THR A 1 13  ? -9.050  6.819   2.636   1.00 63.59  ? 13   THR A C   1 
ATOM   101  O O   . THR A 1 13  ? -9.648  7.663   3.296   1.00 63.82  ? 13   THR A O   1 
ATOM   102  C CB  . THR A 1 13  ? -10.239 7.546   0.579   1.00 64.07  ? 13   THR A CB  1 
ATOM   103  O OG1 . THR A 1 13  ? -11.162 6.441   0.497   1.00 66.75  ? 13   THR A OG1 1 
ATOM   104  C CG2 . THR A 1 13  ? -10.099 8.154   -0.781  1.00 63.15  ? 13   THR A CG2 1 
ATOM   105  N N   . THR A 1 14  ? -8.607  5.677   3.178   1.00 63.78  ? 14   THR A N   1 
ATOM   106  C CA  . THR A 1 14  ? -8.822  5.402   4.607   1.00 63.00  ? 14   THR A CA  1 
ATOM   107  C C   . THR A 1 14  ? -7.982  6.311   5.470   1.00 62.53  ? 14   THR A C   1 
ATOM   108  O O   . THR A 1 14  ? -8.485  6.855   6.445   1.00 63.22  ? 14   THR A O   1 
ATOM   109  C CB  . THR A 1 14  ? -8.590  3.958   4.979   1.00 63.44  ? 14   THR A CB  1 
ATOM   110  O OG1 . THR A 1 14  ? -9.363  3.118   4.111   1.00 63.66  ? 14   THR A OG1 1 
ATOM   111  C CG2 . THR A 1 14  ? -8.970  3.708   6.472   1.00 61.28  ? 14   THR A CG2 1 
ATOM   112  N N   . GLY A 1 15  ? -6.731  6.498   5.085   1.00 61.43  ? 15   GLY A N   1 
ATOM   113  C CA  . GLY A 1 15  ? -5.904  7.551   5.658   1.00 61.29  ? 15   GLY A CA  1 
ATOM   114  C C   . GLY A 1 15  ? -4.802  8.004   4.691   1.00 61.53  ? 15   GLY A C   1 
ATOM   115  O O   . GLY A 1 15  ? -4.717  7.535   3.524   1.00 60.94  ? 15   GLY A O   1 
ATOM   116  N N   . PRO A 1 16  ? -3.971  8.966   5.139   1.00 61.33  ? 16   PRO A N   1 
ATOM   117  C CA  . PRO A 1 16  ? -2.806  9.487   4.381   1.00 61.55  ? 16   PRO A CA  1 
ATOM   118  C C   . PRO A 1 16  ? -1.578  8.580   4.191   1.00 61.24  ? 16   PRO A C   1 
ATOM   119  O O   . PRO A 1 16  ? -0.763  8.781   3.290   1.00 62.39  ? 16   PRO A O   1 
ATOM   120  C CB  . PRO A 1 16  ? -2.426  10.772  5.177   1.00 61.21  ? 16   PRO A CB  1 
ATOM   121  C CG  . PRO A 1 16  ? -2.986  10.590  6.523   1.00 60.12  ? 16   PRO A CG  1 
ATOM   122  C CD  . PRO A 1 16  ? -4.214  9.738   6.373   1.00 61.11  ? 16   PRO A CD  1 
ATOM   123  N N   . VAL A 1 17  ? -1.393  7.641   5.076   1.00 61.18  ? 17   VAL A N   1 
ATOM   124  C CA  . VAL A 1 17  ? -0.169  6.895   5.033   1.00 61.65  ? 17   VAL A CA  1 
ATOM   125  C C   . VAL A 1 17  ? -0.564  5.467   5.090   1.00 61.70  ? 17   VAL A C   1 
ATOM   126  O O   . VAL A 1 17  ? -1.522  5.108   5.812   1.00 62.15  ? 17   VAL A O   1 
ATOM   127  C CB  . VAL A 1 17  ? 0.746   7.198   6.241   1.00 62.38  ? 17   VAL A CB  1 
ATOM   128  C CG1 . VAL A 1 17  ? 2.111   6.729   5.955   1.00 63.10  ? 17   VAL A CG1 1 
ATOM   129  C CG2 . VAL A 1 17  ? 0.832   8.689   6.524   1.00 62.30  ? 17   VAL A CG2 1 
ATOM   130  N N   . VAL A 1 18  ? 0.115   4.683   4.264   1.00 61.63  ? 18   VAL A N   1 
ATOM   131  C CA  . VAL A 1 18  ? 0.022   3.254   4.244   1.00 61.82  ? 18   VAL A CA  1 
ATOM   132  C C   . VAL A 1 18  ? 1.441   2.837   4.491   1.00 62.71  ? 18   VAL A C   1 
ATOM   133  O O   . VAL A 1 18  ? 2.337   3.183   3.727   1.00 63.52  ? 18   VAL A O   1 
ATOM   134  C CB  . VAL A 1 18  ? -0.376  2.770   2.868   1.00 61.78  ? 18   VAL A CB  1 
ATOM   135  C CG1 . VAL A 1 18  ? -0.217  1.297   2.771   1.00 62.26  ? 18   VAL A CG1 1 
ATOM   136  C CG2 . VAL A 1 18  ? -1.835  3.140   2.569   1.00 62.72  ? 18   VAL A CG2 1 
ATOM   137  N N   . PRO A 1 19  ? 1.685   2.139   5.591   1.00 63.61  ? 19   PRO A N   1 
ATOM   138  C CA  . PRO A 1 19  ? 3.031   1.627   5.912   1.00 64.27  ? 19   PRO A CA  1 
ATOM   139  C C   . PRO A 1 19  ? 3.443   0.512   5.000   1.00 64.51  ? 19   PRO A C   1 
ATOM   140  O O   . PRO A 1 19  ? 2.610   -0.326  4.669   1.00 64.29  ? 19   PRO A O   1 
ATOM   141  C CB  . PRO A 1 19  ? 2.859   1.035   7.298   1.00 63.86  ? 19   PRO A CB  1 
ATOM   142  C CG  . PRO A 1 19  ? 1.410   0.680   7.321   1.00 64.56  ? 19   PRO A CG  1 
ATOM   143  C CD  . PRO A 1 19  ? 0.716   1.809   6.638   1.00 63.59  ? 19   PRO A CD  1 
ATOM   144  N N   . VAL A 1 20  ? 4.722   0.498   4.624   1.00 65.30  ? 20   VAL A N   1 
ATOM   145  C CA  . VAL A 1 20  ? 5.258   -0.544  3.730   1.00 65.69  ? 20   VAL A CA  1 
ATOM   146  C C   . VAL A 1 20  ? 6.087   -1.473  4.598   1.00 65.32  ? 20   VAL A C   1 
ATOM   147  O O   . VAL A 1 20  ? 7.195   -1.103  4.977   1.00 66.19  ? 20   VAL A O   1 
ATOM   148  C CB  . VAL A 1 20  ? 6.045   0.085   2.520   1.00 65.42  ? 20   VAL A CB  1 
ATOM   149  C CG1 . VAL A 1 20  ? 6.665   -0.961  1.618   1.00 62.28  ? 20   VAL A CG1 1 
ATOM   150  C CG2 . VAL A 1 20  ? 5.062   0.896   1.715   1.00 65.85  ? 20   VAL A CG2 1 
ATOM   151  N N   . ILE A 1 21  ? 5.549   -2.654  4.896   1.00 63.87  ? 21   ILE A N   1 
ATOM   152  C CA  . ILE A 1 21  ? 6.075   -3.483  5.973   1.00 64.42  ? 21   ILE A CA  1 
ATOM   153  C C   . ILE A 1 21  ? 6.893   -4.676  5.508   1.00 64.75  ? 21   ILE A C   1 
ATOM   154  O O   . ILE A 1 21  ? 6.468   -5.425  4.614   1.00 66.59  ? 21   ILE A O   1 
ATOM   155  C CB  . ILE A 1 21  ? 4.915   -4.027  6.824   1.00 64.18  ? 21   ILE A CB  1 
ATOM   156  C CG1 . ILE A 1 21  ? 4.039   -2.877  7.293   1.00 66.04  ? 21   ILE A CG1 1 
ATOM   157  C CG2 . ILE A 1 21  ? 5.395   -4.611  8.069   1.00 63.70  ? 21   ILE A CG2 1 
ATOM   158  C CD1 . ILE A 1 21  ? 2.573   -3.242  7.535   1.00 65.83  ? 21   ILE A CD1 1 
ATOM   159  N N   . VAL A 1 22  ? 8.050   -4.872  6.118   1.00 63.92  ? 22   VAL A N   1 
ATOM   160  C CA  . VAL A 1 22  ? 8.845   -6.059  5.875   1.00 63.69  ? 22   VAL A CA  1 
ATOM   161  C C   . VAL A 1 22  ? 8.973   -6.719  7.217   1.00 64.15  ? 22   VAL A C   1 
ATOM   162  O O   . VAL A 1 22  ? 9.677   -6.239  8.062   1.00 64.83  ? 22   VAL A O   1 
ATOM   163  C CB  . VAL A 1 22  ? 10.241  -5.680  5.331   1.00 63.60  ? 22   VAL A CB  1 
ATOM   164  C CG1 . VAL A 1 22  ? 11.132  -6.882  5.091   1.00 63.35  ? 22   VAL A CG1 1 
ATOM   165  C CG2 . VAL A 1 22  ? 10.121  -4.852  4.074   1.00 62.45  ? 22   VAL A CG2 1 
ATOM   166  N N   . VAL A 1 23  ? 8.243   -7.799  7.437   1.00 65.48  ? 23   VAL A N   1 
ATOM   167  C CA  . VAL A 1 23  ? 8.238   -8.464  8.740   1.00 66.08  ? 23   VAL A CA  1 
ATOM   168  C C   . VAL A 1 23  ? 9.052   -9.752  8.623   1.00 66.55  ? 23   VAL A C   1 
ATOM   169  O O   . VAL A 1 23  ? 8.751   -10.631 7.809   1.00 66.02  ? 23   VAL A O   1 
ATOM   170  C CB  . VAL A 1 23  ? 6.781   -8.700  9.310   1.00 65.75  ? 23   VAL A CB  1 
ATOM   171  C CG1 . VAL A 1 23  ? 6.021   -9.656  8.477   1.00 65.84  ? 23   VAL A CG1 1 
ATOM   172  C CG2 . VAL A 1 23  ? 6.820   -9.255  10.704  1.00 65.93  ? 23   VAL A CG2 1 
ATOM   173  N N   . LYS A 1 24  ? 10.089  -9.837  9.440   1.00 67.59  ? 24   LYS A N   1 
ATOM   174  C CA  . LYS A 1 24  ? 10.997  -10.950 9.356   1.00 69.73  ? 24   LYS A CA  1 
ATOM   175  C C   . LYS A 1 24  ? 10.562  -12.130 10.265  1.00 70.59  ? 24   LYS A C   1 
ATOM   176  O O   . LYS A 1 24  ? 10.565  -13.321 9.801   1.00 70.04  ? 24   LYS A O   1 
ATOM   177  C CB  . LYS A 1 24  ? 12.437  -10.487 9.595   1.00 69.38  ? 24   LYS A CB  1 
ATOM   178  C CG  . LYS A 1 24  ? 13.137  -10.003 8.299   1.00 70.79  ? 24   LYS A CG  1 
ATOM   179  C CD  . LYS A 1 24  ? 14.647  -9.927  8.407   1.00 72.14  ? 24   LYS A CD  1 
ATOM   180  C CE  . LYS A 1 24  ? 15.211  -8.837  7.461   1.00 78.49  ? 24   LYS A CE  1 
ATOM   181  N NZ  . LYS A 1 24  ? 16.733  -8.742  7.550   1.00 79.91  ? 24   LYS A NZ  1 
ATOM   182  N N   . LYS A 1 25  ? 10.140  -11.798 11.507  1.00 70.64  ? 25   LYS A N   1 
ATOM   183  C CA  . LYS A 1 25  ? 9.666   -12.819 12.460  1.00 70.87  ? 25   LYS A CA  1 
ATOM   184  C C   . LYS A 1 25  ? 8.138   -12.858 12.658  1.00 70.34  ? 25   LYS A C   1 
ATOM   185  O O   . LYS A 1 25  ? 7.510   -11.859 12.969  1.00 69.70  ? 25   LYS A O   1 
ATOM   186  C CB  . LYS A 1 25  ? 10.427  -12.713 13.792  1.00 71.12  ? 25   LYS A CB  1 
ATOM   187  C CG  . LYS A 1 25  ? 11.923  -13.212 13.734  1.00 73.68  ? 25   LYS A CG  1 
ATOM   188  C CD  . LYS A 1 25  ? 12.116  -14.641 14.357  1.00 78.93  ? 25   LYS A CD  1 
ATOM   189  C CE  . LYS A 1 25  ? 11.397  -15.792 13.538  1.00 82.21  ? 25   LYS A CE  1 
ATOM   190  N NZ  . LYS A 1 25  ? 12.330  -16.747 12.796  1.00 82.82  ? 25   LYS A NZ  1 
ATOM   191  N N   . LEU A 1 26  ? 7.556   -14.037 12.475  1.00 70.53  ? 26   LEU A N   1 
ATOM   192  C CA  . LEU A 1 26  ? 6.113   -14.210 12.546  1.00 70.28  ? 26   LEU A CA  1 
ATOM   193  C C   . LEU A 1 26  ? 5.466   -13.616 13.819  1.00 71.81  ? 26   LEU A C   1 
ATOM   194  O O   . LEU A 1 26  ? 4.389   -12.986 13.772  1.00 70.88  ? 26   LEU A O   1 
ATOM   195  C CB  . LEU A 1 26  ? 5.757   -15.699 12.353  1.00 69.75  ? 26   LEU A CB  1 
ATOM   196  C CG  . LEU A 1 26  ? 4.257   -16.055 12.340  1.00 66.20  ? 26   LEU A CG  1 
ATOM   197  C CD1 . LEU A 1 26  ? 3.405   -15.093 11.510  1.00 63.20  ? 26   LEU A CD1 1 
ATOM   198  C CD2 . LEU A 1 26  ? 4.104   -17.394 11.776  1.00 64.15  ? 26   LEU A CD2 1 
ATOM   199  N N   . GLU A 1 27  ? 6.130   -13.794 14.958  1.00 74.20  ? 27   GLU A N   1 
ATOM   200  C CA  . GLU A 1 27  ? 5.553   -13.382 16.258  1.00 77.04  ? 27   GLU A CA  1 
ATOM   201  C C   . GLU A 1 27  ? 5.376   -11.864 16.464  1.00 76.95  ? 27   GLU A C   1 
ATOM   202  O O   . GLU A 1 27  ? 4.644   -11.418 17.365  1.00 76.20  ? 27   GLU A O   1 
ATOM   203  C CB  . GLU A 1 27  ? 6.330   -14.011 17.429  1.00 78.29  ? 27   GLU A CB  1 
ATOM   204  C CG  . GLU A 1 27  ? 5.720   -15.422 17.914  1.00 85.33  ? 27   GLU A CG  1 
ATOM   205  C CD  . GLU A 1 27  ? 5.616   -16.543 16.778  1.00 92.09  ? 27   GLU A CD  1 
ATOM   206  O OE1 . GLU A 1 27  ? 6.442   -16.526 15.785  1.00 94.92  ? 27   GLU A OE1 1 
ATOM   207  O OE2 . GLU A 1 27  ? 4.710   -17.438 16.897  1.00 91.90  ? 27   GLU A OE2 1 
ATOM   208  N N   . HIS A 1 28  ? 6.050   -11.093 15.614  1.00 76.63  ? 28   HIS A N   1 
ATOM   209  C CA  . HIS A 1 28  ? 5.957   -9.668  15.644  1.00 76.41  ? 28   HIS A CA  1 
ATOM   210  C C   . HIS A 1 28  ? 4.755   -9.107  14.875  1.00 76.07  ? 28   HIS A C   1 
ATOM   211  O O   . HIS A 1 28  ? 4.322   -7.975  15.166  1.00 77.28  ? 28   HIS A O   1 
ATOM   212  C CB  . HIS A 1 28  ? 7.236   -9.074  15.093  1.00 76.89  ? 28   HIS A CB  1 
ATOM   213  C CG  . HIS A 1 28  ? 8.455   -9.416  15.897  1.00 78.57  ? 28   HIS A CG  1 
ATOM   214  N ND1 . HIS A 1 28  ? 9.708   -9.569  15.325  1.00 78.46  ? 28   HIS A ND1 1 
ATOM   215  C CD2 . HIS A 1 28  ? 8.615   -9.627  17.229  1.00 78.00  ? 28   HIS A CD2 1 
ATOM   216  C CE1 . HIS A 1 28  ? 10.584  -9.856  16.275  1.00 77.93  ? 28   HIS A CE1 1 
ATOM   217  N NE2 . HIS A 1 28  ? 9.947   -9.905  17.435  1.00 77.60  ? 28   HIS A NE2 1 
ATOM   218  N N   . ALA A 1 29  ? 4.202   -9.854  13.910  1.00 74.50  ? 29   ALA A N   1 
ATOM   219  C CA  . ALA A 1 29  ? 3.184   -9.291  12.999  1.00 72.32  ? 29   ALA A CA  1 
ATOM   220  C C   . ALA A 1 29  ? 2.045   -8.692  13.804  1.00 71.88  ? 29   ALA A C   1 
ATOM   221  O O   . ALA A 1 29  ? 1.761   -7.492  13.697  1.00 72.84  ? 29   ALA A O   1 
ATOM   222  C CB  . ALA A 1 29  ? 2.666   -10.336 12.073  1.00 71.76  ? 29   ALA A CB  1 
ATOM   223  N N   . VAL A 1 30  ? 1.432   -9.511  14.657  1.00 70.50  ? 30   VAL A N   1 
ATOM   224  C CA  . VAL A 1 30  ? 0.191   -9.133  15.290  1.00 69.39  ? 30   VAL A CA  1 
ATOM   225  C C   . VAL A 1 30  ? 0.368   -7.854  16.148  1.00 69.88  ? 30   VAL A C   1 
ATOM   226  O O   . VAL A 1 30  ? -0.261  -6.820  15.852  1.00 70.89  ? 30   VAL A O   1 
ATOM   227  C CB  . VAL A 1 30  ? -0.468  -10.342 16.025  1.00 69.39  ? 30   VAL A CB  1 
ATOM   228  C CG1 . VAL A 1 30  ? -1.825  -9.977  16.565  1.00 65.59  ? 30   VAL A CG1 1 
ATOM   229  C CG2 . VAL A 1 30  ? -0.582  -11.553 15.073  1.00 69.27  ? 30   VAL A CG2 1 
ATOM   230  N N   . PRO A 1 31  ? 1.279   -7.876  17.152  1.00 69.08  ? 31   PRO A N   1 
ATOM   231  C CA  . PRO A 1 31  ? 1.470   -6.660  17.982  1.00 68.22  ? 31   PRO A CA  1 
ATOM   232  C C   . PRO A 1 31  ? 1.829   -5.424  17.155  1.00 67.68  ? 31   PRO A C   1 
ATOM   233  O O   . PRO A 1 31  ? 1.379   -4.325  17.464  1.00 68.11  ? 31   PRO A O   1 
ATOM   234  C CB  . PRO A 1 31  ? 2.663   -7.016  18.837  1.00 68.40  ? 31   PRO A CB  1 
ATOM   235  C CG  . PRO A 1 31  ? 2.821   -8.493  18.732  1.00 67.57  ? 31   PRO A CG  1 
ATOM   236  C CD  . PRO A 1 31  ? 2.190   -8.974  17.524  1.00 68.19  ? 31   PRO A CD  1 
ATOM   237  N N   . MET A 1 32  ? 2.627   -5.628  16.100  1.00 66.75  ? 32   MET A N   1 
ATOM   238  C CA  . MET A 1 32  ? 3.008   -4.562  15.185  1.00 65.84  ? 32   MET A CA  1 
ATOM   239  C C   . MET A 1 32  ? 1.816   -3.879  14.606  1.00 65.47  ? 32   MET A C   1 
ATOM   240  O O   . MET A 1 32  ? 1.673   -2.655  14.669  1.00 65.03  ? 32   MET A O   1 
ATOM   241  C CB  . MET A 1 32  ? 3.803   -5.092  14.027  1.00 65.19  ? 32   MET A CB  1 
ATOM   242  C CG  . MET A 1 32  ? 3.998   -4.012  12.991  1.00 64.89  ? 32   MET A CG  1 
ATOM   243  S SD  . MET A 1 32  ? 4.183   -4.659  11.323  1.00 66.43  ? 32   MET A SD  1 
ATOM   244  C CE  . MET A 1 32  ? 2.583   -5.438  11.089  1.00 65.34  ? 32   MET A CE  1 
ATOM   245  N N   . ALA A 1 33  ? 0.962   -4.701  14.037  1.00 64.89  ? 33   ALA A N   1 
ATOM   246  C CA  . ALA A 1 33  ? -0.281  -4.230  13.556  1.00 65.53  ? 33   ALA A CA  1 
ATOM   247  C C   . ALA A 1 33  ? -1.051  -3.382  14.601  1.00 66.24  ? 33   ALA A C   1 
ATOM   248  O O   . ALA A 1 33  ? -1.560  -2.264  14.256  1.00 66.79  ? 33   ALA A O   1 
ATOM   249  C CB  . ALA A 1 33  ? -1.098  -5.400  13.126  1.00 65.52  ? 33   ALA A CB  1 
ATOM   250  N N   . LYS A 1 34  ? -1.138  -3.889  15.850  1.00 64.98  ? 34   LYS A N   1 
ATOM   251  C CA  . LYS A 1 34  ? -1.995  -3.265  16.867  1.00 64.68  ? 34   LYS A CA  1 
ATOM   252  C C   . LYS A 1 34  ? -1.426  -1.930  17.246  1.00 63.71  ? 34   LYS A C   1 
ATOM   253  O O   . LYS A 1 34  ? -2.199  -0.985  17.530  1.00 63.30  ? 34   LYS A O   1 
ATOM   254  C CB  . LYS A 1 34  ? -2.161  -4.149  18.097  1.00 64.13  ? 34   LYS A CB  1 
ATOM   255  C CG  . LYS A 1 34  ? -2.242  -5.645  17.692  1.00 67.28  ? 34   LYS A CG  1 
ATOM   256  C CD  . LYS A 1 34  ? -2.623  -6.648  18.792  1.00 67.14  ? 34   LYS A CD  1 
ATOM   257  C CE  . LYS A 1 34  ? -4.146  -6.730  18.997  1.00 70.66  ? 34   LYS A CE  1 
ATOM   258  N NZ  . LYS A 1 34  ? -4.360  -7.388  20.319  1.00 73.89  ? 34   LYS A NZ  1 
ATOM   259  N N   . ALA A 1 35  ? -0.082  -1.856  17.204  1.00 62.17  ? 35   ALA A N   1 
ATOM   260  C CA  . ALA A 1 35  ? 0.644   -0.656  17.563  1.00 61.46  ? 35   ALA A CA  1 
ATOM   261  C C   . ALA A 1 35  ? 0.323   0.392   16.513  1.00 61.01  ? 35   ALA A C   1 
ATOM   262  O O   . ALA A 1 35  ? -0.133  1.477   16.815  1.00 60.30  ? 35   ALA A O   1 
ATOM   263  C CB  . ALA A 1 35  ? 2.110   -0.936  17.627  1.00 61.29  ? 35   ALA A CB  1 
ATOM   264  N N   . LEU A 1 36  ? 0.507   -0.004  15.267  1.00 61.28  ? 36   LEU A N   1 
ATOM   265  C CA  . LEU A 1 36  ? 0.043   0.717   14.098  1.00 61.13  ? 36   LEU A CA  1 
ATOM   266  C C   . LEU A 1 36  ? -1.338  1.275   14.233  1.00 61.11  ? 36   LEU A C   1 
ATOM   267  O O   . LEU A 1 36  ? -1.554  2.480   14.198  1.00 61.17  ? 36   LEU A O   1 
ATOM   268  C CB  . LEU A 1 36  ? 0.140   -0.193  12.881  1.00 61.37  ? 36   LEU A CB  1 
ATOM   269  C CG  . LEU A 1 36  ? 1.551   0.072   12.292  1.00 62.90  ? 36   LEU A CG  1 
ATOM   270  C CD1 . LEU A 1 36  ? 2.213   -1.027  11.480  1.00 61.96  ? 36   LEU A CD1 1 
ATOM   271  C CD2 . LEU A 1 36  ? 1.387   1.276   11.416  1.00 65.11  ? 36   LEU A CD2 1 
ATOM   272  N N   . VAL A 1 37  ? -2.288  0.384   14.410  1.00 62.02  ? 37   VAL A N   1 
ATOM   273  C CA  . VAL A 1 37  ? -3.679  0.781   14.652  1.00 61.30  ? 37   VAL A CA  1 
ATOM   274  C C   . VAL A 1 37  ? -3.816  1.731   15.796  1.00 61.35  ? 37   VAL A C   1 
ATOM   275  O O   . VAL A 1 37  ? -4.359  2.800   15.623  1.00 61.36  ? 37   VAL A O   1 
ATOM   276  C CB  . VAL A 1 37  ? -4.499  -0.423  14.984  1.00 61.24  ? 37   VAL A CB  1 
ATOM   277  C CG1 . VAL A 1 37  ? -5.885  0.015   15.536  1.00 58.79  ? 37   VAL A CG1 1 
ATOM   278  C CG2 . VAL A 1 37  ? -4.554  -1.307  13.727  1.00 59.57  ? 37   VAL A CG2 1 
ATOM   279  N N   . ALA A 1 38  ? -3.316  1.321   16.965  1.00 61.83  ? 38   ALA A N   1 
ATOM   280  C CA  . ALA A 1 38  ? -3.382  2.148   18.172  1.00 61.72  ? 38   ALA A CA  1 
ATOM   281  C C   . ALA A 1 38  ? -2.902  3.546   17.838  1.00 61.26  ? 38   ALA A C   1 
ATOM   282  O O   . ALA A 1 38  ? -3.393  4.500   18.376  1.00 60.83  ? 38   ALA A O   1 
ATOM   283  C CB  . ALA A 1 38  ? -2.538  1.555   19.277  1.00 61.79  ? 38   ALA A CB  1 
ATOM   284  N N   . GLY A 1 39  ? -1.954  3.657   16.923  1.00 61.19  ? 39   GLY A N   1 
ATOM   285  C CA  . GLY A 1 39  ? -1.440  4.961   16.508  1.00 61.52  ? 39   GLY A CA  1 
ATOM   286  C C   . GLY A 1 39  ? -2.165  5.600   15.327  1.00 61.76  ? 39   GLY A C   1 
ATOM   287  O O   . GLY A 1 39  ? -1.602  6.478   14.643  1.00 60.60  ? 39   GLY A O   1 
ATOM   288  N N   . GLY A 1 40  ? -3.402  5.150   15.116  1.00 62.01  ? 40   GLY A N   1 
ATOM   289  C CA  . GLY A 1 40  ? -4.300  5.685   14.121  1.00 63.68  ? 40   GLY A CA  1 
ATOM   290  C C   . GLY A 1 40  ? -4.041  5.233   12.686  1.00 64.88  ? 40   GLY A C   1 
ATOM   291  O O   . GLY A 1 40  ? -4.613  5.780   11.741  1.00 64.23  ? 40   GLY A O   1 
ATOM   292  N N   . VAL A 1 41  ? -3.168  4.251   12.489  1.00 66.05  ? 41   VAL A N   1 
ATOM   293  C CA  . VAL A 1 41  ? -2.911  3.774   11.104  1.00 66.71  ? 41   VAL A CA  1 
ATOM   294  C C   . VAL A 1 41  ? -3.484  2.363   10.860  1.00 67.60  ? 41   VAL A C   1 
ATOM   295  O O   . VAL A 1 41  ? -3.079  1.375   11.548  1.00 67.40  ? 41   VAL A O   1 
ATOM   296  C CB  . VAL A 1 41  ? -1.437  3.784   10.719  1.00 66.41  ? 41   VAL A CB  1 
ATOM   297  C CG1 . VAL A 1 41  ? -1.285  3.082   9.435   1.00 65.14  ? 41   VAL A CG1 1 
ATOM   298  C CG2 . VAL A 1 41  ? -0.912  5.196   10.610  1.00 65.89  ? 41   VAL A CG2 1 
ATOM   299  N N   . ARG A 1 42  ? -4.414  2.290   9.875   1.00 68.00  ? 42   ARG A N   1 
ATOM   300  C CA  . ARG A 1 42  ? -5.304  1.112   9.670   1.00 67.56  ? 42   ARG A CA  1 
ATOM   301  C C   . ARG A 1 42  ? -5.063  0.292   8.398   1.00 66.21  ? 42   ARG A C   1 
ATOM   302  O O   . ARG A 1 42  ? -5.406  -0.904  8.333   1.00 66.92  ? 42   ARG A O   1 
ATOM   303  C CB  . ARG A 1 42  ? -6.790  1.472   9.842   1.00 67.69  ? 42   ARG A CB  1 
ATOM   304  C CG  . ARG A 1 42  ? -7.097  2.192   11.185  1.00 72.65  ? 42   ARG A CG  1 
ATOM   305  C CD  . ARG A 1 42  ? -8.475  1.909   11.762  1.00 77.84  ? 42   ARG A CD  1 
ATOM   306  N NE  . ARG A 1 42  ? -9.515  2.404   10.851  1.00 82.16  ? 42   ARG A NE  1 
ATOM   307  C CZ  . ARG A 1 42  ? -10.165 1.662   9.939   1.00 82.38  ? 42   ARG A CZ  1 
ATOM   308  N NH1 . ARG A 1 42  ? -9.908  0.359   9.766   1.00 82.12  ? 42   ARG A NH1 1 
ATOM   309  N NH2 . ARG A 1 42  ? -11.092 2.230   9.184   1.00 82.58  ? 42   ARG A NH2 1 
ATOM   310  N N   . VAL A 1 43  ? -4.496  0.912   7.383   1.00 64.45  ? 43   VAL A N   1 
ATOM   311  C CA  . VAL A 1 43  ? -4.219  0.146   6.201   1.00 63.22  ? 43   VAL A CA  1 
ATOM   312  C C   . VAL A 1 43  ? -2.794  -0.332  6.261   1.00 63.19  ? 43   VAL A C   1 
ATOM   313  O O   . VAL A 1 43  ? -1.834  0.429   6.087   1.00 62.50  ? 43   VAL A O   1 
ATOM   314  C CB  . VAL A 1 43  ? -4.443  0.937   4.969   1.00 63.55  ? 43   VAL A CB  1 
ATOM   315  C CG1 . VAL A 1 43  ? -4.273  0.023   3.781   1.00 62.43  ? 43   VAL A CG1 1 
ATOM   316  C CG2 . VAL A 1 43  ? -5.824  1.636   5.026   1.00 61.83  ? 43   VAL A CG2 1 
ATOM   317  N N   . LEU A 1 44  ? -2.687  -1.619  6.517   1.00 63.43  ? 44   LEU A N   1 
ATOM   318  C CA  . LEU A 1 44  ? -1.417  -2.310  6.661   1.00 63.50  ? 44   LEU A CA  1 
ATOM   319  C C   . LEU A 1 44  ? -1.084  -2.984  5.352   1.00 63.21  ? 44   LEU A C   1 
ATOM   320  O O   . LEU A 1 44  ? -1.904  -3.669  4.764   1.00 64.08  ? 44   LEU A O   1 
ATOM   321  C CB  . LEU A 1 44  ? -1.485  -3.339  7.802   1.00 63.19  ? 44   LEU A CB  1 
ATOM   322  C CG  . LEU A 1 44  ? -1.845  -2.684  9.146   1.00 64.22  ? 44   LEU A CG  1 
ATOM   323  C CD1 . LEU A 1 44  ? -1.888  -3.687  10.279  1.00 62.23  ? 44   LEU A CD1 1 
ATOM   324  C CD2 . LEU A 1 44  ? -0.837  -1.585  9.471   1.00 65.28  ? 44   LEU A CD2 1 
ATOM   325  N N   . ASN A 1 45  ? 0.118   -2.758  4.875   1.00 62.96  ? 45   ASN A N   1 
ATOM   326  C CA  . ASN A 1 45  ? 0.569   -3.423  3.694   1.00 62.92  ? 45   ASN A CA  1 
ATOM   327  C C   . ASN A 1 45  ? 1.817   -4.321  3.961   1.00 62.30  ? 45   ASN A C   1 
ATOM   328  O O   . ASN A 1 45  ? 2.975   -3.826  4.052   1.00 63.14  ? 45   ASN A O   1 
ATOM   329  C CB  . ASN A 1 45  ? 0.778   -2.375  2.599   1.00 63.12  ? 45   ASN A CB  1 
ATOM   330  C CG  . ASN A 1 45  ? 1.504   -2.938  1.399   1.00 65.75  ? 45   ASN A CG  1 
ATOM   331  O OD1 . ASN A 1 45  ? 2.219   -3.945  1.496   1.00 67.34  ? 45   ASN A OD1 1 
ATOM   332  N ND2 . ASN A 1 45  ? 1.329   -2.304  0.257   1.00 70.29  ? 45   ASN A ND2 1 
ATOM   333  N N   . VAL A 1 46  ? 1.575   -5.629  4.106   1.00 60.98  ? 46   VAL A N   1 
ATOM   334  C CA  . VAL A 1 46  ? 2.643   -6.615  4.329   1.00 59.40  ? 46   VAL A CA  1 
ATOM   335  C C   . VAL A 1 46  ? 3.267   -7.058  2.992   1.00 59.32  ? 46   VAL A C   1 
ATOM   336  O O   . VAL A 1 46  ? 2.591   -7.650  2.126   1.00 58.31  ? 46   VAL A O   1 
ATOM   337  C CB  . VAL A 1 46  ? 2.089   -7.824  5.016   1.00 58.86  ? 46   VAL A CB  1 
ATOM   338  C CG1 . VAL A 1 46  ? 3.213   -8.826  5.325   1.00 60.04  ? 46   VAL A CG1 1 
ATOM   339  C CG2 . VAL A 1 46  ? 1.369   -7.404  6.271   1.00 57.80  ? 46   VAL A CG2 1 
ATOM   340  N N   . THR A 1 47  ? 4.551   -6.743  2.815   1.00 59.26  ? 47   THR A N   1 
ATOM   341  C CA  . THR A 1 47  ? 5.213   -7.007  1.523   1.00 58.81  ? 47   THR A CA  1 
ATOM   342  C C   . THR A 1 47  ? 5.561   -8.446  1.482   1.00 59.11  ? 47   THR A C   1 
ATOM   343  O O   . THR A 1 47  ? 5.996   -9.001  2.494   1.00 59.97  ? 47   THR A O   1 
ATOM   344  C CB  . THR A 1 47  ? 6.498   -6.154  1.285   1.00 58.09  ? 47   THR A CB  1 
ATOM   345  O OG1 . THR A 1 47  ? 7.441   -6.374  2.342   1.00 54.36  ? 47   THR A OG1 1 
ATOM   346  C CG2 . THR A 1 47  ? 6.128   -4.754  1.281   1.00 54.94  ? 47   THR A CG2 1 
ATOM   347  N N   . LEU A 1 48  ? 5.363   -9.049  0.325   1.00 59.78  ? 48   LEU A N   1 
ATOM   348  C CA  . LEU A 1 48  ? 5.682   -10.450 0.147   1.00 60.17  ? 48   LEU A CA  1 
ATOM   349  C C   . LEU A 1 48  ? 7.148   -10.526 -0.127  1.00 62.32  ? 48   LEU A C   1 
ATOM   350  O O   . LEU A 1 48  ? 7.527   -10.934 -1.259  1.00 63.12  ? 48   LEU A O   1 
ATOM   351  C CB  . LEU A 1 48  ? 5.000   -10.967 -1.090  1.00 58.71  ? 48   LEU A CB  1 
ATOM   352  C CG  . LEU A 1 48  ? 3.534   -11.287 -0.890  1.00 59.52  ? 48   LEU A CG  1 
ATOM   353  C CD1 . LEU A 1 48  ? 3.082   -12.147 -2.089  1.00 57.21  ? 48   LEU A CD1 1 
ATOM   354  C CD2 . LEU A 1 48  ? 3.250   -12.002 0.463   1.00 55.76  ? 48   LEU A CD2 1 
ATOM   355  N N   . ARG A 1 49  ? 7.978   -10.100 0.836   1.00 63.53  ? 49   ARG A N   1 
ATOM   356  C CA  . ARG A 1 49  ? 9.450   -10.081 0.641   1.00 65.42  ? 49   ARG A CA  1 
ATOM   357  C C   . ARG A 1 49  ? 10.117  -10.941 1.690   1.00 65.28  ? 49   ARG A C   1 
ATOM   358  O O   . ARG A 1 49  ? 11.338  -11.050 1.747   1.00 64.86  ? 49   ARG A O   1 
ATOM   359  C CB  . ARG A 1 49  ? 10.068  -8.661  0.679   1.00 65.51  ? 49   ARG A CB  1 
ATOM   360  C CG  . ARG A 1 49  ? 9.630   -7.690  -0.437  1.00 68.28  ? 49   ARG A CG  1 
ATOM   361  C CD  . ARG A 1 49  ? 10.040  -6.235  -0.170  1.00 67.67  ? 49   ARG A CD  1 
ATOM   362  N NE  . ARG A 1 49  ? 9.054   -5.331  -0.783  1.00 75.24  ? 49   ARG A NE  1 
ATOM   363  C CZ  . ARG A 1 49  ? 9.229   -4.047  -1.166  1.00 74.54  ? 49   ARG A CZ  1 
ATOM   364  N NH1 . ARG A 1 49  ? 10.396  -3.425  -1.044  1.00 75.53  ? 49   ARG A NH1 1 
ATOM   365  N NH2 . ARG A 1 49  ? 8.199   -3.379  -1.709  1.00 76.25  ? 49   ARG A NH2 1 
ATOM   366  N N   . THR A 1 50  ? 9.309   -11.531 2.544   1.00 66.27  ? 50   THR A N   1 
ATOM   367  C CA  . THR A 1 50  ? 9.877   -12.398 3.534   1.00 67.35  ? 50   THR A CA  1 
ATOM   368  C C   . THR A 1 50  ? 9.182   -13.707 3.526   1.00 69.07  ? 50   THR A C   1 
ATOM   369  O O   . THR A 1 50  ? 7.954   -13.828 3.284   1.00 69.91  ? 50   THR A O   1 
ATOM   370  C CB  . THR A 1 50  ? 9.981   -11.819 4.955   1.00 66.52  ? 50   THR A CB  1 
ATOM   371  O OG1 . THR A 1 50  ? 8.718   -11.320 5.413   1.00 66.32  ? 50   THR A OG1 1 
ATOM   372  C CG2 . THR A 1 50  ? 11.001  -10.709 4.954   1.00 66.03  ? 50   THR A CG2 1 
ATOM   373  N N   . GLU A 1 51  ? 10.068  -14.674 3.654   1.00 69.90  ? 51   GLU A N   1 
ATOM   374  C CA  . GLU A 1 51  ? 9.830   -16.031 3.964   1.00 70.76  ? 51   GLU A CA  1 
ATOM   375  C C   . GLU A 1 51  ? 8.438   -16.301 4.625   1.00 70.68  ? 51   GLU A C   1 
ATOM   376  O O   . GLU A 1 51  ? 7.846   -17.364 4.468   1.00 72.21  ? 51   GLU A O   1 
ATOM   377  C CB  . GLU A 1 51  ? 11.055  -16.468 4.847   1.00 72.04  ? 51   GLU A CB  1 
ATOM   378  C CG  . GLU A 1 51  ? 12.601  -15.858 4.474   1.00 74.60  ? 51   GLU A CG  1 
ATOM   379  C CD  . GLU A 1 51  ? 13.055  -14.472 5.138   1.00 74.45  ? 51   GLU A CD  1 
ATOM   380  O OE1 . GLU A 1 51  ? 12.307  -13.903 5.932   1.00 78.97  ? 51   GLU A OE1 1 
ATOM   381  O OE2 . GLU A 1 51  ? 14.160  -13.944 4.892   1.00 70.00  ? 51   GLU A OE2 1 
ATOM   382  N N   . CYS A 1 52  ? 7.877   -15.363 5.357   1.00 69.73  ? 52   CYS A N   1 
ATOM   383  C CA  . CYS A 1 52  ? 6.609   -15.674 5.984   1.00 69.50  ? 52   CYS A CA  1 
ATOM   384  C C   . CYS A 1 52  ? 5.699   -14.414 6.147   1.00 67.83  ? 52   CYS A C   1 
ATOM   385  O O   . CYS A 1 52  ? 4.893   -14.302 7.104   1.00 67.04  ? 52   CYS A O   1 
ATOM   386  C CB  . CYS A 1 52  ? 6.915   -16.250 7.324   1.00 70.17  ? 52   CYS A CB  1 
ATOM   387  S SG  . CYS A 1 52  ? 7.422   -14.844 8.275   1.00 78.33  ? 52   CYS A SG  1 
ATOM   388  N N   . ALA A 1 53  ? 5.842   -13.484 5.196   1.00 65.56  ? 53   ALA A N   1 
ATOM   389  C CA  . ALA A 1 53  ? 4.806   -12.523 4.886   1.00 63.14  ? 53   ALA A CA  1 
ATOM   390  C C   . ALA A 1 53  ? 3.431   -13.185 4.924   1.00 62.45  ? 53   ALA A C   1 
ATOM   391  O O   . ALA A 1 53  ? 2.635   -12.804 5.772   1.00 63.41  ? 53   ALA A O   1 
ATOM   392  C CB  . ALA A 1 53  ? 5.044   -11.940 3.593   1.00 62.97  ? 53   ALA A CB  1 
ATOM   393  N N   . VAL A 1 54  ? 3.140   -14.191 4.089   1.00 60.28  ? 54   VAL A N   1 
ATOM   394  C CA  . VAL A 1 54  ? 1.786   -14.776 4.089   1.00 58.67  ? 54   VAL A CA  1 
ATOM   395  C C   . VAL A 1 54  ? 1.261   -15.244 5.485   1.00 59.18  ? 54   VAL A C   1 
ATOM   396  O O   . VAL A 1 54  ? 0.122   -14.915 5.914   1.00 57.09  ? 54   VAL A O   1 
ATOM   397  C CB  . VAL A 1 54  ? 1.678   -15.883 3.131   1.00 58.19  ? 54   VAL A CB  1 
ATOM   398  C CG1 . VAL A 1 54  ? 0.219   -16.078 2.791   1.00 55.84  ? 54   VAL A CG1 1 
ATOM   399  C CG2 . VAL A 1 54  ? 2.466   -15.558 1.922   1.00 57.78  ? 54   VAL A CG2 1 
ATOM   400  N N   . ASP A 1 55  ? 2.112   -15.979 6.204   1.00 59.40  ? 55   ASP A N   1 
ATOM   401  C CA  . ASP A 1 55  ? 1.765   -16.326 7.572   1.00 59.79  ? 55   ASP A CA  1 
ATOM   402  C C   . ASP A 1 55  ? 1.368   -15.065 8.416   1.00 60.18  ? 55   ASP A C   1 
ATOM   403  O O   . ASP A 1 55  ? 0.357   -15.076 9.184   1.00 60.32  ? 55   ASP A O   1 
ATOM   404  C CB  . ASP A 1 55  ? 2.862   -17.181 8.208   1.00 59.26  ? 55   ASP A CB  1 
ATOM   405  C CG  . ASP A 1 55  ? 2.945   -18.555 7.593   1.00 57.35  ? 55   ASP A CG  1 
ATOM   406  O OD1 . ASP A 1 55  ? 2.061   -18.932 6.827   0.50 55.81  ? 55   ASP A OD1 1 
ATOM   407  O OD2 . ASP A 1 55  ? 3.908   -19.272 7.860   1.00 55.29  ? 55   ASP A OD2 1 
ATOM   408  N N   . ALA A 1 56  ? 2.131   -13.987 8.241   1.00 59.99  ? 56   ALA A N   1 
ATOM   409  C CA  . ALA A 1 56  ? 1.833   -12.698 8.907   1.00 60.17  ? 56   ALA A CA  1 
ATOM   410  C C   . ALA A 1 56  ? 0.497   -12.004 8.456   1.00 60.42  ? 56   ALA A C   1 
ATOM   411  O O   . ALA A 1 56  ? -0.361  -11.711 9.323   1.00 60.37  ? 56   ALA A O   1 
ATOM   412  C CB  . ALA A 1 56  ? 2.990   -11.774 8.765   1.00 59.49  ? 56   ALA A CB  1 
ATOM   413  N N   . ILE A 1 57  ? 0.313   -11.766 7.133   1.00 59.71  ? 57   ILE A N   1 
ATOM   414  C CA  . ILE A 1 57  ? -1.002  -11.405 6.569   1.00 59.06  ? 57   ILE A CA  1 
ATOM   415  C C   . ILE A 1 57  ? -2.093  -12.286 7.184   1.00 59.16  ? 57   ILE A C   1 
ATOM   416  O O   . ILE A 1 57  ? -3.072  -11.767 7.693   1.00 57.85  ? 57   ILE A O   1 
ATOM   417  C CB  . ILE A 1 57  ? -1.059  -11.573 5.032   1.00 59.16  ? 57   ILE A CB  1 
ATOM   418  C CG1 . ILE A 1 57  ? -0.163  -10.533 4.343   1.00 59.41  ? 57   ILE A CG1 1 
ATOM   419  C CG2 . ILE A 1 57  ? -2.495  -11.452 4.541   1.00 57.55  ? 57   ILE A CG2 1 
ATOM   420  C CD1 . ILE A 1 57  ? 0.497   -10.972 3.053   1.00 55.07  ? 57   ILE A CD1 1 
ATOM   421  N N   . ARG A 1 58  ? -1.886  -13.611 7.155   1.00 59.54  ? 58   ARG A N   1 
ATOM   422  C CA  . ARG A 1 58  ? -2.858  -14.560 7.721   1.00 60.18  ? 58   ARG A CA  1 
ATOM   423  C C   . ARG A 1 58  ? -3.215  -14.275 9.194   1.00 62.08  ? 58   ARG A C   1 
ATOM   424  O O   . ARG A 1 58  ? -4.405  -14.174 9.512   1.00 62.97  ? 58   ARG A O   1 
ATOM   425  C CB  . ARG A 1 58  ? -2.431  -16.021 7.533   1.00 59.96  ? 58   ARG A CB  1 
ATOM   426  C CG  . ARG A 1 58  ? -3.520  -17.085 7.857   1.00 58.74  ? 58   ARG A CG  1 
ATOM   427  C CD  . ARG A 1 58  ? -3.090  -18.519 7.493   1.00 57.22  ? 58   ARG A CD  1 
ATOM   428  N NE  . ARG A 1 58  ? -2.607  -18.718 6.112   1.00 57.23  ? 58   ARG A NE  1 
ATOM   429  C CZ  . ARG A 1 58  ? -1.323  -18.993 5.812   1.00 60.87  ? 58   ARG A CZ  1 
ATOM   430  N NH1 . ARG A 1 58  ? -0.453  -19.089 6.835   1.00 62.53  ? 58   ARG A NH1 1 
ATOM   431  N NH2 . ARG A 1 58  ? -0.882  -19.160 4.526   1.00 58.29  ? 58   ARG A NH2 1 
ATOM   432  N N   . ALA A 1 59  ? -2.216  -14.154 10.075  1.00 62.10  ? 59   ALA A N   1 
ATOM   433  C CA  . ALA A 1 59  ? -2.498  -13.811 11.461  1.00 62.36  ? 59   ALA A CA  1 
ATOM   434  C C   . ALA A 1 59  ? -3.020  -12.399 11.642  1.00 63.02  ? 59   ALA A C   1 
ATOM   435  O O   . ALA A 1 59  ? -3.871  -12.147 12.481  1.00 63.70  ? 59   ALA A O   1 
ATOM   436  C CB  . ALA A 1 59  ? -1.284  -13.984 12.309  1.00 62.58  ? 59   ALA A CB  1 
ATOM   437  N N   . ILE A 1 60  ? -2.518  -11.431 10.892  1.00 63.63  ? 60   ILE A N   1 
ATOM   438  C CA  . ILE A 1 60  ? -3.100  -10.081 11.071  1.00 64.15  ? 60   ILE A CA  1 
ATOM   439  C C   . ILE A 1 60  ? -4.634  -10.054 10.719  1.00 64.99  ? 60   ILE A C   1 
ATOM   440  O O   . ILE A 1 60  ? -5.458  -9.466  11.418  1.00 64.73  ? 60   ILE A O   1 
ATOM   441  C CB  . ILE A 1 60  ? -2.292  -9.021  10.329  1.00 63.41  ? 60   ILE A CB  1 
ATOM   442  C CG1 . ILE A 1 60  ? -0.885  -8.946  10.928  1.00 63.34  ? 60   ILE A CG1 1 
ATOM   443  C CG2 . ILE A 1 60  ? -2.944  -7.660  10.431  1.00 63.42  ? 60   ILE A CG2 1 
ATOM   444  C CD1 . ILE A 1 60  ? 0.027   -7.858  10.352  1.00 60.01  ? 60   ILE A CD1 1 
ATOM   445  N N   . ALA A 1 61  ? -4.983  -10.739 9.641   1.00 66.18  ? 61   ALA A N   1 
ATOM   446  C CA  . ALA A 1 61  ? -6.355  -10.923 9.245   1.00 67.39  ? 61   ALA A CA  1 
ATOM   447  C C   . ALA A 1 61  ? -7.168  -11.515 10.379  1.00 68.08  ? 61   ALA A C   1 
ATOM   448  O O   . ALA A 1 61  ? -8.292  -11.072 10.635  1.00 68.35  ? 61   ALA A O   1 
ATOM   449  C CB  . ALA A 1 61  ? -6.442  -11.819 8.000   1.00 67.43  ? 61   ALA A CB  1 
ATOM   450  N N   . LYS A 1 62  ? -6.596  -12.477 11.085  1.00 68.72  ? 62   LYS A N   1 
ATOM   451  C CA  . LYS A 1 62  ? -7.403  -13.261 11.995  1.00 69.04  ? 62   LYS A CA  1 
ATOM   452  C C   . LYS A 1 62  ? -7.541  -12.506 13.313  1.00 68.82  ? 62   LYS A C   1 
ATOM   453  O O   . LYS A 1 62  ? -8.536  -12.620 13.988  1.00 68.89  ? 62   LYS A O   1 
ATOM   454  C CB  . LYS A 1 62  ? -6.772  -14.673 12.170  1.00 70.21  ? 62   LYS A CB  1 
ATOM   455  C CG  . LYS A 1 62  ? -7.588  -15.825 12.858  1.00 71.16  ? 62   LYS A CG  1 
ATOM   456  C CD  . LYS A 1 62  ? -8.383  -16.756 11.862  1.00 76.78  ? 62   LYS A CD  1 
ATOM   457  C CE  . LYS A 1 62  ? -7.902  -16.632 10.373  1.00 77.22  ? 62   LYS A CE  1 
ATOM   458  N NZ  . LYS A 1 62  ? -6.701  -17.469 10.068  1.00 77.65  ? 62   LYS A NZ  1 
ATOM   459  N N   . GLU A 1 63  ? -6.560  -11.692 13.667  1.00 68.95  ? 63   GLU A N   1 
ATOM   460  C CA  . GLU A 1 63  ? -6.471  -11.269 15.067  1.00 68.95  ? 63   GLU A CA  1 
ATOM   461  C C   . GLU A 1 63  ? -6.596  -9.776  15.249  1.00 69.19  ? 63   GLU A C   1 
ATOM   462  O O   . GLU A 1 63  ? -6.946  -9.279  16.324  1.00 69.99  ? 63   GLU A O   1 
ATOM   463  C CB  . GLU A 1 63  ? -5.165  -11.753 15.671  1.00 68.31  ? 63   GLU A CB  1 
ATOM   464  C CG  . GLU A 1 63  ? -5.045  -13.255 15.771  1.00 68.09  ? 63   GLU A CG  1 
ATOM   465  C CD  . GLU A 1 63  ? -3.752  -13.670 16.474  1.00 71.39  ? 63   GLU A CD  1 
ATOM   466  O OE1 . GLU A 1 63  ? -3.518  -13.228 17.637  1.00 71.96  ? 63   GLU A OE1 1 
ATOM   467  O OE2 . GLU A 1 63  ? -2.963  -14.434 15.866  1.00 71.44  ? 63   GLU A OE2 1 
ATOM   468  N N   . VAL A 1 64  ? -6.282  -9.037  14.200  1.00 68.51  ? 64   VAL A N   1 
ATOM   469  C CA  . VAL A 1 64  ? -6.438  -7.639  14.278  1.00 67.12  ? 64   VAL A CA  1 
ATOM   470  C C   . VAL A 1 64  ? -7.638  -7.306  13.414  1.00 67.91  ? 64   VAL A C   1 
ATOM   471  O O   . VAL A 1 64  ? -7.477  -6.779  12.291  1.00 67.34  ? 64   VAL A O   1 
ATOM   472  C CB  . VAL A 1 64  ? -5.159  -6.978  13.876  1.00 66.81  ? 64   VAL A CB  1 
ATOM   473  C CG1 . VAL A 1 64  ? -5.317  -5.460  13.847  1.00 65.70  ? 64   VAL A CG1 1 
ATOM   474  C CG2 . VAL A 1 64  ? -4.049  -7.405  14.847  1.00 65.03  ? 64   VAL A CG2 1 
ATOM   475  N N   . PRO A 1 65  ? -8.865  -7.643  13.927  1.00 68.89  ? 65   PRO A N   1 
ATOM   476  C CA  . PRO A 1 65  ? -10.081 -7.304  13.161  1.00 69.58  ? 65   PRO A CA  1 
ATOM   477  C C   . PRO A 1 65  ? -10.185 -5.834  12.768  1.00 70.16  ? 65   PRO A C   1 
ATOM   478  O O   . PRO A 1 65  ? -10.756 -5.563  11.725  1.00 70.43  ? 65   PRO A O   1 
ATOM   479  C CB  . PRO A 1 65  ? -11.260 -7.745  14.058  1.00 68.73  ? 65   PRO A CB  1 
ATOM   480  C CG  . PRO A 1 65  ? -10.693 -8.142  15.344  1.00 69.38  ? 65   PRO A CG  1 
ATOM   481  C CD  . PRO A 1 65  ? -9.200  -8.374  15.170  1.00 68.86  ? 65   PRO A CD  1 
ATOM   482  N N   . GLU A 1 66  ? -9.610  -4.902  13.532  1.00 70.45  ? 66   GLU A N   1 
ATOM   483  C CA  . GLU A 1 66  ? -9.808  -3.482  13.199  1.00 71.49  ? 66   GLU A CA  1 
ATOM   484  C C   . GLU A 1 66  ? -8.825  -2.935  12.160  1.00 71.04  ? 66   GLU A C   1 
ATOM   485  O O   . GLU A 1 66  ? -8.922  -1.758  11.802  1.00 72.26  ? 66   GLU A O   1 
ATOM   486  C CB  . GLU A 1 66  ? -9.955  -2.560  14.426  1.00 71.61  ? 66   GLU A CB  1 
ATOM   487  C CG  . GLU A 1 66  ? -8.974  -2.836  15.629  1.00 77.22  ? 66   GLU A CG  1 
ATOM   488  C CD  . GLU A 1 66  ? -8.902  -4.341  16.180  1.00 81.13  ? 66   GLU A CD  1 
ATOM   489  O OE1 . GLU A 1 66  ? -7.832  -4.739  16.722  1.00 83.60  ? 66   GLU A OE1 1 
ATOM   490  O OE2 . GLU A 1 66  ? -9.886  -5.130  16.099  1.00 83.59  ? 66   GLU A OE2 1 
ATOM   491  N N   . ALA A 1 67  ? -7.943  -3.785  11.620  1.00 69.02  ? 67   ALA A N   1 
ATOM   492  C CA  . ALA A 1 67  ? -6.959  -3.319  10.654  1.00 66.01  ? 67   ALA A CA  1 
ATOM   493  C C   . ALA A 1 67  ? -7.235  -3.832  9.302   1.00 64.48  ? 67   ALA A C   1 
ATOM   494  O O   . ALA A 1 67  ? -7.492  -5.013  9.145   1.00 64.74  ? 67   ALA A O   1 
ATOM   495  C CB  . ALA A 1 67  ? -5.690  -3.820  11.026  1.00 66.75  ? 67   ALA A CB  1 
ATOM   496  N N   . ILE A 1 68  ? -7.094  -2.973  8.308   1.00 61.75  ? 68   ILE A N   1 
ATOM   497  C CA  . ILE A 1 68  ? -7.329  -3.404  6.936   1.00 61.28  ? 68   ILE A CA  1 
ATOM   498  C C   . ILE A 1 68  ? -6.017  -3.966  6.359   1.00 60.61  ? 68   ILE A C   1 
ATOM   499  O O   . ILE A 1 68  ? -5.164  -3.212  5.863   1.00 61.02  ? 68   ILE A O   1 
ATOM   500  C CB  . ILE A 1 68  ? -7.974  -2.271  6.001   1.00 60.98  ? 68   ILE A CB  1 
ATOM   501  C CG1 . ILE A 1 68  ? -9.342  -1.774  6.525   1.00 61.58  ? 68   ILE A CG1 1 
ATOM   502  C CG2 . ILE A 1 68  ? -8.152  -2.741  4.567   1.00 59.11  ? 68   ILE A CG2 1 
ATOM   503  C CD1 . ILE A 1 68  ? -9.838  -0.355  5.900   1.00 61.21  ? 68   ILE A CD1 1 
ATOM   504  N N   . VAL A 1 69  ? -5.831  -5.276  6.414   1.00 59.28  ? 69   VAL A N   1 
ATOM   505  C CA  . VAL A 1 69  ? -4.548  -5.772  5.967   1.00 58.91  ? 69   VAL A CA  1 
ATOM   506  C C   . VAL A 1 69  ? -4.580  -6.239  4.539   1.00 59.12  ? 69   VAL A C   1 
ATOM   507  O O   . VAL A 1 69  ? -5.544  -6.894  4.128   1.00 59.05  ? 69   VAL A O   1 
ATOM   508  C CB  . VAL A 1 69  ? -3.960  -6.847  6.882   1.00 58.53  ? 69   VAL A CB  1 
ATOM   509  C CG1 . VAL A 1 69  ? -4.694  -8.186  6.729   1.00 57.11  ? 69   VAL A CG1 1 
ATOM   510  C CG2 . VAL A 1 69  ? -2.460  -6.966  6.613   1.00 59.05  ? 69   VAL A CG2 1 
ATOM   511  N N   . GLY A 1 70  ? -3.511  -5.895  3.812   1.00 59.22  ? 70   GLY A N   1 
ATOM   512  C CA  . GLY A 1 70  ? -3.288  -6.242  2.380   1.00 59.44  ? 70   GLY A CA  1 
ATOM   513  C C   . GLY A 1 70  ? -1.866  -6.733  2.088   1.00 58.92  ? 70   GLY A C   1 
ATOM   514  O O   . GLY A 1 70  ? -1.044  -6.846  3.006   1.00 59.65  ? 70   GLY A O   1 
ATOM   515  N N   . ALA A 1 71  ? -1.576  -7.049  0.836   1.00 57.64  ? 71   ALA A N   1 
ATOM   516  C CA  . ALA A 1 71  ? -0.291  -7.625  0.531   1.00 57.39  ? 71   ALA A CA  1 
ATOM   517  C C   . ALA A 1 71  ? 0.420   -6.802  -0.505  1.00 57.52  ? 71   ALA A C   1 
ATOM   518  O O   . ALA A 1 71  ? -0.144  -6.473  -1.557  1.00 57.93  ? 71   ALA A O   1 
ATOM   519  C CB  . ALA A 1 71  ? -0.436  -9.054  0.054   1.00 56.80  ? 71   ALA A CB  1 
ATOM   520  N N   . GLY A 1 72  ? 1.685   -6.526  -0.251  1.00 57.27  ? 72   GLY A N   1 
ATOM   521  C CA  . GLY A 1 72  ? 2.453   -5.815  -1.241  1.00 58.96  ? 72   GLY A CA  1 
ATOM   522  C C   . GLY A 1 72  ? 3.403   -6.716  -1.990  1.00 59.62  ? 72   GLY A C   1 
ATOM   523  O O   . GLY A 1 72  ? 3.614   -7.858  -1.600  1.00 58.97  ? 72   GLY A O   1 
ATOM   524  N N   . THR A 1 73  ? 4.011   -6.171  -3.046  1.00 61.07  ? 73   THR A N   1 
ATOM   525  C CA  . THR A 1 73  ? 4.974   -6.923  -3.855  1.00 61.59  ? 73   THR A CA  1 
ATOM   526  C C   . THR A 1 73  ? 4.287   -8.214  -4.199  1.00 61.63  ? 73   THR A C   1 
ATOM   527  O O   . THR A 1 73  ? 4.779   -9.307  -3.921  1.00 62.59  ? 73   THR A O   1 
ATOM   528  C CB  . THR A 1 73  ? 6.285   -7.212  -3.116  1.00 61.67  ? 73   THR A CB  1 
ATOM   529  O OG1 . THR A 1 73  ? 6.755   -6.006  -2.510  1.00 64.75  ? 73   THR A OG1 1 
ATOM   530  C CG2 . THR A 1 73  ? 7.351   -7.691  -4.075  1.00 61.46  ? 73   THR A CG2 1 
ATOM   531  N N   . VAL A 1 74  ? 3.112   -8.079  -4.795  1.00 61.66  ? 74   VAL A N   1 
ATOM   532  C CA  . VAL A 1 74  ? 2.399   -9.235  -5.301  1.00 61.01  ? 74   VAL A CA  1 
ATOM   533  C C   . VAL A 1 74  ? 2.741   -9.242  -6.777  1.00 60.69  ? 74   VAL A C   1 
ATOM   534  O O   . VAL A 1 74  ? 2.521   -8.210  -7.441  1.00 61.30  ? 74   VAL A O   1 
ATOM   535  C CB  . VAL A 1 74  ? 0.892   -9.030  -5.111  1.00 60.39  ? 74   VAL A CB  1 
ATOM   536  C CG1 . VAL A 1 74  ? 0.171   -10.113 -5.801  1.00 59.10  ? 74   VAL A CG1 1 
ATOM   537  C CG2 . VAL A 1 74  ? 0.552   -8.998  -3.633  1.00 59.44  ? 74   VAL A CG2 1 
ATOM   538  N N   . LEU A 1 75  ? 3.295   -10.343 -7.295  1.00 59.14  ? 75   LEU A N   1 
ATOM   539  C CA  . LEU A 1 75  ? 3.881   -10.271 -8.656  1.00 58.04  ? 75   LEU A CA  1 
ATOM   540  C C   . LEU A 1 75  ? 3.174   -11.048 -9.772  1.00 58.13  ? 75   LEU A C   1 
ATOM   541  O O   . LEU A 1 75  ? 3.401   -10.829 -10.988 1.00 57.73  ? 75   LEU A O   1 
ATOM   542  C CB  . LEU A 1 75  ? 5.309   -10.719 -8.603  1.00 57.19  ? 75   LEU A CB  1 
ATOM   543  C CG  . LEU A 1 75  ? 6.365   -9.728  -8.202  1.00 55.71  ? 75   LEU A CG  1 
ATOM   544  C CD1 . LEU A 1 75  ? 6.148   -9.261  -6.872  1.00 56.60  ? 75   LEU A CD1 1 
ATOM   545  C CD2 . LEU A 1 75  ? 7.648   -10.491 -8.221  1.00 54.55  ? 75   LEU A CD2 1 
ATOM   546  N N   . ASN A 1 76  ? 2.326   -11.972 -9.360  1.00 58.15  ? 76   ASN A N   1 
ATOM   547  C CA  . ASN A 1 76  ? 1.649   -12.833 -10.301 1.00 58.49  ? 76   ASN A CA  1 
ATOM   548  C C   . ASN A 1 76  ? 0.388   -13.400 -9.674  1.00 59.61  ? 76   ASN A C   1 
ATOM   549  O O   . ASN A 1 76  ? 0.204   -13.411 -8.408  1.00 58.73  ? 76   ASN A O   1 
ATOM   550  C CB  . ASN A 1 76  ? 2.553   -13.995 -10.696 1.00 58.45  ? 76   ASN A CB  1 
ATOM   551  C CG  . ASN A 1 76  ? 3.369   -14.501 -9.534  1.00 58.76  ? 76   ASN A CG  1 
ATOM   552  O OD1 . ASN A 1 76  ? 2.849   -15.117 -8.617  1.00 62.05  ? 76   ASN A OD1 1 
ATOM   553  N ND2 . ASN A 1 76  ? 4.655   -14.196 -9.538  1.00 60.80  ? 76   ASN A ND2 1 
ATOM   554  N N   . PRO A 1 77  ? -0.479  -13.929 -10.553 1.00 60.54  ? 77   PRO A N   1 
ATOM   555  C CA  . PRO A 1 77  ? -1.772  -14.433 -10.083 1.00 61.02  ? 77   PRO A CA  1 
ATOM   556  C C   . PRO A 1 77  ? -1.627  -15.503 -8.995  1.00 61.89  ? 77   PRO A C   1 
ATOM   557  O O   . PRO A 1 77  ? -2.451  -15.542 -8.084  1.00 62.59  ? 77   PRO A O   1 
ATOM   558  C CB  . PRO A 1 77  ? -2.419  -14.975 -11.357 1.00 60.55  ? 77   PRO A CB  1 
ATOM   559  C CG  . PRO A 1 77  ? -1.715  -14.170 -12.531 1.00 61.15  ? 77   PRO A CG  1 
ATOM   560  C CD  . PRO A 1 77  ? -0.293  -14.113 -12.013 1.00 60.11  ? 77   PRO A CD  1 
ATOM   561  N N   . GLN A 1 78  ? -0.591  -16.341 -9.059  1.00 62.60  ? 78   GLN A N   1 
ATOM   562  C CA  . GLN A 1 78  ? -0.365  -17.309 -7.996  1.00 63.37  ? 78   GLN A CA  1 
ATOM   563  C C   . GLN A 1 78  ? -0.275  -16.568 -6.661  1.00 62.47  ? 78   GLN A C   1 
ATOM   564  O O   . GLN A 1 78  ? -1.090  -16.814 -5.745  1.00 62.15  ? 78   GLN A O   1 
ATOM   565  C CB  . GLN A 1 78  ? 0.884   -18.159 -8.263  1.00 64.78  ? 78   GLN A CB  1 
ATOM   566  C CG  . GLN A 1 78  ? 0.942   -19.544 -7.515  1.00 70.49  ? 78   GLN A CG  1 
ATOM   567  C CD  . GLN A 1 78  ? 1.150   -19.420 -5.945  1.00 77.39  ? 78   GLN A CD  1 
ATOM   568  O OE1 . GLN A 1 78  ? 1.943   -18.564 -5.449  1.00 76.66  ? 78   GLN A OE1 1 
ATOM   569  N NE2 . GLN A 1 78  ? 0.407   -20.271 -5.173  1.00 77.44  ? 78   GLN A NE2 1 
ATOM   570  N N   . GLN A 1 79  ? 0.680   -15.644 -6.551  1.00 61.52  ? 79   GLN A N   1 
ATOM   571  C CA  . GLN A 1 79  ? 0.850   -14.915 -5.295  1.00 60.14  ? 79   GLN A CA  1 
ATOM   572  C C   . GLN A 1 79  ? -0.437  -14.214 -4.944  1.00 59.63  ? 79   GLN A C   1 
ATOM   573  O O   . GLN A 1 79  ? -0.779  -14.168 -3.806  1.00 59.32  ? 79   GLN A O   1 
ATOM   574  C CB  . GLN A 1 79  ? 1.975   -13.932 -5.371  1.00 59.57  ? 79   GLN A CB  1 
ATOM   575  C CG  . GLN A 1 79  ? 3.307   -14.523 -5.219  1.00 59.02  ? 79   GLN A CG  1 
ATOM   576  C CD  . GLN A 1 79  ? 4.354   -13.480 -5.402  1.00 61.77  ? 79   GLN A CD  1 
ATOM   577  O OE1 . GLN A 1 79  ? 4.383   -12.778 -6.391  1.00 66.97  ? 79   GLN A OE1 1 
ATOM   578  N NE2 . GLN A 1 79  ? 5.197   -13.336 -4.431  1.00 64.82  ? 79   GLN A NE2 1 
ATOM   579  N N   . LEU A 1 80  ? -1.166  -13.714 -5.928  1.00 59.56  ? 80   LEU A N   1 
ATOM   580  C CA  . LEU A 1 80  ? -2.465  -13.122 -5.671  1.00 60.21  ? 80   LEU A CA  1 
ATOM   581  C C   . LEU A 1 80  ? -3.486  -14.094 -5.091  1.00 61.20  ? 80   LEU A C   1 
ATOM   582  O O   . LEU A 1 80  ? -4.150  -13.803 -4.089  1.00 61.42  ? 80   LEU A O   1 
ATOM   583  C CB  . LEU A 1 80  ? -3.019  -12.522 -6.940  1.00 59.48  ? 80   LEU A CB  1 
ATOM   584  C CG  . LEU A 1 80  ? -4.322  -11.765 -6.716  1.00 60.17  ? 80   LEU A CG  1 
ATOM   585  C CD1 . LEU A 1 80  ? -4.167  -10.707 -5.660  1.00 60.12  ? 80   LEU A CD1 1 
ATOM   586  C CD2 . LEU A 1 80  ? -4.893  -11.139 -8.023  1.00 61.37  ? 80   LEU A CD2 1 
ATOM   587  N N   . ALA A 1 81  ? -3.623  -15.248 -5.730  1.00 62.53  ? 81   ALA A N   1 
ATOM   588  C CA  . ALA A 1 81  ? -4.413  -16.350 -5.173  1.00 63.67  ? 81   ALA A CA  1 
ATOM   589  C C   . ALA A 1 81  ? -3.994  -16.592 -3.728  1.00 64.81  ? 81   ALA A C   1 
ATOM   590  O O   . ALA A 1 81  ? -4.786  -16.407 -2.828  1.00 65.37  ? 81   ALA A O   1 
ATOM   591  C CB  . ALA A 1 81  ? -4.224  -17.610 -5.992  1.00 63.19  ? 81   ALA A CB  1 
ATOM   592  N N   . GLU A 1 82  ? -2.739  -16.969 -3.518  1.00 65.88  ? 82   GLU A N   1 
ATOM   593  C CA  . GLU A 1 82  ? -2.193  -17.246 -2.202  1.00 67.45  ? 82   GLU A CA  1 
ATOM   594  C C   . GLU A 1 82  ? -2.552  -16.260 -1.098  1.00 67.28  ? 82   GLU A C   1 
ATOM   595  O O   . GLU A 1 82  ? -2.938  -16.658 0.011   1.00 68.12  ? 82   GLU A O   1 
ATOM   596  C CB  . GLU A 1 82  ? -0.694  -17.244 -2.341  1.00 68.79  ? 82   GLU A CB  1 
ATOM   597  C CG  . GLU A 1 82  ? 0.073   -17.561 -1.072  1.00 73.72  ? 82   GLU A CG  1 
ATOM   598  C CD  . GLU A 1 82  ? 1.400   -18.275 -1.373  1.00 79.55  ? 82   GLU A CD  1 
ATOM   599  O OE1 . GLU A 1 82  ? 2.232   -18.369 -0.418  1.00 81.66  ? 82   GLU A OE1 1 
ATOM   600  O OE2 . GLU A 1 82  ? 1.579   -18.755 -2.546  1.00 79.75  ? 82   GLU A OE2 1 
ATOM   601  N N   . VAL A 1 83  ? -2.414  -14.971 -1.387  1.00 67.09  ? 83   VAL A N   1 
ATOM   602  C CA  . VAL A 1 83  ? -2.614  -13.929 -0.367  1.00 66.18  ? 83   VAL A CA  1 
ATOM   603  C C   . VAL A 1 83  ? -4.092  -13.659 -0.175  1.00 67.11  ? 83   VAL A C   1 
ATOM   604  O O   . VAL A 1 83  ? -4.510  -13.285 0.894   1.00 67.86  ? 83   VAL A O   1 
ATOM   605  C CB  . VAL A 1 83  ? -1.920  -12.584 -0.718  1.00 64.95  ? 83   VAL A CB  1 
ATOM   606  C CG1 . VAL A 1 83  ? -0.440  -12.668 -0.641  1.00 61.07  ? 83   VAL A CG1 1 
ATOM   607  C CG2 . VAL A 1 83  ? -2.326  -12.159 -2.096  1.00 66.01  ? 83   VAL A CG2 1 
ATOM   608  N N   . THR A 1 84  ? -4.882  -13.795 -1.224  1.00 67.85  ? 84   THR A N   1 
ATOM   609  C CA  . THR A 1 84  ? -6.330  -13.689 -1.091  1.00 69.04  ? 84   THR A CA  1 
ATOM   610  C C   . THR A 1 84  ? -6.873  -14.771 -0.117  1.00 70.08  ? 84   THR A C   1 
ATOM   611  O O   . THR A 1 84  ? -7.753  -14.522 0.701   1.00 69.91  ? 84   THR A O   1 
ATOM   612  C CB  . THR A 1 84  ? -6.947  -13.810 -2.495  1.00 68.86  ? 84   THR A CB  1 
ATOM   613  O OG1 . THR A 1 84  ? -6.407  -12.753 -3.285  1.00 67.89  ? 84   THR A OG1 1 
ATOM   614  C CG2 . THR A 1 84  ? -8.487  -13.775 -2.509  1.00 66.99  ? 84   THR A CG2 1 
ATOM   615  N N   . GLU A 1 85  ? -6.302  -15.959 -0.175  1.00 71.16  ? 85   GLU A N   1 
ATOM   616  C CA  . GLU A 1 85  ? -6.773  -17.041 0.671   1.00 73.25  ? 85   GLU A CA  1 
ATOM   617  C C   . GLU A 1 85  ? -6.275  -16.890 2.078   1.00 71.88  ? 85   GLU A C   1 
ATOM   618  O O   . GLU A 1 85  ? -6.892  -17.387 2.978   1.00 71.77  ? 85   GLU A O   1 
ATOM   619  C CB  . GLU A 1 85  ? -6.263  -18.368 0.132   1.00 73.23  ? 85   GLU A CB  1 
ATOM   620  C CG  . GLU A 1 85  ? -7.111  -19.588 0.474   1.00 75.96  ? 85   GLU A CG  1 
ATOM   621  C CD  . GLU A 1 85  ? -6.298  -20.884 0.267   1.00 77.94  ? 85   GLU A CD  1 
ATOM   622  O OE1 . GLU A 1 85  ? -6.737  -21.994 0.717   1.00 81.82  ? 85   GLU A OE1 1 
ATOM   623  O OE2 . GLU A 1 85  ? -5.188  -20.774 -0.340  1.00 85.82  ? 85   GLU A OE2 1 
ATOM   624  N N   . ALA A 1 86  ? -5.105  -16.273 2.249   1.00 71.65  ? 86   ALA A N   1 
ATOM   625  C CA  . ALA A 1 86  ? -4.572  -15.943 3.590   1.00 70.17  ? 86   ALA A CA  1 
ATOM   626  C C   . ALA A 1 86  ? -5.461  -14.888 4.244   1.00 69.50  ? 86   ALA A C   1 
ATOM   627  O O   . ALA A 1 86  ? -5.463  -14.753 5.467   1.00 69.69  ? 86   ALA A O   1 
ATOM   628  C CB  . ALA A 1 86  ? -3.154  -15.449 3.506   1.00 69.34  ? 86   ALA A CB  1 
ATOM   629  N N   . GLY A 1 87  ? -6.238  -14.158 3.445   1.00 68.38  ? 87   GLY A N   1 
ATOM   630  C CA  . GLY A 1 87  ? -7.182  -13.229 4.021   1.00 67.76  ? 87   GLY A CA  1 
ATOM   631  C C   . GLY A 1 87  ? -6.910  -11.770 3.761   1.00 67.59  ? 87   GLY A C   1 
ATOM   632  O O   . GLY A 1 87  ? -7.561  -10.909 4.398   1.00 67.89  ? 87   GLY A O   1 
ATOM   633  N N   . ALA A 1 88  ? -5.957  -11.504 2.843   1.00 66.91  ? 88   ALA A N   1 
ATOM   634  C CA  . ALA A 1 88  ? -5.640  -10.181 2.316   1.00 65.86  ? 88   ALA A CA  1 
ATOM   635  C C   . ALA A 1 88  ? -6.898  -9.483  1.802   1.00 66.86  ? 88   ALA A C   1 
ATOM   636  O O   . ALA A 1 88  ? -7.729  -10.050 1.047   1.00 66.77  ? 88   ALA A O   1 
ATOM   637  C CB  . ALA A 1 88  ? -4.650  -10.288 1.217   1.00 65.17  ? 88   ALA A CB  1 
ATOM   638  N N   . GLN A 1 89  ? -7.029  -8.233  2.232   1.00 67.45  ? 89   GLN A N   1 
ATOM   639  C CA  . GLN A 1 89  ? -8.188  -7.378  1.912   1.00 67.28  ? 89   GLN A CA  1 
ATOM   640  C C   . GLN A 1 89  ? -7.929  -6.550  0.690   1.00 64.54  ? 89   GLN A C   1 
ATOM   641  O O   . GLN A 1 89  ? -8.861  -6.061  0.094   1.00 65.51  ? 89   GLN A O   1 
ATOM   642  C CB  . GLN A 1 89  ? -8.616  -6.541  3.125   1.00 66.97  ? 89   GLN A CB  1 
ATOM   643  C CG  . GLN A 1 89  ? -8.995  -7.482  4.330   1.00 71.21  ? 89   GLN A CG  1 
ATOM   644  C CD  . GLN A 1 89  ? -9.103  -6.756  5.672   1.00 72.07  ? 89   GLN A CD  1 
ATOM   645  O OE1 . GLN A 1 89  ? -10.022 -5.951  5.851   1.00 78.15  ? 89   GLN A OE1 1 
ATOM   646  N NE2 . GLN A 1 89  ? -8.170  -7.046  6.628   1.00 74.85  ? 89   GLN A NE2 1 
ATOM   647  N N   . PHE A 1 90  ? -6.678  -6.482  0.255   1.00 62.72  ? 90   PHE A N   1 
ATOM   648  C CA  . PHE A 1 90  ? -6.324  -5.834  -1.009  1.00 60.81  ? 90   PHE A CA  1 
ATOM   649  C C   . PHE A 1 90  ? -4.922  -6.269  -1.399  1.00 60.74  ? 90   PHE A C   1 
ATOM   650  O O   . PHE A 1 90  ? -4.196  -6.805  -0.528  1.00 61.53  ? 90   PHE A O   1 
ATOM   651  C CB  . PHE A 1 90  ? -6.335  -4.321  -0.822  1.00 59.70  ? 90   PHE A CB  1 
ATOM   652  C CG  . PHE A 1 90  ? -5.337  -3.829  0.174   1.00 57.71  ? 90   PHE A CG  1 
ATOM   653  C CD1 . PHE A 1 90  ? -5.641  -3.775  1.499   1.00 56.65  ? 90   PHE A CD1 1 
ATOM   654  C CD2 . PHE A 1 90  ? -4.089  -3.409  -0.220  1.00 57.48  ? 90   PHE A CD2 1 
ATOM   655  C CE1 . PHE A 1 90  ? -4.734  -3.311  2.420   1.00 57.23  ? 90   PHE A CE1 1 
ATOM   656  C CE2 . PHE A 1 90  ? -3.191  -2.945  0.712   1.00 57.97  ? 90   PHE A CE2 1 
ATOM   657  C CZ  . PHE A 1 90  ? -3.514  -2.896  2.027   1.00 55.28  ? 90   PHE A CZ  1 
ATOM   658  N N   . ALA A 1 91  ? -4.516  -6.034  -2.659  1.00 59.20  ? 91   ALA A N   1 
ATOM   659  C CA  . ALA A 1 91  ? -3.105  -6.180  -2.999  1.00 58.82  ? 91   ALA A CA  1 
ATOM   660  C C   . ALA A 1 91  ? -2.538  -4.956  -3.663  1.00 59.04  ? 91   ALA A C   1 
ATOM   661  O O   . ALA A 1 91  ? -3.281  -4.191  -4.306  1.00 59.19  ? 91   ALA A O   1 
ATOM   662  C CB  . ALA A 1 91  ? -2.864  -7.374  -3.840  1.00 58.67  ? 91   ALA A CB  1 
ATOM   663  N N   . ILE A 1 92  ? -1.219  -4.803  -3.495  1.00 58.63  ? 92   ILE A N   1 
ATOM   664  C CA  . ILE A 1 92  ? -0.389  -3.823  -4.180  1.00 58.23  ? 92   ILE A CA  1 
ATOM   665  C C   . ILE A 1 92  ? 0.714   -4.584  -4.896  1.00 58.55  ? 92   ILE A C   1 
ATOM   666  O O   . ILE A 1 92  ? 1.226   -5.605  -4.425  1.00 59.22  ? 92   ILE A O   1 
ATOM   667  C CB  . ILE A 1 92  ? 0.191   -2.873  -3.160  1.00 58.00  ? 92   ILE A CB  1 
ATOM   668  C CG1 . ILE A 1 92  ? -0.722  -1.693  -2.988  1.00 57.70  ? 92   ILE A CG1 1 
ATOM   669  C CG2 . ILE A 1 92  ? 1.604   -2.365  -3.498  1.00 60.83  ? 92   ILE A CG2 1 
ATOM   670  C CD1 . ILE A 1 92  ? -1.030  -1.463  -1.520  1.00 53.43  ? 92   ILE A CD1 1 
ATOM   671  N N   . SER A 1 93  ? 1.065   -4.091  -6.058  1.00 58.77  ? 93   SER A N   1 
ATOM   672  C CA  . SER A 1 93  ? 2.169   -4.633  -6.781  1.00 59.33  ? 93   SER A CA  1 
ATOM   673  C C   . SER A 1 93  ? 3.161   -3.499  -7.134  1.00 60.31  ? 93   SER A C   1 
ATOM   674  O O   . SER A 1 93  ? 2.776   -2.338  -7.277  1.00 61.29  ? 93   SER A O   1 
ATOM   675  C CB  . SER A 1 93  ? 1.611   -5.199  -8.045  1.00 59.29  ? 93   SER A CB  1 
ATOM   676  O OG  . SER A 1 93  ? 1.339   -4.141  -8.955  1.00 58.91  ? 93   SER A OG  1 
ATOM   677  N N   . PRO A 1 94  ? 4.438   -3.823  -7.313  1.00 60.56  ? 94   PRO A N   1 
ATOM   678  C CA  . PRO A 1 94  ? 5.409   -2.790  -7.722  1.00 60.73  ? 94   PRO A CA  1 
ATOM   679  C C   . PRO A 1 94  ? 5.172   -2.138  -9.132  1.00 60.38  ? 94   PRO A C   1 
ATOM   680  O O   . PRO A 1 94  ? 5.511   -0.956  -9.359  1.00 59.36  ? 94   PRO A O   1 
ATOM   681  C CB  . PRO A 1 94  ? 6.752   -3.545  -7.662  1.00 60.58  ? 94   PRO A CB  1 
ATOM   682  C CG  . PRO A 1 94  ? 6.466   -4.702  -6.724  1.00 62.09  ? 94   PRO A CG  1 
ATOM   683  C CD  . PRO A 1 94  ? 5.085   -5.123  -7.121  1.00 60.31  ? 94   PRO A CD  1 
ATOM   684  N N   . GLY A 1 95  ? 4.631   -2.939  -10.055 1.00 60.90  ? 95   GLY A N   1 
ATOM   685  C CA  . GLY A 1 95  ? 4.326   -2.552  -11.457 1.00 59.94  ? 95   GLY A CA  1 
ATOM   686  C C   . GLY A 1 95  ? 3.228   -3.494  -11.935 1.00 59.44  ? 95   GLY A C   1 
ATOM   687  O O   . GLY A 1 95  ? 2.834   -4.369  -11.150 1.00 59.49  ? 95   GLY A O   1 
ATOM   688  N N   . LEU A 1 96  ? 2.726   -3.348  -13.176 1.00 58.03  ? 96   LEU A N   1 
ATOM   689  C CA  . LEU A 1 96  ? 1.616   -4.222  -13.633 1.00 56.70  ? 96   LEU A CA  1 
ATOM   690  C C   . LEU A 1 96  ? 1.950   -5.229  -14.801 1.00 57.67  ? 96   LEU A C   1 
ATOM   691  O O   . LEU A 1 96  ? 2.968   -5.021  -15.478 1.00 59.01  ? 96   LEU A O   1 
ATOM   692  C CB  . LEU A 1 96  ? 0.371   -3.397  -13.911 1.00 56.71  ? 96   LEU A CB  1 
ATOM   693  C CG  . LEU A 1 96  ? 0.503   -1.972  -14.441 1.00 56.16  ? 96   LEU A CG  1 
ATOM   694  C CD1 . LEU A 1 96  ? 0.491   -1.988  -15.905 1.00 54.50  ? 96   LEU A CD1 1 
ATOM   695  C CD2 . LEU A 1 96  ? -0.673  -1.202  -14.003 1.00 56.90  ? 96   LEU A CD2 1 
ATOM   696  N N   . THR A 1 97  ? 1.169   -6.324  -15.003 1.00 55.73  ? 97   THR A N   1 
ATOM   697  C CA  . THR A 1 97  ? 1.330   -7.216  -16.135 1.00 54.83  ? 97   THR A CA  1 
ATOM   698  C C   . THR A 1 97  ? -0.063  -7.603  -16.697 1.00 55.70  ? 97   THR A C   1 
ATOM   699  O O   . THR A 1 97  ? -1.064  -7.652  -15.894 1.00 56.24  ? 97   THR A O   1 
ATOM   700  C CB  . THR A 1 97  ? 2.129   -8.489  -15.771 1.00 54.77  ? 97   THR A CB  1 
ATOM   701  O OG1 . THR A 1 97  ? 1.418   -9.330  -14.866 1.00 53.77  ? 97   THR A OG1 1 
ATOM   702  C CG2 . THR A 1 97  ? 3.446   -8.165  -15.173 1.00 55.12  ? 97   THR A CG2 1 
ATOM   703  N N   . GLU A 1 98  ? -0.177  -7.859  -18.043 1.00 54.32  ? 98   GLU A N   1 
ATOM   704  C CA  . GLU A 1 98  ? -1.491  -8.281  -18.594 1.00 51.69  ? 98   GLU A CA  1 
ATOM   705  C C   . GLU A 1 98  ? -2.025  -9.422  -17.587 1.00 52.87  ? 98   GLU A C   1 
ATOM   706  O O   . GLU A 1 98  ? -3.000  -9.220  -16.876 1.00 51.68  ? 98   GLU A O   1 
ATOM   707  C CB  . GLU A 1 98  ? -1.677  -8.319  -20.239 1.00 50.67  ? 98   GLU A CB  1 
ATOM   708  C CG  . GLU A 1 98  ? -0.804  -9.261  -21.296 1.00 47.34  ? 98   GLU A CG  1 
ATOM   709  C CD  . GLU A 1 98  ? -0.760  -8.782  -22.862 1.00 46.93  ? 98   GLU A CD  1 
ATOM   710  O OE1 . GLU A 1 98  ? -0.694  -9.565  -23.920 1.00 27.11  ? 98   GLU A OE1 1 
ATOM   711  O OE2 . GLU A 1 98  ? -0.806  -7.553  -23.040 1.00 43.10  ? 98   GLU A OE2 1 
ATOM   712  N N   . PRO A 1 99  ? -1.278  -10.540 -17.375 1.00 54.24  ? 99   PRO A N   1 
ATOM   713  C CA  . PRO A 1 99  ? -1.864  -11.553 -16.471 1.00 54.09  ? 99   PRO A CA  1 
ATOM   714  C C   . PRO A 1 99  ? -2.361  -10.973 -15.174 1.00 55.91  ? 99   PRO A C   1 
ATOM   715  O O   . PRO A 1 99  ? -3.517  -11.202 -14.842 1.00 58.45  ? 99   PRO A O   1 
ATOM   716  C CB  . PRO A 1 99  ? -0.680  -12.463 -16.148 1.00 52.83  ? 99   PRO A CB  1 
ATOM   717  C CG  . PRO A 1 99  ? 0.129   -12.412 -17.335 1.00 52.97  ? 99   PRO A CG  1 
ATOM   718  C CD  . PRO A 1 99  ? 0.044   -10.990 -17.873 1.00 54.52  ? 99   PRO A CD  1 
ATOM   719  N N   . LEU A 1 100 ? -1.505  -10.249 -14.443 1.00 55.62  ? 100  LEU A N   1 
ATOM   720  C CA  . LEU A 1 100 ? -1.768  -9.941  -13.042 1.00 55.77  ? 100  LEU A CA  1 
ATOM   721  C C   . LEU A 1 100 ? -2.997  -9.055  -12.925 1.00 57.08  ? 100  LEU A C   1 
ATOM   722  O O   . LEU A 1 100 ? -3.794  -9.189  -11.988 1.00 57.43  ? 100  LEU A O   1 
ATOM   723  C CB  . LEU A 1 100 ? -0.549  -9.281  -12.385 1.00 54.82  ? 100  LEU A CB  1 
ATOM   724  C CG  . LEU A 1 100 ? -0.706  -8.636  -10.996 1.00 55.63  ? 100  LEU A CG  1 
ATOM   725  C CD1 . LEU A 1 100 ? -1.174  -9.531  -9.872  1.00 52.23  ? 100  LEU A CD1 1 
ATOM   726  C CD2 . LEU A 1 100 ? 0.615   -8.101  -10.568 1.00 60.41  ? 100  LEU A CD2 1 
ATOM   727  N N   . LEU A 1 101 ? -3.145  -8.140  -13.877 1.00 57.68  ? 101  LEU A N   1 
ATOM   728  C CA  . LEU A 1 101 ? -4.381  -7.388  -14.064 1.00 57.79  ? 101  LEU A CA  1 
ATOM   729  C C   . LEU A 1 101 ? -5.626  -8.283  -14.400 1.00 58.97  ? 101  LEU A C   1 
ATOM   730  O O   . LEU A 1 101 ? -6.686  -8.132  -13.817 1.00 58.66  ? 101  LEU A O   1 
ATOM   731  C CB  . LEU A 1 101 ? -4.122  -6.389  -15.191 1.00 57.47  ? 101  LEU A CB  1 
ATOM   732  C CG  . LEU A 1 101 ? -3.240  -5.212  -14.801 1.00 56.94  ? 101  LEU A CG  1 
ATOM   733  C CD1 . LEU A 1 101 ? -2.595  -4.592  -15.971 1.00 54.21  ? 101  LEU A CD1 1 
ATOM   734  C CD2 . LEU A 1 101 ? -4.013  -4.150  -13.963 1.00 55.18  ? 101  LEU A CD2 1 
ATOM   735  N N   . LYS A 1 102 ? -5.491  -9.191  -15.368 1.00 60.72  ? 102  LYS A N   1 
ATOM   736  C CA  . LYS A 1 102 ? -6.545  -10.133 -15.740 1.00 62.13  ? 102  LYS A CA  1 
ATOM   737  C C   . LYS A 1 102 ? -7.030  -10.890 -14.507 1.00 62.70  ? 102  LYS A C   1 
ATOM   738  O O   . LYS A 1 102 ? -8.225  -10.871 -14.185 1.00 63.81  ? 102  LYS A O   1 
ATOM   739  C CB  . LYS A 1 102 ? -6.001  -11.123 -16.768 1.00 62.63  ? 102  LYS A CB  1 
ATOM   740  C CG  . LYS A 1 102 ? -6.823  -12.381 -16.935 1.00 63.32  ? 102  LYS A CG  1 
ATOM   741  C CD  . LYS A 1 102 ? -6.901  -12.748 -18.430 1.00 67.32  ? 102  LYS A CD  1 
ATOM   742  C CE  . LYS A 1 102 ? -6.985  -14.265 -18.632 1.00 68.52  ? 102  LYS A CE  1 
ATOM   743  N NZ  . LYS A 1 102 ? -8.201  -14.825 -17.910 1.00 70.92  ? 102  LYS A NZ  1 
ATOM   744  N N   . ALA A 1 103 ? -6.083  -11.516 -13.811 1.00 62.05  ? 103  ALA A N   1 
ATOM   745  C CA  . ALA A 1 103 ? -6.364  -12.293 -12.638 1.00 61.69  ? 103  ALA A CA  1 
ATOM   746  C C   . ALA A 1 103 ? -7.017  -11.502 -11.484 1.00 61.90  ? 103  ALA A C   1 
ATOM   747  O O   . ALA A 1 103 ? -7.903  -12.023 -10.812 1.00 62.29  ? 103  ALA A O   1 
ATOM   748  C CB  . ALA A 1 103 ? -5.117  -12.894 -12.194 1.00 61.39  ? 103  ALA A CB  1 
ATOM   749  N N   . ALA A 1 104 ? -6.589  -10.255 -11.265 1.00 61.93  ? 104  ALA A N   1 
ATOM   750  C CA  . ALA A 1 104 ? -7.035  -9.425  -10.138 1.00 61.62  ? 104  ALA A CA  1 
ATOM   751  C C   . ALA A 1 104 ? -8.442  -8.981  -10.410 1.00 61.96  ? 104  ALA A C   1 
ATOM   752  O O   . ALA A 1 104 ? -9.264  -8.823  -9.496  1.00 62.76  ? 104  ALA A O   1 
ATOM   753  C CB  . ALA A 1 104 ? -6.158  -8.240  -9.991  1.00 60.10  ? 104  ALA A CB  1 
ATOM   754  N N   . THR A 1 105 ? -8.739  -8.856  -11.691 1.00 62.08  ? 105  THR A N   1 
ATOM   755  C CA  . THR A 1 105 ? -10.009 -8.352  -12.143 1.00 62.69  ? 105  THR A CA  1 
ATOM   756  C C   . THR A 1 105 ? -11.065 -9.391  -11.996 1.00 63.25  ? 105  THR A C   1 
ATOM   757  O O   . THR A 1 105 ? -12.253 -9.105  -11.942 1.00 63.28  ? 105  THR A O   1 
ATOM   758  C CB  . THR A 1 105 ? -9.828  -7.932  -13.570 1.00 62.59  ? 105  THR A CB  1 
ATOM   759  O OG1 . THR A 1 105 ? -9.947  -6.511  -13.600 1.00 63.39  ? 105  THR A OG1 1 
ATOM   760  C CG2 . THR A 1 105 ? -10.834 -8.595  -14.559 1.00 64.23  ? 105  THR A CG2 1 
ATOM   761  N N   . GLU A 1 106 ? -10.572 -10.619 -11.948 1.00 64.29  ? 106  GLU A N   1 
ATOM   762  C CA  . GLU A 1 106 ? -11.327 -11.840 -11.791 1.00 64.88  ? 106  GLU A CA  1 
ATOM   763  C C   . GLU A 1 106 ? -11.528 -12.197 -10.300 1.00 64.96  ? 106  GLU A C   1 
ATOM   764  O O   . GLU A 1 106 ? -12.533 -12.826 -9.948  1.00 65.31  ? 106  GLU A O   1 
ATOM   765  C CB  . GLU A 1 106 ? -10.530 -12.969 -12.489 1.00 65.33  ? 106  GLU A CB  1 
ATOM   766  C CG  . GLU A 1 106 ? -11.159 -13.544 -13.741 1.00 67.96  ? 106  GLU A CG  1 
ATOM   767  C CD  . GLU A 1 106 ? -10.187 -13.659 -14.898 1.00 72.08  ? 106  GLU A CD  1 
ATOM   768  O OE1 . GLU A 1 106 ? -9.101  -14.258 -14.696 1.00 72.39  ? 106  GLU A OE1 1 
ATOM   769  O OE2 . GLU A 1 106 ? -10.526 -13.137 -16.012 1.00 75.26  ? 106  GLU A OE2 1 
ATOM   770  N N   . GLY A 1 107 ? -10.570 -11.839 -9.432  1.00 63.95  ? 107  GLY A N   1 
ATOM   771  C CA  . GLY A 1 107 ? -10.653 -12.217 -8.029  1.00 62.86  ? 107  GLY A CA  1 
ATOM   772  C C   . GLY A 1 107 ? -11.489 -11.249 -7.215  1.00 62.61  ? 107  GLY A C   1 
ATOM   773  O O   . GLY A 1 107 ? -12.107 -10.322 -7.756  1.00 62.60  ? 107  GLY A O   1 
ATOM   774  N N   . THR A 1 108 ? -11.450 -11.439 -5.899  1.00 62.23  ? 108  THR A N   1 
ATOM   775  C CA  . THR A 1 108 ? -12.443 -10.927 -4.944  1.00 61.82  ? 108  THR A CA  1 
ATOM   776  C C   . THR A 1 108 ? -11.997 -9.684  -4.148  1.00 63.00  ? 108  THR A C   1 
ATOM   777  O O   . THR A 1 108 ? -12.799 -9.149  -3.347  1.00 64.15  ? 108  THR A O   1 
ATOM   778  C CB  . THR A 1 108 ? -12.834 -12.058 -3.943  1.00 61.36  ? 108  THR A CB  1 
ATOM   779  O OG1 . THR A 1 108 ? -11.710 -12.431 -3.102  1.00 62.20  ? 108  THR A OG1 1 
ATOM   780  C CG2 . THR A 1 108 ? -13.271 -13.300 -4.679  1.00 60.81  ? 108  THR A CG2 1 
ATOM   781  N N   . ILE A 1 109 ? -10.731 -9.225  -4.341  1.00 63.47  ? 109  ILE A N   1 
ATOM   782  C CA  . ILE A 1 109 ? -10.128 -8.045  -3.603  1.00 62.52  ? 109  ILE A CA  1 
ATOM   783  C C   . ILE A 1 109 ? -9.443  -7.093  -4.546  1.00 61.45  ? 109  ILE A C   1 
ATOM   784  O O   . ILE A 1 109 ? -8.855  -7.559  -5.492  1.00 61.37  ? 109  ILE A O   1 
ATOM   785  C CB  . ILE A 1 109 ? -9.044  -8.437  -2.573  1.00 62.65  ? 109  ILE A CB  1 
ATOM   786  C CG1 . ILE A 1 109 ? -7.907  -9.218  -3.256  1.00 62.18  ? 109  ILE A CG1 1 
ATOM   787  C CG2 . ILE A 1 109 ? -9.677  -9.179  -1.419  1.00 62.69  ? 109  ILE A CG2 1 
ATOM   788  C CD1 . ILE A 1 109 ? -6.705  -9.405  -2.344  1.00 63.49  ? 109  ILE A CD1 1 
ATOM   789  N N   . PRO A 1 110 ? -9.498  -5.782  -4.269  1.00 60.09  ? 110  PRO A N   1 
ATOM   790  C CA  . PRO A 1 110 ? -8.933  -4.769  -5.136  1.00 60.06  ? 110  PRO A CA  1 
ATOM   791  C C   . PRO A 1 110 ? -7.427  -4.792  -5.182  1.00 59.80  ? 110  PRO A C   1 
ATOM   792  O O   . PRO A 1 110 ? -6.772  -4.942  -4.144  1.00 60.51  ? 110  PRO A O   1 
ATOM   793  C CB  . PRO A 1 110 ? -9.363  -3.458  -4.474  1.00 60.12  ? 110  PRO A CB  1 
ATOM   794  C CG  . PRO A 1 110 ? -9.614  -3.807  -3.081  1.00 59.45  ? 110  PRO A CG  1 
ATOM   795  C CD  . PRO A 1 110 ? -10.111 -5.196  -3.078  1.00 59.59  ? 110  PRO A CD  1 
ATOM   796  N N   . LEU A 1 111 ? -6.870  -4.586  -6.371  1.00 59.32  ? 111  LEU A N   1 
ATOM   797  C CA  . LEU A 1 111 ? -5.413  -4.470  -6.523  1.00 58.13  ? 111  LEU A CA  1 
ATOM   798  C C   . LEU A 1 111 ? -5.048  -3.074  -7.009  1.00 58.66  ? 111  LEU A C   1 
ATOM   799  O O   . LEU A 1 111 ? -5.534  -2.651  -8.059  1.00 59.03  ? 111  LEU A O   1 
ATOM   800  C CB  . LEU A 1 111 ? -4.925  -5.476  -7.516  1.00 56.72  ? 111  LEU A CB  1 
ATOM   801  C CG  . LEU A 1 111 ? -3.560  -5.195  -8.099  1.00 55.74  ? 111  LEU A CG  1 
ATOM   802  C CD1 . LEU A 1 111 ? -2.374  -5.518  -7.114  1.00 48.76  ? 111  LEU A CD1 1 
ATOM   803  C CD2 . LEU A 1 111 ? -3.485  -5.881  -9.520  1.00 51.05  ? 111  LEU A CD2 1 
ATOM   804  N N   . ILE A 1 112 ? -4.200  -2.374  -6.244  1.00 58.64  ? 112  ILE A N   1 
ATOM   805  C CA  . ILE A 1 112 ? -3.756  -1.039  -6.574  1.00 58.43  ? 112  ILE A CA  1 
ATOM   806  C C   . ILE A 1 112 ? -2.345  -1.264  -7.060  1.00 58.37  ? 112  ILE A C   1 
ATOM   807  O O   . ILE A 1 112 ? -1.446  -1.405  -6.227  1.00 60.76  ? 112  ILE A O   1 
ATOM   808  C CB  . ILE A 1 112 ? -3.679  -0.157  -5.325  1.00 58.26  ? 112  ILE A CB  1 
ATOM   809  C CG1 . ILE A 1 112 ? -5.046  -0.038  -4.638  1.00 57.62  ? 112  ILE A CG1 1 
ATOM   810  C CG2 . ILE A 1 112 ? -3.256  1.249   -5.712  1.00 60.94  ? 112  ILE A CG2 1 
ATOM   811  C CD1 . ILE A 1 112 ? -5.178  -0.818  -3.294  1.00 50.97  ? 112  ILE A CD1 1 
ATOM   812  N N   . PRO A 1 113 ? -2.132  -1.338  -8.398  1.00 57.46  ? 113  PRO A N   1 
ATOM   813  C CA  . PRO A 1 113 ? -0.802  -1.699  -8.900  1.00 55.67  ? 113  PRO A CA  1 
ATOM   814  C C   . PRO A 1 113 ? 0.036   -0.477  -9.214  1.00 54.26  ? 113  PRO A C   1 
ATOM   815  O O   . PRO A 1 113 ? -0.532  0.553   -9.615  1.00 52.56  ? 113  PRO A O   1 
ATOM   816  C CB  . PRO A 1 113 ? -1.126  -2.402  -10.211 1.00 56.07  ? 113  PRO A CB  1 
ATOM   817  C CG  . PRO A 1 113 ? -2.434  -1.688  -10.724 1.00 56.15  ? 113  PRO A CG  1 
ATOM   818  C CD  . PRO A 1 113 ? -3.104  -1.096  -9.505  1.00 57.16  ? 113  PRO A CD  1 
ATOM   819  N N   . GLY A 1 114 ? 1.363   -0.617  -9.044  1.00 53.92  ? 114  GLY A N   1 
ATOM   820  C CA  . GLY A 1 114 ? 2.341   0.436   -9.319  1.00 53.17  ? 114  GLY A CA  1 
ATOM   821  C C   . GLY A 1 114 ? 2.509   0.751   -10.796 1.00 53.86  ? 114  GLY A C   1 
ATOM   822  O O   . GLY A 1 114 ? 2.396   -0.176  -11.659 1.00 54.39  ? 114  GLY A O   1 
ATOM   823  N N   . ILE A 1 115 ? 2.743   2.037   -11.105 1.00 53.35  ? 115  ILE A N   1 
ATOM   824  C CA  . ILE A 1 115 ? 3.055   2.475   -12.488 1.00 54.16  ? 115  ILE A CA  1 
ATOM   825  C C   . ILE A 1 115 ? 4.260   3.440   -12.576 1.00 54.95  ? 115  ILE A C   1 
ATOM   826  O O   . ILE A 1 115 ? 4.657   4.001   -11.589 1.00 56.53  ? 115  ILE A O   1 
ATOM   827  C CB  . ILE A 1 115 ? 1.798   3.108   -13.236 1.00 54.07  ? 115  ILE A CB  1 
ATOM   828  C CG1 . ILE A 1 115 ? 1.455   4.542   -12.715 1.00 55.92  ? 115  ILE A CG1 1 
ATOM   829  C CG2 . ILE A 1 115 ? 0.599   2.192   -13.225 1.00 50.40  ? 115  ILE A CG2 1 
ATOM   830  C CD1 . ILE A 1 115 ? 2.027   5.764   -13.649 1.00 53.41  ? 115  ILE A CD1 1 
ATOM   831  N N   . SER A 1 116 ? 4.823   3.671   -13.751 1.00 55.72  ? 116  SER A N   1 
ATOM   832  C CA  . SER A 1 116 ? 5.836   4.721   -13.890 1.00 56.13  ? 116  SER A CA  1 
ATOM   833  C C   . SER A 1 116 ? 5.568   5.574   -15.104 1.00 57.11  ? 116  SER A C   1 
ATOM   834  O O   . SER A 1 116 ? 5.926   6.766   -15.118 1.00 58.38  ? 116  SER A O   1 
ATOM   835  C CB  . SER A 1 116 ? 7.191   4.120   -14.154 1.00 55.31  ? 116  SER A CB  1 
ATOM   836  O OG  . SER A 1 116 ? 7.581   3.365   -13.077 1.00 54.88  ? 116  SER A OG  1 
ATOM   837  N N   . THR A 1 117 ? 5.050   4.962   -16.163 1.00 56.80  ? 117  THR A N   1 
ATOM   838  C CA  . THR A 1 117 ? 4.906   5.697   -17.394 1.00 57.52  ? 117  THR A CA  1 
ATOM   839  C C   . THR A 1 117 ? 3.443   5.800   -17.656 1.00 57.31  ? 117  THR A C   1 
ATOM   840  O O   . THR A 1 117 ? 2.695   5.083   -17.045 1.00 57.39  ? 117  THR A O   1 
ATOM   841  C CB  . THR A 1 117 ? 5.501   4.965   -18.588 1.00 57.41  ? 117  THR A CB  1 
ATOM   842  O OG1 . THR A 1 117 ? 4.841   3.714   -18.699 1.00 57.75  ? 117  THR A OG1 1 
ATOM   843  C CG2 . THR A 1 117 ? 6.974   4.746   -18.413 1.00 56.71  ? 117  THR A CG2 1 
ATOM   844  N N   . VAL A 1 118 ? 3.046   6.671   -18.583 1.00 57.82  ? 118  VAL A N   1 
ATOM   845  C CA  . VAL A 1 118 ? 1.628   6.787   -18.949 1.00 57.86  ? 118  VAL A CA  1 
ATOM   846  C C   . VAL A 1 118 ? 1.148   5.534   -19.683 1.00 58.60  ? 118  VAL A C   1 
ATOM   847  O O   . VAL A 1 118 ? 0.042   5.047   -19.389 1.00 57.96  ? 118  VAL A O   1 
ATOM   848  C CB  . VAL A 1 118 ? 1.230   8.091   -19.685 1.00 56.59  ? 118  VAL A CB  1 
ATOM   849  C CG1 . VAL A 1 118 ? 1.480   9.235   -18.775 1.00 55.90  ? 118  VAL A CG1 1 
ATOM   850  C CG2 . VAL A 1 118 ? 1.968   8.256   -20.983 1.00 55.68  ? 118  VAL A CG2 1 
ATOM   851  N N   . SER A 1 119 ? 1.989   4.988   -20.579 1.00 59.18  ? 119  SER A N   1 
ATOM   852  C CA  . SER A 1 119 ? 1.623   3.707   -21.255 1.00 59.04  ? 119  SER A CA  1 
ATOM   853  C C   . SER A 1 119 ? 1.222   2.669   -20.176 1.00 58.98  ? 119  SER A C   1 
ATOM   854  O O   . SER A 1 119 ? 0.300   1.898   -20.372 1.00 58.94  ? 119  SER A O   1 
ATOM   855  C CB  . SER A 1 119 ? 2.755   3.175   -22.158 1.00 58.26  ? 119  SER A CB  1 
ATOM   856  O OG  . SER A 1 119 ? 3.245   4.217   -23.011 1.00 58.70  ? 119  SER A OG  1 
ATOM   857  N N   . GLU A 1 120 ? 1.866   2.733   -19.003 1.00 58.99  ? 120  GLU A N   1 
ATOM   858  C CA  . GLU A 1 120 ? 1.652   1.738   -17.964 1.00 58.00  ? 120  GLU A CA  1 
ATOM   859  C C   . GLU A 1 120 ? 0.304   2.010   -17.382 1.00 57.05  ? 120  GLU A C   1 
ATOM   860  O O   . GLU A 1 120 ? -0.559  1.155   -17.482 1.00 57.65  ? 120  GLU A O   1 
ATOM   861  C CB  . GLU A 1 120 ? 2.803   1.673   -16.944 1.00 57.77  ? 120  GLU A CB  1 
ATOM   862  C CG  . GLU A 1 120 ? 3.963   0.800   -17.456 1.00 56.23  ? 120  GLU A CG  1 
ATOM   863  C CD  . GLU A 1 120 ? 5.299   0.950   -16.705 1.00 58.98  ? 120  GLU A CD  1 
ATOM   864  O OE1 . GLU A 1 120 ? 6.313   0.537   -17.318 1.00 56.05  ? 120  GLU A OE1 1 
ATOM   865  O OE2 . GLU A 1 120 ? 5.372   1.451   -15.520 1.00 63.00  ? 120  GLU A OE2 1 
ATOM   866  N N   . LEU A 1 121 ? 0.096   3.208   -16.848 1.00 56.41  ? 121  LEU A N   1 
ATOM   867  C CA  . LEU A 1 121 ? -1.222  3.658   -16.399 1.00 55.85  ? 121  LEU A CA  1 
ATOM   868  C C   . LEU A 1 121 ? -2.386  3.186   -17.341 1.00 57.25  ? 121  LEU A C   1 
ATOM   869  O O   . LEU A 1 121 ? -3.383  2.579   -16.868 1.00 56.87  ? 121  LEU A O   1 
ATOM   870  C CB  . LEU A 1 121 ? -1.183  5.175   -16.303 1.00 54.78  ? 121  LEU A CB  1 
ATOM   871  C CG  . LEU A 1 121 ? -2.455  5.908   -15.982 1.00 53.22  ? 121  LEU A CG  1 
ATOM   872  C CD1 . LEU A 1 121 ? -2.758  5.647   -14.507 1.00 52.89  ? 121  LEU A CD1 1 
ATOM   873  C CD2 . LEU A 1 121 ? -2.199  7.363   -16.201 1.00 52.00  ? 121  LEU A CD2 1 
ATOM   874  N N   . MET A 1 122 ? -2.204  3.435   -18.669 1.00 57.87  ? 122  MET A N   1 
ATOM   875  C CA  . MET A 1 122 ? -3.205  3.205   -19.720 1.00 56.82  ? 122  MET A CA  1 
ATOM   876  C C   . MET A 1 122 ? -3.545  1.765   -19.800 1.00 58.13  ? 122  MET A C   1 
ATOM   877  O O   . MET A 1 122 ? -4.715  1.433   -19.858 1.00 59.74  ? 122  MET A O   1 
ATOM   878  C CB  . MET A 1 122 ? -2.767  3.711   -21.090 1.00 55.13  ? 122  MET A CB  1 
ATOM   879  C CG  . MET A 1 122 ? -3.028  5.166   -21.286 1.00 53.03  ? 122  MET A CG  1 
ATOM   880  S SD  . MET A 1 122 ? -2.159  5.808   -22.706 1.00 57.08  ? 122  MET A SD  1 
ATOM   881  C CE  . MET A 1 122 ? -3.048  5.095   -24.071 1.00 61.90  ? 122  MET A CE  1 
ATOM   882  N N   . LEU A 1 123 ? -2.545  0.898   -19.796 1.00 58.88  ? 123  LEU A N   1 
ATOM   883  C CA  . LEU A 1 123 ? -2.814  -0.518  -19.770 1.00 59.81  ? 123  LEU A CA  1 
ATOM   884  C C   . LEU A 1 123 ? -3.670  -0.951  -18.590 1.00 61.24  ? 123  LEU A C   1 
ATOM   885  O O   . LEU A 1 123 ? -4.575  -1.796  -18.770 1.00 62.11  ? 123  LEU A O   1 
ATOM   886  C CB  . LEU A 1 123 ? -1.528  -1.309  -19.672 1.00 60.50  ? 123  LEU A CB  1 
ATOM   887  C CG  . LEU A 1 123 ? -1.544  -2.843  -19.421 1.00 59.55  ? 123  LEU A CG  1 
ATOM   888  C CD1 . LEU A 1 123 ? -2.320  -3.608  -20.467 1.00 57.25  ? 123  LEU A CD1 1 
ATOM   889  C CD2 . LEU A 1 123 ? -0.090  -3.338  -19.360 1.00 58.91  ? 123  LEU A CD2 1 
ATOM   890  N N   . GLY A 1 124 ? -3.381  -0.421  -17.397 1.00 60.86  ? 124  GLY A N   1 
ATOM   891  C CA  . GLY A 1 124 ? -4.175  -0.800  -16.241 1.00 61.43  ? 124  GLY A CA  1 
ATOM   892  C C   . GLY A 1 124 ? -5.563  -0.181  -16.315 1.00 61.82  ? 124  GLY A C   1 
ATOM   893  O O   . GLY A 1 124 ? -6.522  -0.702  -15.741 1.00 61.69  ? 124  GLY A O   1 
ATOM   894  N N   . MET A 1 125 ? -5.656  0.964   -16.986 1.00 62.65  ? 125  MET A N   1 
ATOM   895  C CA  . MET A 1 125 ? -6.917  1.687   -17.118 1.00 63.54  ? 125  MET A CA  1 
ATOM   896  C C   . MET A 1 125 ? -7.809  0.890   -18.051 1.00 63.85  ? 125  MET A C   1 
ATOM   897  O O   . MET A 1 125 ? -9.045  0.953   -17.939 1.00 63.91  ? 125  MET A O   1 
ATOM   898  C CB  . MET A 1 125 ? -6.686  3.084   -17.675 1.00 62.83  ? 125  MET A CB  1 
ATOM   899  C CG  . MET A 1 125 ? -6.670  4.124   -16.603 1.00 63.61  ? 125  MET A CG  1 
ATOM   900  S SD  . MET A 1 125 ? -6.276  5.862   -17.071 1.00 65.05  ? 125  MET A SD  1 
ATOM   901  C CE  . MET A 1 125 ? -6.942  6.048   -18.741 1.00 62.47  ? 125  MET A CE  1 
ATOM   902  N N   . ASP A 1 126 ? -7.173  0.125   -18.959 1.00 64.16  ? 126  ASP A N   1 
ATOM   903  C CA  . ASP A 1 126 ? -7.895  -0.699  -19.938 1.00 64.41  ? 126  ASP A CA  1 
ATOM   904  C C   . ASP A 1 126 ? -8.678  -1.770  -19.152 1.00 63.54  ? 126  ASP A C   1 
ATOM   905  O O   . ASP A 1 126 ? -9.744  -2.194  -19.543 1.00 63.97  ? 126  ASP A O   1 
ATOM   906  C CB  . ASP A 1 126 ? -6.957  -1.332  -21.000 1.00 64.81  ? 126  ASP A CB  1 
ATOM   907  C CG  . ASP A 1 126 ? -6.685  -0.417  -22.199 1.00 66.46  ? 126  ASP A CG  1 
ATOM   908  O OD1 . ASP A 1 126 ? -5.730  -0.726  -23.000 1.00 63.92  ? 126  ASP A OD1 1 
ATOM   909  O OD2 . ASP A 1 126 ? -7.455  0.588   -22.340 1.00 67.10  ? 126  ASP A OD2 1 
ATOM   910  N N   . TYR A 1 127 ? -8.187  -2.178  -18.016 1.00 62.15  ? 127  TYR A N   1 
ATOM   911  C CA  . TYR A 1 127 ? -8.934  -3.155  -17.324 1.00 62.02  ? 127  TYR A CA  1 
ATOM   912  C C   . TYR A 1 127 ? -9.871  -2.537  -16.327 1.00 62.18  ? 127  TYR A C   1 
ATOM   913  O O   . TYR A 1 127 ? -10.304 -3.216  -15.407 1.00 62.76  ? 127  TYR A O   1 
ATOM   914  C CB  . TYR A 1 127 ? -7.998  -4.042  -16.587 1.00 62.04  ? 127  TYR A CB  1 
ATOM   915  C CG  . TYR A 1 127 ? -7.223  -5.027  -17.421 1.00 62.56  ? 127  TYR A CG  1 
ATOM   916  C CD1 . TYR A 1 127 ? -6.015  -4.692  -17.987 1.00 60.39  ? 127  TYR A CD1 1 
ATOM   917  C CD2 . TYR A 1 127 ? -7.685  -6.340  -17.566 1.00 64.49  ? 127  TYR A CD2 1 
ATOM   918  C CE1 . TYR A 1 127 ? -5.284  -5.635  -18.718 1.00 62.31  ? 127  TYR A CE1 1 
ATOM   919  C CE2 . TYR A 1 127 ? -6.968  -7.284  -18.275 1.00 64.78  ? 127  TYR A CE2 1 
ATOM   920  C CZ  . TYR A 1 127 ? -5.763  -6.928  -18.843 1.00 63.47  ? 127  TYR A CZ  1 
ATOM   921  O OH  . TYR A 1 127 ? -5.078  -7.897  -19.536 1.00 62.47  ? 127  TYR A OH  1 
ATOM   922  N N   . GLY A 1 128 ? -10.189 -1.259  -16.475 1.00 61.91  ? 128  GLY A N   1 
ATOM   923  C CA  . GLY A 1 128 ? -11.182 -0.647  -15.597 1.00 61.66  ? 128  GLY A CA  1 
ATOM   924  C C   . GLY A 1 128 ? -10.635 -0.023  -14.335 1.00 62.09  ? 128  GLY A C   1 
ATOM   925  O O   . GLY A 1 128 ? -11.385 0.478   -13.505 1.00 62.30  ? 128  GLY A O   1 
ATOM   926  N N   . LEU A 1 129 ? -9.318  -0.038  -14.167 1.00 62.54  ? 129  LEU A N   1 
ATOM   927  C CA  . LEU A 1 129 ? -8.720  0.523   -12.948 1.00 62.23  ? 129  LEU A CA  1 
ATOM   928  C C   . LEU A 1 129 ? -8.662  2.042   -13.012 1.00 63.14  ? 129  LEU A C   1 
ATOM   929  O O   . LEU A 1 129 ? -8.652  2.653   -14.112 1.00 63.94  ? 129  LEU A O   1 
ATOM   930  C CB  . LEU A 1 129 ? -7.335  -0.079  -12.710 1.00 61.15  ? 129  LEU A CB  1 
ATOM   931  C CG  . LEU A 1 129 ? -7.442  -1.371  -11.890 1.00 60.53  ? 129  LEU A CG  1 
ATOM   932  C CD1 . LEU A 1 129 ? -8.435  -2.331  -12.423 1.00 57.39  ? 129  LEU A CD1 1 
ATOM   933  C CD2 . LEU A 1 129 ? -6.151  -2.130  -11.680 1.00 61.74  ? 129  LEU A CD2 1 
ATOM   934  N N   . LYS A 1 130 ? -8.603  2.646   -11.836 1.00 62.90  ? 130  LYS A N   1 
ATOM   935  C CA  . LYS A 1 130 ? -8.526  4.099   -11.705 1.00 62.87  ? 130  LYS A CA  1 
ATOM   936  C C   . LYS A 1 130 ? -7.621  4.548   -10.512 1.00 62.53  ? 130  LYS A C   1 
ATOM   937  O O   . LYS A 1 130 ? -7.354  5.763   -10.346 1.00 63.09  ? 130  LYS A O   1 
ATOM   938  C CB  . LYS A 1 130 ? -9.938  4.651   -11.556 1.00 62.59  ? 130  LYS A CB  1 
ATOM   939  C CG  . LYS A 1 130 ? -10.769 4.004   -10.334 1.00 66.00  ? 130  LYS A CG  1 
ATOM   940  C CD  . LYS A 1 130 ? -11.172 2.375   -10.311 1.00 68.60  ? 130  LYS A CD  1 
ATOM   941  C CE  . LYS A 1 130 ? -12.499 1.979   -9.389  1.00 65.67  ? 130  LYS A CE  1 
ATOM   942  N NZ  . LYS A 1 130 ? -12.407 0.829   -8.407  1.00 61.27  ? 130  LYS A NZ  1 
ATOM   943  N N   . GLU A 1 131 ? -7.177  3.575   -9.699  1.00 60.72  ? 131  GLU A N   1 
ATOM   944  C CA  . GLU A 1 131 ? -6.294  3.794   -8.562  1.00 59.59  ? 131  GLU A CA  1 
ATOM   945  C C   . GLU A 1 131 ? -4.913  3.197   -8.718  1.00 57.81  ? 131  GLU A C   1 
ATOM   946  O O   . GLU A 1 131 ? -4.812  2.045   -9.099  1.00 57.83  ? 131  GLU A O   1 
ATOM   947  C CB  . GLU A 1 131 ? -6.921  3.175   -7.358  1.00 59.78  ? 131  GLU A CB  1 
ATOM   948  C CG  . GLU A 1 131 ? -7.380  4.215   -6.410  1.00 64.17  ? 131  GLU A CG  1 
ATOM   949  C CD  . GLU A 1 131 ? -8.704  4.788   -6.793  1.00 73.06  ? 131  GLU A CD  1 
ATOM   950  O OE1 . GLU A 1 131 ? -9.056  5.831   -6.209  1.00 76.52  ? 131  GLU A OE1 1 
ATOM   951  O OE2 . GLU A 1 131 ? -9.418  4.203   -7.659  1.00 78.19  ? 131  GLU A OE2 1 
ATOM   952  N N   . PHE A 1 132 ? -3.844  3.940   -8.438  1.00 55.72  ? 132  PHE A N   1 
ATOM   953  C CA  . PHE A 1 132 ? -2.526  3.370   -8.704  1.00 54.79  ? 132  PHE A CA  1 
ATOM   954  C C   . PHE A 1 132 ? -1.455  3.709   -7.706  1.00 54.74  ? 132  PHE A C   1 
ATOM   955  O O   . PHE A 1 132 ? -1.378  4.844   -7.293  1.00 56.53  ? 132  PHE A O   1 
ATOM   956  C CB  . PHE A 1 132 ? -2.082  3.814   -10.068 1.00 54.59  ? 132  PHE A CB  1 
ATOM   957  C CG  . PHE A 1 132 ? -2.958  3.280   -11.206 1.00 55.18  ? 132  PHE A CG  1 
ATOM   958  C CD1 . PHE A 1 132 ? -4.130  3.942   -11.580 1.00 53.93  ? 132  PHE A CD1 1 
ATOM   959  C CD2 . PHE A 1 132 ? -2.599  2.107   -11.907 1.00 53.87  ? 132  PHE A CD2 1 
ATOM   960  C CE1 . PHE A 1 132 ? -4.929  3.443   -12.614 1.00 55.62  ? 132  PHE A CE1 1 
ATOM   961  C CE2 . PHE A 1 132 ? -3.396  1.613   -12.961 1.00 52.84  ? 132  PHE A CE2 1 
ATOM   962  C CZ  . PHE A 1 132 ? -4.550  2.279   -13.326 1.00 53.49  ? 132  PHE A CZ  1 
ATOM   963  N N   . LYS A 1 133 ? -0.650  2.744   -7.271  1.00 54.05  ? 133  LYS A N   1 
ATOM   964  C CA  . LYS A 1 133 ? 0.702   3.034   -6.669  1.00 53.90  ? 133  LYS A CA  1 
ATOM   965  C C   . LYS A 1 133 ? 1.415   3.753   -7.834  1.00 54.18  ? 133  LYS A C   1 
ATOM   966  O O   . LYS A 1 133 ? 1.219   3.399   -9.050  1.00 53.63  ? 133  LYS A O   1 
ATOM   967  C CB  . LYS A 1 133 ? 1.416   1.707   -6.181  1.00 53.10  ? 133  LYS A CB  1 
ATOM   968  C CG  . LYS A 1 133 ? 2.876   1.654   -5.557  1.00 52.86  ? 133  LYS A CG  1 
ATOM   969  C CD  . LYS A 1 133 ? 3.214   0.111   -5.044  1.00 54.47  ? 133  LYS A CD  1 
ATOM   970  C CE  . LYS A 1 133 ? 4.585   -0.177  -4.344  1.00 53.52  ? 133  LYS A CE  1 
ATOM   971  N NZ  . LYS A 1 133 ? 4.782   -1.534  -3.708  1.00 52.05  ? 133  LYS A NZ  1 
ATOM   972  N N   . PHE A 1 134 ? 2.152   4.805   -7.486  1.00 53.81  ? 134  PHE A N   1 
ATOM   973  C CA  . PHE A 1 134 ? 3.048   5.412   -8.421  1.00 54.62  ? 134  PHE A CA  1 
ATOM   974  C C   . PHE A 1 134 ? 4.410   5.185   -7.838  1.00 55.55  ? 134  PHE A C   1 
ATOM   975  O O   . PHE A 1 134 ? 4.705   5.698   -6.727  1.00 56.97  ? 134  PHE A O   1 
ATOM   976  C CB  . PHE A 1 134 ? 2.806   6.877   -8.450  1.00 55.19  ? 134  PHE A CB  1 
ATOM   977  C CG  . PHE A 1 134 ? 3.847   7.634   -9.226  1.00 57.41  ? 134  PHE A CG  1 
ATOM   978  C CD1 . PHE A 1 134 ? 3.777   7.721   -10.624 1.00 58.39  ? 134  PHE A CD1 1 
ATOM   979  C CD2 . PHE A 1 134 ? 4.900   8.273   -8.576  1.00 58.62  ? 134  PHE A CD2 1 
ATOM   980  C CE1 . PHE A 1 134 ? 4.766   8.428   -11.391 1.00 58.53  ? 134  PHE A CE1 1 
ATOM   981  C CE2 . PHE A 1 134 ? 5.880   9.006   -9.327  1.00 61.07  ? 134  PHE A CE2 1 
ATOM   982  C CZ  . PHE A 1 134 ? 5.817   9.073   -10.734 1.00 58.70  ? 134  PHE A CZ  1 
ATOM   983  N N   . PHE A 1 135 ? 5.256   4.443   -8.550  1.00 55.43  ? 135  PHE A N   1 
ATOM   984  C CA  . PHE A 1 135 ? 6.445   3.806   -7.931  1.00 56.25  ? 135  PHE A CA  1 
ATOM   985  C C   . PHE A 1 135 ? 7.559   3.449   -8.954  1.00 57.39  ? 135  PHE A C   1 
ATOM   986  O O   . PHE A 1 135 ? 7.245   2.962   -10.079 1.00 58.00  ? 135  PHE A O   1 
ATOM   987  C CB  . PHE A 1 135 ? 6.033   2.529   -7.221  1.00 55.99  ? 135  PHE A CB  1 
ATOM   988  C CG  . PHE A 1 135 ? 7.171   1.771   -6.673  1.00 56.82  ? 135  PHE A CG  1 
ATOM   989  C CD1 . PHE A 1 135 ? 7.582   1.953   -5.367  1.00 63.00  ? 135  PHE A CD1 1 
ATOM   990  C CD2 . PHE A 1 135 ? 7.847   0.867   -7.434  1.00 57.78  ? 135  PHE A CD2 1 
ATOM   991  C CE1 . PHE A 1 135 ? 8.690   1.233   -4.846  1.00 61.85  ? 135  PHE A CE1 1 
ATOM   992  C CE2 . PHE A 1 135 ? 8.953   0.152   -6.927  1.00 58.56  ? 135  PHE A CE2 1 
ATOM   993  C CZ  . PHE A 1 135 ? 9.358   0.340   -5.642  1.00 58.27  ? 135  PHE A CZ  1 
ATOM   994  N N   . PRO A 1 136 ? 8.853   3.642   -8.575  1.00 57.72  ? 136  PRO A N   1 
ATOM   995  C CA  . PRO A 1 136 ? 9.252   4.259   -7.295  1.00 57.93  ? 136  PRO A CA  1 
ATOM   996  C C   . PRO A 1 136 ? 9.126   5.761   -7.409  1.00 58.01  ? 136  PRO A C   1 
ATOM   997  O O   . PRO A 1 136 ? 9.940   6.365   -8.045  1.00 59.10  ? 136  PRO A O   1 
ATOM   998  C CB  . PRO A 1 136 ? 10.733  3.850   -7.124  1.00 57.53  ? 136  PRO A CB  1 
ATOM   999  C CG  . PRO A 1 136 ? 11.150  3.143   -8.435  1.00 57.83  ? 136  PRO A CG  1 
ATOM   1000 C CD  . PRO A 1 136 ? 10.018  3.262   -9.414  1.00 57.63  ? 136  PRO A CD  1 
ATOM   1001 N N   . ALA A 1 137 ? 8.115   6.354   -6.801  1.00 58.69  ? 137  ALA A N   1 
ATOM   1002 C CA  . ALA A 1 137 ? 7.948   7.801   -6.788  1.00 59.68  ? 137  ALA A CA  1 
ATOM   1003 C C   . ALA A 1 137 ? 9.194   8.659   -7.012  1.00 60.64  ? 137  ALA A C   1 
ATOM   1004 O O   . ALA A 1 137 ? 9.366   9.210   -8.096  1.00 59.62  ? 137  ALA A O   1 
ATOM   1005 C CB  . ALA A 1 137 ? 7.250   8.221   -5.532  1.00 59.76  ? 137  ALA A CB  1 
ATOM   1006 N N   . GLU A 1 138 ? 10.072  8.766   -6.007  1.00 63.07  ? 138  GLU A N   1 
ATOM   1007 C CA  . GLU A 1 138 ? 11.229  9.693   -6.117  1.00 65.96  ? 138  GLU A CA  1 
ATOM   1008 C C   . GLU A 1 138 ? 11.983  9.456   -7.422  1.00 67.14  ? 138  GLU A C   1 
ATOM   1009 O O   . GLU A 1 138 ? 11.771  10.190  -8.383  1.00 67.68  ? 138  GLU A O   1 
ATOM   1010 C CB  . GLU A 1 138 ? 12.168  9.630   -4.911  1.00 66.16  ? 138  GLU A CB  1 
ATOM   1011 C CG  . GLU A 1 138 ? 11.649  10.284  -3.649  1.00 68.65  ? 138  GLU A CG  1 
ATOM   1012 C CD  . GLU A 1 138 ? 11.375  11.781  -3.823  1.00 71.87  ? 138  GLU A CD  1 
ATOM   1013 O OE1 . GLU A 1 138 ? 12.325  12.573  -3.636  1.00 72.23  ? 138  GLU A OE1 1 
ATOM   1014 O OE2 . GLU A 1 138 ? 10.212  12.168  -4.122  1.00 71.95  ? 138  GLU A OE2 1 
ATOM   1015 N N   . ALA A 1 139 ? 12.800  8.395   -7.453  1.00 68.37  ? 139  ALA A N   1 
ATOM   1016 C CA  . ALA A 1 139 ? 13.443  7.851   -8.670  1.00 69.26  ? 139  ALA A CA  1 
ATOM   1017 C C   . ALA A 1 139 ? 12.716  8.070   -10.010 1.00 69.08  ? 139  ALA A C   1 
ATOM   1018 O O   . ALA A 1 139 ? 13.341  8.417   -10.991 1.00 69.20  ? 139  ALA A O   1 
ATOM   1019 C CB  . ALA A 1 139 ? 13.772  6.320   -8.457  1.00 70.81  ? 139  ALA A CB  1 
ATOM   1020 N N   . ASN A 1 140 ? 11.412  7.856   -10.043 1.00 69.06  ? 140  ASN A N   1 
ATOM   1021 C CA  . ASN A 1 140 ? 10.585  8.215   -11.193 1.00 69.64  ? 140  ASN A CA  1 
ATOM   1022 C C   . ASN A 1 140 ? 10.528  9.733   -11.514 1.00 70.43  ? 140  ASN A C   1 
ATOM   1023 O O   . ASN A 1 140 ? 9.706   10.117  -12.383 1.00 71.71  ? 140  ASN A O   1 
ATOM   1024 C CB  . ASN A 1 140 ? 9.103   7.845   -10.932 1.00 69.83  ? 140  ASN A CB  1 
ATOM   1025 C CG  . ASN A 1 140 ? 8.764   6.425   -11.277 1.00 70.36  ? 140  ASN A CG  1 
ATOM   1026 O OD1 . ASN A 1 140 ? 9.630   5.682   -11.771 1.00 70.56  ? 140  ASN A OD1 1 
ATOM   1027 N ND2 . ASN A 1 140 ? 7.481   6.030   -11.044 1.00 68.15  ? 140  ASN A ND2 1 
ATOM   1028 N N   . GLY A 1 141 ? 11.276  10.606  -10.807 1.00 69.31  ? 141  GLY A N   1 
ATOM   1029 C CA  . GLY A 1 141 ? 11.136  12.071  -11.000 1.00 67.24  ? 141  GLY A CA  1 
ATOM   1030 C C   . GLY A 1 141 ? 10.274  12.784  -9.947  1.00 66.83  ? 141  GLY A C   1 
ATOM   1031 O O   . GLY A 1 141 ? 10.174  14.019  -9.964  1.00 66.94  ? 141  GLY A O   1 
ATOM   1032 N N   . GLY A 1 142 ? 9.646   12.028  -9.034  1.00 65.46  ? 142  GLY A N   1 
ATOM   1033 C CA  . GLY A 1 142 ? 8.813   12.606  -7.957  1.00 63.19  ? 142  GLY A CA  1 
ATOM   1034 C C   . GLY A 1 142 ? 7.625   13.469  -8.357  1.00 62.55  ? 142  GLY A C   1 
ATOM   1035 O O   . GLY A 1 142 ? 6.958   13.243  -9.401  1.00 62.16  ? 142  GLY A O   1 
ATOM   1036 N N   . VAL A 1 143 ? 7.362   14.466  -7.507  1.00 61.87  ? 143  VAL A N   1 
ATOM   1037 C CA  . VAL A 1 143 ? 6.225   15.394  -7.647  1.00 61.26  ? 143  VAL A CA  1 
ATOM   1038 C C   . VAL A 1 143 ? 6.014   15.934  -9.071  1.00 61.23  ? 143  VAL A C   1 
ATOM   1039 O O   . VAL A 1 143 ? 5.102   15.521  -9.698  1.00 60.89  ? 143  VAL A O   1 
ATOM   1040 C CB  . VAL A 1 143 ? 6.346   16.576  -6.699  1.00 60.76  ? 143  VAL A CB  1 
ATOM   1041 C CG1 . VAL A 1 143 ? 5.138   17.423  -6.854  1.00 61.45  ? 143  VAL A CG1 1 
ATOM   1042 C CG2 . VAL A 1 143 ? 6.450   16.130  -5.286  1.00 60.44  ? 143  VAL A CG2 1 
ATOM   1043 N N   . LYS A 1 144 ? 6.862   16.846  -9.561  1.00 61.95  ? 144  LYS A N   1 
ATOM   1044 C CA  . LYS A 1 144 ? 6.815   17.369  -10.940 1.00 62.76  ? 144  LYS A CA  1 
ATOM   1045 C C   . LYS A 1 144 ? 6.397   16.308  -11.950 1.00 62.13  ? 144  LYS A C   1 
ATOM   1046 O O   . LYS A 1 144 ? 5.538   16.549  -12.792 1.00 60.96  ? 144  LYS A O   1 
ATOM   1047 C CB  . LYS A 1 144 ? 8.200   17.920  -11.343 1.00 63.59  ? 144  LYS A CB  1 
ATOM   1048 C CG  . LYS A 1 144 ? 8.415   19.473  -11.461 1.00 68.88  ? 144  LYS A CG  1 
ATOM   1049 C CD  . LYS A 1 144 ? 8.472   20.234  -10.073 1.00 77.99  ? 144  LYS A CD  1 
ATOM   1050 C CE  . LYS A 1 144 ? 9.314   19.509  -8.899  1.00 81.02  ? 144  LYS A CE  1 
ATOM   1051 N NZ  . LYS A 1 144 ? 10.743  20.042  -8.553  1.00 79.91  ? 144  LYS A NZ  1 
ATOM   1052 N N   . ALA A 1 145 ? 7.033   15.129  -11.840 1.00 62.71  ? 145  ALA A N   1 
ATOM   1053 C CA  . ALA A 1 145 ? 6.820   13.972  -12.738 1.00 62.66  ? 145  ALA A CA  1 
ATOM   1054 C C   . ALA A 1 145 ? 5.334   13.519  -12.697 1.00 63.24  ? 145  ALA A C   1 
ATOM   1055 O O   . ALA A 1 145 ? 4.624   13.481  -13.733 1.00 64.43  ? 145  ALA A O   1 
ATOM   1056 C CB  . ALA A 1 145 ? 7.746   12.836  -12.354 1.00 60.87  ? 145  ALA A CB  1 
ATOM   1057 N N   . LEU A 1 146 ? 4.845   13.228  -11.492 1.00 62.22  ? 146  LEU A N   1 
ATOM   1058 C CA  . LEU A 1 146 ? 3.505   12.751  -11.323 1.00 60.32  ? 146  LEU A CA  1 
ATOM   1059 C C   . LEU A 1 146 ? 2.526   13.797  -11.782 1.00 60.72  ? 146  LEU A C   1 
ATOM   1060 O O   . LEU A 1 146 ? 1.407   13.490  -12.092 1.00 61.37  ? 146  LEU A O   1 
ATOM   1061 C CB  . LEU A 1 146 ? 3.318   12.464  -9.863  1.00 59.85  ? 146  LEU A CB  1 
ATOM   1062 C CG  . LEU A 1 146 ? 2.029   11.900  -9.314  1.00 58.17  ? 146  LEU A CG  1 
ATOM   1063 C CD1 . LEU A 1 146 ? 1.518   10.761  -10.170 1.00 56.04  ? 146  LEU A CD1 1 
ATOM   1064 C CD2 . LEU A 1 146 ? 2.401   11.393  -7.926  1.00 56.91  ? 146  LEU A CD2 1 
ATOM   1065 N N   . GLN A 1 147 ? 2.917   15.055  -11.845 1.00 61.02  ? 147  GLN A N   1 
ATOM   1066 C CA  . GLN A 1 147 ? 1.902   16.016  -12.225 1.00 62.11  ? 147  GLN A CA  1 
ATOM   1067 C C   . GLN A 1 147 ? 1.794   15.977  -13.683 1.00 62.47  ? 147  GLN A C   1 
ATOM   1068 O O   . GLN A 1 147 ? 0.691   16.121  -14.183 1.00 63.23  ? 147  GLN A O   1 
ATOM   1069 C CB  . GLN A 1 147 ? 2.181   17.453  -11.800 1.00 62.21  ? 147  GLN A CB  1 
ATOM   1070 C CG  . GLN A 1 147 ? 2.890   17.473  -10.505 1.00 63.21  ? 147  GLN A CG  1 
ATOM   1071 C CD  . GLN A 1 147 ? 2.969   18.820  -9.950  1.00 62.55  ? 147  GLN A CD  1 
ATOM   1072 O OE1 . GLN A 1 147 ? 1.985   19.261  -9.357  1.00 64.03  ? 147  GLN A OE1 1 
ATOM   1073 N NE2 . GLN A 1 147 ? 4.140   19.505  -10.095 1.00 58.76  ? 147  GLN A NE2 1 
ATOM   1074 N N   . ALA A 1 148 ? 2.938   15.808  -14.356 1.00 62.67  ? 148  ALA A N   1 
ATOM   1075 C CA  . ALA A 1 148 ? 2.959   15.698  -15.803 1.00 62.77  ? 148  ALA A CA  1 
ATOM   1076 C C   . ALA A 1 148 ? 2.130   14.468  -16.142 1.00 63.15  ? 148  ALA A C   1 
ATOM   1077 O O   . ALA A 1 148 ? 1.127   14.541  -16.908 1.00 61.65  ? 148  ALA A O   1 
ATOM   1078 C CB  . ALA A 1 148 ? 4.374   15.562  -16.294 1.00 63.14  ? 148  ALA A CB  1 
ATOM   1079 N N   . ILE A 1 149 ? 2.515   13.364  -15.494 1.00 63.93  ? 149  ILE A N   1 
ATOM   1080 C CA  . ILE A 1 149 ? 1.887   12.059  -15.719 1.00 66.07  ? 149  ILE A CA  1 
ATOM   1081 C C   . ILE A 1 149 ? 0.381   12.128  -15.529 1.00 66.42  ? 149  ILE A C   1 
ATOM   1082 O O   . ILE A 1 149 ? -0.365  11.573  -16.292 1.00 66.85  ? 149  ILE A O   1 
ATOM   1083 C CB  . ILE A 1 149 ? 2.601   10.912  -14.948 1.00 65.92  ? 149  ILE A CB  1 
ATOM   1084 C CG1 . ILE A 1 149 ? 3.877   10.528  -15.714 1.00 67.49  ? 149  ILE A CG1 1 
ATOM   1085 C CG2 . ILE A 1 149 ? 1.747   9.714   -14.814 1.00 64.07  ? 149  ILE A CG2 1 
ATOM   1086 C CD1 . ILE A 1 149 ? 5.012   9.851   -14.847 1.00 67.78  ? 149  ILE A CD1 1 
ATOM   1087 N N   . ALA A 1 150 ? -0.077  12.871  -14.552 1.00 67.89  ? 150  ALA A N   1 
ATOM   1088 C CA  . ALA A 1 150 ? -1.504  12.954  -14.379 1.00 69.05  ? 150  ALA A CA  1 
ATOM   1089 C C   . ALA A 1 150 ? -2.125  14.091  -15.200 1.00 69.73  ? 150  ALA A C   1 
ATOM   1090 O O   . ALA A 1 150 ? -3.313  14.316  -15.098 1.00 70.57  ? 150  ALA A O   1 
ATOM   1091 C CB  . ALA A 1 150 ? -1.861  13.041  -12.901 1.00 68.98  ? 150  ALA A CB  1 
ATOM   1092 N N   . GLY A 1 151 ? -1.352  14.775  -16.039 1.00 70.21  ? 151  GLY A N   1 
ATOM   1093 C CA  . GLY A 1 151 ? -1.910  15.869  -16.839 1.00 71.46  ? 151  GLY A CA  1 
ATOM   1094 C C   . GLY A 1 151 ? -3.171  15.413  -17.597 1.00 72.78  ? 151  GLY A C   1 
ATOM   1095 O O   . GLY A 1 151 ? -4.259  15.935  -17.342 1.00 73.31  ? 151  GLY A O   1 
ATOM   1096 N N   . PRO A 1 152 ? -3.048  14.413  -18.524 1.00 72.94  ? 152  PRO A N   1 
ATOM   1097 C CA  . PRO A 1 152 ? -4.167  13.909  -19.330 1.00 72.39  ? 152  PRO A CA  1 
ATOM   1098 C C   . PRO A 1 152 ? -5.247  13.057  -18.611 1.00 72.35  ? 152  PRO A C   1 
ATOM   1099 O O   . PRO A 1 152 ? -6.213  12.673  -19.249 1.00 71.88  ? 152  PRO A O   1 
ATOM   1100 C CB  . PRO A 1 152 ? -3.445  13.043  -20.390 1.00 72.31  ? 152  PRO A CB  1 
ATOM   1101 C CG  . PRO A 1 152 ? -2.046  13.465  -20.341 1.00 71.81  ? 152  PRO A CG  1 
ATOM   1102 C CD  . PRO A 1 152 ? -1.811  13.712  -18.908 1.00 72.77  ? 152  PRO A CD  1 
ATOM   1103 N N   . PHE A 1 153 ? -5.101  12.777  -17.317 1.00 72.54  ? 153  PHE A N   1 
ATOM   1104 C CA  . PHE A 1 153 ? -5.972  11.816  -16.624 1.00 72.62  ? 153  PHE A CA  1 
ATOM   1105 C C   . PHE A 1 153 ? -6.497  12.411  -15.343 1.00 73.34  ? 153  PHE A C   1 
ATOM   1106 O O   . PHE A 1 153 ? -5.959  12.195  -14.262 1.00 73.44  ? 153  PHE A O   1 
ATOM   1107 C CB  . PHE A 1 153 ? -5.208  10.518  -16.312 1.00 72.07  ? 153  PHE A CB  1 
ATOM   1108 C CG  . PHE A 1 153 ? -4.415  9.997   -17.473 1.00 71.50  ? 153  PHE A CG  1 
ATOM   1109 C CD1 . PHE A 1 153 ? -3.085  10.380  -17.662 1.00 72.05  ? 153  PHE A CD1 1 
ATOM   1110 C CD2 . PHE A 1 153 ? -4.993  9.164   -18.408 1.00 69.25  ? 153  PHE A CD2 1 
ATOM   1111 C CE1 . PHE A 1 153 ? -2.319  9.892   -18.756 1.00 71.04  ? 153  PHE A CE1 1 
ATOM   1112 C CE2 . PHE A 1 153 ? -4.244  8.686   -19.492 1.00 69.74  ? 153  PHE A CE2 1 
ATOM   1113 C CZ  . PHE A 1 153 ? -2.885  9.048   -19.660 1.00 70.05  ? 153  PHE A CZ  1 
ATOM   1114 N N   . SER A 1 154 ? -7.566  13.166  -15.466 1.00 74.32  ? 154  SER A N   1 
ATOM   1115 C CA  . SER A 1 154 ? -8.041  13.938  -14.341 1.00 75.61  ? 154  SER A CA  1 
ATOM   1116 C C   . SER A 1 154 ? -8.771  13.017  -13.385 1.00 76.00  ? 154  SER A C   1 
ATOM   1117 O O   . SER A 1 154 ? -8.875  13.333  -12.199 1.00 77.23  ? 154  SER A O   1 
ATOM   1118 C CB  . SER A 1 154 ? -9.005  15.021  -14.821 1.00 76.09  ? 154  SER A CB  1 
ATOM   1119 O OG  . SER A 1 154 ? -10.171 14.401  -15.382 1.00 77.53  ? 154  SER A OG  1 
ATOM   1120 N N   . GLN A 1 155 ? -9.307  11.901  -13.889 1.00 75.61  ? 155  GLN A N   1 
ATOM   1121 C CA  . GLN A 1 155 ? -10.076 10.946  -13.051 1.00 75.25  ? 155  GLN A CA  1 
ATOM   1122 C C   . GLN A 1 155 ? -9.262  10.022  -12.093 1.00 73.90  ? 155  GLN A C   1 
ATOM   1123 O O   . GLN A 1 155 ? -9.790  9.516   -11.059 1.00 73.30  ? 155  GLN A O   1 
ATOM   1124 C CB  . GLN A 1 155 ? -10.957 10.075  -13.951 1.00 76.15  ? 155  GLN A CB  1 
ATOM   1125 C CG  . GLN A 1 155 ? -12.461 10.268  -13.722 1.00 80.74  ? 155  GLN A CG  1 
ATOM   1126 C CD  . GLN A 1 155 ? -12.826 11.700  -13.311 1.00 85.96  ? 155  GLN A CD  1 
ATOM   1127 O OE1 . GLN A 1 155 ? -12.368 12.692  -13.921 1.00 88.64  ? 155  GLN A OE1 1 
ATOM   1128 N NE2 . GLN A 1 155 ? -13.660 11.812  -12.270 1.00 88.44  ? 155  GLN A NE2 1 
ATOM   1129 N N   . VAL A 1 156 ? -8.002  9.777   -12.479 1.00 71.63  ? 156  VAL A N   1 
ATOM   1130 C CA  . VAL A 1 156 ? -7.162  8.744   -11.881 1.00 68.29  ? 156  VAL A CA  1 
ATOM   1131 C C   . VAL A 1 156 ? -6.589  9.383   -10.599 1.00 66.87  ? 156  VAL A C   1 
ATOM   1132 O O   . VAL A 1 156 ? -6.491  10.622  -10.543 1.00 66.68  ? 156  VAL A O   1 
ATOM   1133 C CB  . VAL A 1 156 ? -6.097  8.331   -12.912 1.00 67.68  ? 156  VAL A CB  1 
ATOM   1134 C CG1 . VAL A 1 156 ? -5.066  7.520   -12.285 1.00 68.48  ? 156  VAL A CG1 1 
ATOM   1135 C CG2 . VAL A 1 156 ? -6.715  7.558   -14.028 1.00 64.39  ? 156  VAL A CG2 1 
ATOM   1136 N N   . ARG A 1 157 ? -6.294  8.567   -9.578  1.00 64.52  ? 157  ARG A N   1 
ATOM   1137 C CA  . ARG A 1 157 ? -5.723  9.017   -8.308  1.00 62.86  ? 157  ARG A CA  1 
ATOM   1138 C C   . ARG A 1 157 ? -4.627  8.062   -7.917  1.00 62.56  ? 157  ARG A C   1 
ATOM   1139 O O   . ARG A 1 157 ? -4.740  6.837   -8.062  1.00 62.25  ? 157  ARG A O   1 
ATOM   1140 C CB  . ARG A 1 157 ? -6.703  8.917   -7.149  1.00 63.02  ? 157  ARG A CB  1 
ATOM   1141 C CG  . ARG A 1 157 ? -7.890  9.842   -7.085  1.00 62.79  ? 157  ARG A CG  1 
ATOM   1142 C CD  . ARG A 1 157 ? -7.489  11.280  -6.881  1.00 65.87  ? 157  ARG A CD  1 
ATOM   1143 N NE  . ARG A 1 157 ? -7.711  11.918  -8.166  1.00 68.33  ? 157  ARG A NE  1 
ATOM   1144 C CZ  . ARG A 1 157 ? -8.803  12.579  -8.465  1.00 65.98  ? 157  ARG A CZ  1 
ATOM   1145 N NH1 . ARG A 1 157 ? -9.705  12.741  -7.516  1.00 67.92  ? 157  ARG A NH1 1 
ATOM   1146 N NH2 . ARG A 1 157 ? -8.969  13.086  -9.674  1.00 63.02  ? 157  ARG A NH2 1 
ATOM   1147 N N   . PHE A 1 158 ? -3.577  8.621   -7.342  1.00 61.62  ? 158  PHE A N   1 
ATOM   1148 C CA  . PHE A 1 158 ? -2.429  7.814   -7.007  1.00 59.56  ? 158  PHE A CA  1 
ATOM   1149 C C   . PHE A 1 158 ? -2.207  7.741   -5.546  1.00 59.60  ? 158  PHE A C   1 
ATOM   1150 O O   . PHE A 1 158 ? -2.756  8.537   -4.751  1.00 60.03  ? 158  PHE A O   1 
ATOM   1151 C CB  . PHE A 1 158 ? -1.184  8.425   -7.623  1.00 58.33  ? 158  PHE A CB  1 
ATOM   1152 C CG  . PHE A 1 158 ? -1.242  8.489   -9.088  1.00 57.72  ? 158  PHE A CG  1 
ATOM   1153 C CD1 . PHE A 1 158 ? -2.008  9.462   -9.712  1.00 54.47  ? 158  PHE A CD1 1 
ATOM   1154 C CD2 . PHE A 1 158 ? -0.578  7.529   -9.864  1.00 57.15  ? 158  PHE A CD2 1 
ATOM   1155 C CE1 . PHE A 1 158 ? -2.075  9.494   -11.102 1.00 55.68  ? 158  PHE A CE1 1 
ATOM   1156 C CE2 . PHE A 1 158 ? -0.643  7.564   -11.247 1.00 54.93  ? 158  PHE A CE2 1 
ATOM   1157 C CZ  . PHE A 1 158 ? -1.386  8.535   -11.871 1.00 53.70  ? 158  PHE A CZ  1 
ATOM   1158 N N   . CYS A 1 159 ? -1.347  6.783   -5.224  1.00 59.14  ? 159  CYS A N   1 
ATOM   1159 C CA  . CYS A 1 159 ? -0.683  6.629   -3.945  1.00 58.09  ? 159  CYS A CA  1 
ATOM   1160 C C   . CYS A 1 159 ? 0.806   6.395   -4.182  1.00 56.79  ? 159  CYS A C   1 
ATOM   1161 O O   . CYS A 1 159 ? 1.241   5.282   -4.472  1.00 56.49  ? 159  CYS A O   1 
ATOM   1162 C CB  . CYS A 1 159 ? -1.236  5.407   -3.236  1.00 59.20  ? 159  CYS A CB  1 
ATOM   1163 S SG  . CYS A 1 159 ? -0.078  4.864   -1.989  1.00 56.83  ? 159  CYS A SG  1 
ATOM   1164 N N   . PRO A 1 160 ? 1.587   7.461   -4.155  1.00 56.10  ? 160  PRO A N   1 
ATOM   1165 C CA  . PRO A 1 160 ? 3.026   7.315   -4.390  1.00 56.66  ? 160  PRO A CA  1 
ATOM   1166 C C   . PRO A 1 160 ? 3.787   6.518   -3.342  1.00 56.91  ? 160  PRO A C   1 
ATOM   1167 O O   . PRO A 1 160 ? 3.512   6.602   -2.190  1.00 58.00  ? 160  PRO A O   1 
ATOM   1168 C CB  . PRO A 1 160 ? 3.492   8.744   -4.394  1.00 55.33  ? 160  PRO A CB  1 
ATOM   1169 C CG  . PRO A 1 160 ? 2.257   9.500   -4.759  1.00 54.92  ? 160  PRO A CG  1 
ATOM   1170 C CD  . PRO A 1 160 ? 1.192   8.864   -4.049  1.00 55.21  ? 160  PRO A CD  1 
ATOM   1171 N N   . THR A 1 161 ? 4.746   5.743   -3.757  1.00 58.09  ? 161  THR A N   1 
ATOM   1172 C CA  . THR A 1 161 ? 5.625   5.093   -2.826  1.00 59.01  ? 161  THR A CA  1 
ATOM   1173 C C   . THR A 1 161 ? 6.945   5.091   -3.484  1.00 60.24  ? 161  THR A C   1 
ATOM   1174 O O   . THR A 1 161 ? 7.031   5.206   -4.728  1.00 61.69  ? 161  THR A O   1 
ATOM   1175 C CB  . THR A 1 161 ? 5.215   3.680   -2.761  1.00 59.54  ? 161  THR A CB  1 
ATOM   1176 O OG1 . THR A 1 161 ? 3.842   3.681   -2.354  1.00 61.74  ? 161  THR A OG1 1 
ATOM   1177 C CG2 . THR A 1 161 ? 6.101   2.853   -1.795  1.00 55.98  ? 161  THR A CG2 1 
ATOM   1178 N N   . GLY A 1 162 ? 7.972   4.921   -2.676  1.00 60.61  ? 162  GLY A N   1 
ATOM   1179 C CA  . GLY A 1 162 ? 9.344   4.814   -3.162  1.00 61.11  ? 162  GLY A CA  1 
ATOM   1180 C C   . GLY A 1 162 ? 10.094  6.110   -2.895  1.00 61.88  ? 162  GLY A C   1 
ATOM   1181 O O   . GLY A 1 162 ? 10.016  7.044   -3.741  1.00 62.40  ? 162  GLY A O   1 
ATOM   1182 N N   . GLY A 1 163 ? 10.771  6.185   -1.733  1.00 61.71  ? 163  GLY A N   1 
ATOM   1183 C CA  . GLY A 1 163 ? 11.616  7.330   -1.346  1.00 61.05  ? 163  GLY A CA  1 
ATOM   1184 C C   . GLY A 1 163 ? 10.855  8.417   -0.635  1.00 61.10  ? 163  GLY A C   1 
ATOM   1185 O O   . GLY A 1 163 ? 11.242  9.576   -0.566  1.00 60.59  ? 163  GLY A O   1 
ATOM   1186 N N   . ILE A 1 164 ? 9.727   8.058   -0.102  1.00 62.50  ? 164  ILE A N   1 
ATOM   1187 C CA  . ILE A 1 164 ? 8.937   9.078   0.568   1.00 63.89  ? 164  ILE A CA  1 
ATOM   1188 C C   . ILE A 1 164 ? 9.182   9.108   2.114   1.00 65.26  ? 164  ILE A C   1 
ATOM   1189 O O   . ILE A 1 164 ? 9.035   8.162   2.817   1.00 66.61  ? 164  ILE A O   1 
ATOM   1190 C CB  . ILE A 1 164 ? 7.490   8.926   0.159   1.00 62.87  ? 164  ILE A CB  1 
ATOM   1191 C CG1 . ILE A 1 164 ? 7.381   9.319   -1.307  1.00 62.32  ? 164  ILE A CG1 1 
ATOM   1192 C CG2 . ILE A 1 164 ? 6.619   9.787   0.961   1.00 62.55  ? 164  ILE A CG2 1 
ATOM   1193 C CD1 . ILE A 1 164 ? 6.152   8.819   -1.924  1.00 65.05  ? 164  ILE A CD1 1 
ATOM   1194 N N   . SER A 1 165 ? 9.587   10.248  2.629   1.00 66.72  ? 165  SER A N   1 
ATOM   1195 C CA  . SER A 1 165 ? 9.946   10.408  4.030   1.00 66.37  ? 165  SER A CA  1 
ATOM   1196 C C   . SER A 1 165 ? 9.132   11.557  4.604   1.00 66.11  ? 165  SER A C   1 
ATOM   1197 O O   . SER A 1 165 ? 8.443   12.279  3.836   1.00 65.28  ? 165  SER A O   1 
ATOM   1198 C CB  . SER A 1 165 ? 11.415  10.834  4.103   1.00 66.97  ? 165  SER A CB  1 
ATOM   1199 O OG  . SER A 1 165 ? 11.622  12.113  3.474   1.00 67.01  ? 165  SER A OG  1 
ATOM   1200 N N   . PRO A 1 166 ? 9.270   11.776  5.949   1.00 66.25  ? 166  PRO A N   1 
ATOM   1201 C CA  . PRO A 1 166 ? 8.680   12.968  6.598   1.00 65.47  ? 166  PRO A CA  1 
ATOM   1202 C C   . PRO A 1 166 ? 9.020   14.251  5.792   1.00 64.78  ? 166  PRO A C   1 
ATOM   1203 O O   . PRO A 1 166 ? 8.123   15.080  5.539   1.00 65.01  ? 166  PRO A O   1 
ATOM   1204 C CB  . PRO A 1 166 ? 9.338   12.950  7.982   1.00 66.07  ? 166  PRO A CB  1 
ATOM   1205 C CG  . PRO A 1 166 ? 9.629   11.466  8.247   1.00 65.14  ? 166  PRO A CG  1 
ATOM   1206 C CD  . PRO A 1 166 ? 10.022  10.924  6.925   1.00 65.82  ? 166  PRO A CD  1 
ATOM   1207 N N   . ALA A 1 167 ? 10.267  14.347  5.310   1.00 63.89  ? 167  ALA A N   1 
ATOM   1208 C CA  . ALA A 1 167 ? 10.736  15.486  4.536   1.00 63.52  ? 167  ALA A CA  1 
ATOM   1209 C C   . ALA A 1 167 ? 9.947   15.792  3.237   1.00 64.36  ? 167  ALA A C   1 
ATOM   1210 O O   . ALA A 1 167 ? 9.737   16.951  2.916   1.00 64.65  ? 167  ALA A O   1 
ATOM   1211 C CB  . ALA A 1 167 ? 12.211  15.360  4.277   1.00 62.79  ? 167  ALA A CB  1 
ATOM   1212 N N   . ASN A 1 168 ? 9.492   14.802  2.476   1.00 65.36  ? 168  ASN A N   1 
ATOM   1213 C CA  . ASN A 1 168 ? 8.811   15.161  1.222   1.00 66.17  ? 168  ASN A CA  1 
ATOM   1214 C C   . ASN A 1 168 ? 7.310   14.780  1.197   1.00 67.19  ? 168  ASN A C   1 
ATOM   1215 O O   . ASN A 1 168 ? 6.533   15.255  0.367   1.00 67.77  ? 168  ASN A O   1 
ATOM   1216 C CB  . ASN A 1 168 ? 9.555   14.573  0.015   1.00 65.87  ? 168  ASN A CB  1 
ATOM   1217 C CG  . ASN A 1 168 ? 9.703   13.059  0.112   1.00 65.40  ? 168  ASN A CG  1 
ATOM   1218 O OD1 . ASN A 1 168 ? 9.053   12.425  0.951   1.00 60.58  ? 168  ASN A OD1 1 
ATOM   1219 N ND2 . ASN A 1 168 ? 10.550  12.473  -0.745  1.00 64.79  ? 168  ASN A ND2 1 
ATOM   1220 N N   . TYR A 1 169 ? 6.871   13.944  2.117   1.00 67.57  ? 169  TYR A N   1 
ATOM   1221 C CA  . TYR A 1 169 ? 5.531   13.430  1.953   1.00 67.64  ? 169  TYR A CA  1 
ATOM   1222 C C   . TYR A 1 169 ? 4.391   14.461  1.865   1.00 68.13  ? 169  TYR A C   1 
ATOM   1223 O O   . TYR A 1 169 ? 3.296   14.128  1.404   1.00 68.76  ? 169  TYR A O   1 
ATOM   1224 C CB  . TYR A 1 169 ? 5.225   12.283  2.942   1.00 67.31  ? 169  TYR A CB  1 
ATOM   1225 C CG  . TYR A 1 169 ? 4.649   12.639  4.319   1.00 68.18  ? 169  TYR A CG  1 
ATOM   1226 C CD1 . TYR A 1 169 ? 3.474   11.999  4.792   1.00 66.72  ? 169  TYR A CD1 1 
ATOM   1227 C CD2 . TYR A 1 169 ? 5.283   13.562  5.166   1.00 66.94  ? 169  TYR A CD2 1 
ATOM   1228 C CE1 . TYR A 1 169 ? 2.951   12.271  6.061   1.00 65.65  ? 169  TYR A CE1 1 
ATOM   1229 C CE2 . TYR A 1 169 ? 4.778   13.829  6.449   1.00 66.83  ? 169  TYR A CE2 1 
ATOM   1230 C CZ  . TYR A 1 169 ? 3.606   13.190  6.900   1.00 67.83  ? 169  TYR A CZ  1 
ATOM   1231 O OH  . TYR A 1 169 ? 3.100   13.461  8.182   1.00 67.81  ? 169  TYR A OH  1 
ATOM   1232 N N   . ARG A 1 170 ? 4.589   15.693  2.308   1.00 68.43  ? 170  ARG A N   1 
ATOM   1233 C CA  . ARG A 1 170 ? 3.465   16.608  2.206   1.00 68.68  ? 170  ARG A CA  1 
ATOM   1234 C C   . ARG A 1 170 ? 3.455   17.151  0.799   1.00 67.02  ? 170  ARG A C   1 
ATOM   1235 O O   . ARG A 1 170 ? 2.367   17.259  0.194   1.00 66.68  ? 170  ARG A O   1 
ATOM   1236 C CB  . ARG A 1 170 ? 3.574   17.686  3.213   1.00 68.43  ? 170  ARG A CB  1 
ATOM   1237 C CG  . ARG A 1 170 ? 4.071   17.157  4.595   1.00 74.23  ? 170  ARG A CG  1 
ATOM   1238 C CD  . ARG A 1 170 ? 4.495   18.305  5.616   1.00 73.51  ? 170  ARG A CD  1 
ATOM   1239 N NE  . ARG A 1 170 ? 3.609   19.478  5.502   1.00 83.00  ? 170  ARG A NE  1 
ATOM   1240 C CZ  . ARG A 1 170 ? 2.310   19.522  5.872   1.00 86.97  ? 170  ARG A CZ  1 
ATOM   1241 N NH1 . ARG A 1 170 ? 1.730   18.425  6.400   1.00 88.51  ? 170  ARG A NH1 1 
ATOM   1242 N NH2 . ARG A 1 170 ? 1.579   20.661  5.719   1.00 87.13  ? 170  ARG A NH2 1 
ATOM   1243 N N   . ASP A 1 171 ? 4.644   17.397  0.228   1.00 65.69  ? 171  ASP A N   1 
ATOM   1244 C CA  . ASP A 1 171 ? 4.715   17.783  -1.203  1.00 65.56  ? 171  ASP A CA  1 
ATOM   1245 C C   . ASP A 1 171 ? 3.831   16.879  -2.062  1.00 64.78  ? 171  ASP A C   1 
ATOM   1246 O O   . ASP A 1 171 ? 3.191   17.341  -3.010  1.00 65.15  ? 171  ASP A O   1 
ATOM   1247 C CB  . ASP A 1 171 ? 6.135   17.778  -1.787  1.00 66.43  ? 171  ASP A CB  1 
ATOM   1248 C CG  . ASP A 1 171 ? 7.161   18.485  -0.912  1.00 69.66  ? 171  ASP A CG  1 
ATOM   1249 O OD1 . ASP A 1 171 ? 6.859   19.555  -0.301  1.00 71.49  ? 171  ASP A OD1 1 
ATOM   1250 O OD2 . ASP A 1 171 ? 8.304   17.941  -0.857  1.00 74.15  ? 171  ASP A OD2 1 
ATOM   1251 N N   . TYR A 1 172 ? 3.798   15.582  -1.743  1.00 63.65  ? 172  TYR A N   1 
ATOM   1252 C CA  . TYR A 1 172 ? 2.924   14.668  -2.443  1.00 62.15  ? 172  TYR A CA  1 
ATOM   1253 C C   . TYR A 1 172 ? 1.437   14.789  -2.056  1.00 61.87  ? 172  TYR A C   1 
ATOM   1254 O O   . TYR A 1 172 ? 0.593   14.968  -2.960  1.00 61.77  ? 172  TYR A O   1 
ATOM   1255 C CB  . TYR A 1 172 ? 3.388   13.277  -2.259  1.00 61.90  ? 172  TYR A CB  1 
ATOM   1256 C CG  . TYR A 1 172 ? 4.618   12.906  -3.015  1.00 63.02  ? 172  TYR A CG  1 
ATOM   1257 C CD1 . TYR A 1 172 ? 5.881   12.858  -2.394  1.00 65.17  ? 172  TYR A CD1 1 
ATOM   1258 C CD2 . TYR A 1 172 ? 4.545   12.534  -4.339  1.00 63.74  ? 172  TYR A CD2 1 
ATOM   1259 C CE1 . TYR A 1 172 ? 7.070   12.453  -3.106  1.00 64.30  ? 172  TYR A CE1 1 
ATOM   1260 C CE2 . TYR A 1 172 ? 5.714   12.115  -5.056  1.00 63.96  ? 172  TYR A CE2 1 
ATOM   1261 C CZ  . TYR A 1 172 ? 6.965   12.083  -4.439  1.00 64.40  ? 172  TYR A CZ  1 
ATOM   1262 O OH  . TYR A 1 172 ? 8.061   11.699  -5.185  1.00 64.30  ? 172  TYR A OH  1 
ATOM   1263 N N   . LEU A 1 173 ? 1.114   14.670  -0.751  1.00 60.95  ? 173  LEU A N   1 
ATOM   1264 C CA  . LEU A 1 173 ? -0.283  14.791  -0.244  1.00 60.21  ? 173  LEU A CA  1 
ATOM   1265 C C   . LEU A 1 173 ? -0.966  16.091  -0.719  1.00 60.80  ? 173  LEU A C   1 
ATOM   1266 O O   . LEU A 1 173 ? -2.217  16.126  -0.894  1.00 60.03  ? 173  LEU A O   1 
ATOM   1267 C CB  . LEU A 1 173 ? -0.374  14.669  1.263   1.00 58.64  ? 173  LEU A CB  1 
ATOM   1268 C CG  . LEU A 1 173 ? -0.053  13.246  1.633   1.00 58.86  ? 173  LEU A CG  1 
ATOM   1269 C CD1 . LEU A 1 173 ? 0.430   13.160  3.056   1.00 58.72  ? 173  LEU A CD1 1 
ATOM   1270 C CD2 . LEU A 1 173 ? -1.194  12.314  1.431   1.00 55.38  ? 173  LEU A CD2 1 
ATOM   1271 N N   . ALA A 1 174 ? -0.130  17.113  -0.994  1.00 60.80  ? 174  ALA A N   1 
ATOM   1272 C CA  . ALA A 1 174 ? -0.593  18.357  -1.621  1.00 61.58  ? 174  ALA A CA  1 
ATOM   1273 C C   . ALA A 1 174 ? -1.267  18.183  -3.004  1.00 61.80  ? 174  ALA A C   1 
ATOM   1274 O O   . ALA A 1 174 ? -2.287  18.781  -3.222  1.00 62.67  ? 174  ALA A O   1 
ATOM   1275 C CB  . ALA A 1 174 ? 0.518   19.452  -1.637  1.00 61.14  ? 174  ALA A CB  1 
ATOM   1276 N N   . LEU A 1 175 ? -0.742  17.343  -3.893  1.00 62.21  ? 175  LEU A N   1 
ATOM   1277 C CA  . LEU A 1 175 ? -1.330  17.113  -5.246  1.00 62.66  ? 175  LEU A CA  1 
ATOM   1278 C C   . LEU A 1 175 ? -2.801  16.593  -5.340  1.00 62.93  ? 175  LEU A C   1 
ATOM   1279 O O   . LEU A 1 175 ? -3.147  15.619  -4.699  1.00 63.64  ? 175  LEU A O   1 
ATOM   1280 C CB  . LEU A 1 175 ? -0.409  16.166  -6.047  1.00 62.47  ? 175  LEU A CB  1 
ATOM   1281 C CG  . LEU A 1 175 ? 1.113   16.484  -6.021  1.00 62.16  ? 175  LEU A CG  1 
ATOM   1282 C CD1 . LEU A 1 175 ? 1.930   15.271  -6.430  1.00 61.17  ? 175  LEU A CD1 1 
ATOM   1283 C CD2 . LEU A 1 175 ? 1.483   17.651  -6.911  1.00 58.96  ? 175  LEU A CD2 1 
ATOM   1284 N N   . LYS A 1 176 ? -3.632  17.240  -6.179  1.00 63.25  ? 176  LYS A N   1 
ATOM   1285 C CA  . LYS A 1 176 ? -5.020  16.829  -6.532  1.00 62.57  ? 176  LYS A CA  1 
ATOM   1286 C C   . LYS A 1 176 ? -5.148  15.306  -6.683  1.00 62.47  ? 176  LYS A C   1 
ATOM   1287 O O   . LYS A 1 176 ? -6.043  14.683  -6.089  1.00 64.12  ? 176  LYS A O   1 
ATOM   1288 C CB  . LYS A 1 176 ? -5.479  17.483  -7.863  1.00 63.17  ? 176  LYS A CB  1 
ATOM   1289 C CG  . LYS A 1 176 ? -5.256  19.060  -8.111  1.00 61.57  ? 176  LYS A CG  1 
ATOM   1290 C CD  . LYS A 1 176 ? -3.841  19.495  -8.701  1.00 60.94  ? 176  LYS A CD  1 
ATOM   1291 C CE  . LYS A 1 176 ? -2.676  19.726  -7.656  1.00 55.06  ? 176  LYS A CE  1 
ATOM   1292 N NZ  . LYS A 1 176 ? -1.676  20.808  -8.026  1.00 53.20  ? 176  LYS A NZ  1 
ATOM   1293 N N   . SER A 1 177 ? -4.201  14.719  -7.417  1.00 60.88  ? 177  SER A N   1 
ATOM   1294 C CA  . SER A 1 177 ? -4.215  13.317  -7.862  1.00 58.94  ? 177  SER A CA  1 
ATOM   1295 C C   . SER A 1 177 ? -3.666  12.293  -6.871  1.00 58.30  ? 177  SER A C   1 
ATOM   1296 O O   . SER A 1 177 ? -3.559  11.064  -7.209  1.00 57.10  ? 177  SER A O   1 
ATOM   1297 C CB  . SER A 1 177 ? -3.385  13.185  -9.151  1.00 59.36  ? 177  SER A CB  1 
ATOM   1298 O OG  . SER A 1 177 ? -2.007  13.502  -8.936  1.00 55.81  ? 177  SER A OG  1 
ATOM   1299 N N   . VAL A 1 178 ? -3.309  12.774  -5.673  1.00 56.74  ? 178  VAL A N   1 
ATOM   1300 C CA  . VAL A 1 178 ? -2.749  11.874  -4.662  1.00 55.87  ? 178  VAL A CA  1 
ATOM   1301 C C   . VAL A 1 178 ? -3.752  11.697  -3.528  1.00 56.71  ? 178  VAL A C   1 
ATOM   1302 O O   . VAL A 1 178 ? -4.090  12.678  -2.909  1.00 56.72  ? 178  VAL A O   1 
ATOM   1303 C CB  . VAL A 1 178 ? -1.350  12.381  -4.128  1.00 54.60  ? 178  VAL A CB  1 
ATOM   1304 C CG1 . VAL A 1 178 ? -0.953  11.655  -2.877  1.00 53.78  ? 178  VAL A CG1 1 
ATOM   1305 C CG2 . VAL A 1 178 ? -0.288  12.124  -5.131  1.00 52.60  ? 178  VAL A CG2 1 
ATOM   1306 N N   . LEU A 1 179 ? -4.254  10.483  -3.266  1.00 57.41  ? 179  LEU A N   1 
ATOM   1307 C CA  . LEU A 1 179 ? -5.007  10.268  -2.015  1.00 58.38  ? 179  LEU A CA  1 
ATOM   1308 C C   . LEU A 1 179 ? -4.101  9.993   -0.839  1.00 58.91  ? 179  LEU A C   1 
ATOM   1309 O O   . LEU A 1 179 ? -4.391  10.450  0.253   1.00 60.30  ? 179  LEU A O   1 
ATOM   1310 C CB  . LEU A 1 179 ? -6.009  9.145   -2.093  1.00 58.02  ? 179  LEU A CB  1 
ATOM   1311 C CG  . LEU A 1 179 ? -7.072  9.322   -3.219  1.00 64.20  ? 179  LEU A CG  1 
ATOM   1312 C CD1 . LEU A 1 179 ? -7.681  7.937   -3.641  1.00 63.30  ? 179  LEU A CD1 1 
ATOM   1313 C CD2 . LEU A 1 179 ? -8.241  10.430  -3.036  1.00 63.28  ? 179  LEU A CD2 1 
ATOM   1314 N N   . CYS A 1 180 ? -3.026  9.228   -1.017  1.00 59.46  ? 180  CYS A N   1 
ATOM   1315 C CA  . CYS A 1 180 ? -2.159  8.874   0.108   1.00 59.53  ? 180  CYS A CA  1 
ATOM   1316 C C   . CYS A 1 180 ? -0.827  8.463   -0.412  1.00 59.70  ? 180  CYS A C   1 
ATOM   1317 O O   . CYS A 1 180 ? -0.639  8.455   -1.612  1.00 60.87  ? 180  CYS A O   1 
ATOM   1318 C CB  . CYS A 1 180 ? -2.731  7.722   0.888   1.00 59.36  ? 180  CYS A CB  1 
ATOM   1319 S SG  . CYS A 1 180 ? -3.054  6.331   -0.187  1.00 60.16  ? 180  CYS A SG  1 
ATOM   1320 N N   . ILE A 1 181 ? 0.092   8.152   0.501   1.00 59.78  ? 181  ILE A N   1 
ATOM   1321 C CA  . ILE A 1 181 ? 1.462   7.669   0.192   1.00 59.52  ? 181  ILE A CA  1 
ATOM   1322 C C   . ILE A 1 181 ? 1.838   6.413   1.012   1.00 59.70  ? 181  ILE A C   1 
ATOM   1323 O O   . ILE A 1 181 ? 1.176   6.028   2.025   1.00 59.04  ? 181  ILE A O   1 
ATOM   1324 C CB  . ILE A 1 181 ? 2.530   8.715   0.513   1.00 59.42  ? 181  ILE A CB  1 
ATOM   1325 C CG1 . ILE A 1 181 ? 2.405   9.088   1.999   1.00 59.31  ? 181  ILE A CG1 1 
ATOM   1326 C CG2 . ILE A 1 181 ? 2.410   9.944   -0.437  1.00 57.99  ? 181  ILE A CG2 1 
ATOM   1327 C CD1 . ILE A 1 181 ? 3.454   8.446   2.793   1.00 60.33  ? 181  ILE A CD1 1 
ATOM   1328 N N   . GLY A 1 182 ? 2.899   5.775   0.555   1.00 59.30  ? 182  GLY A N   1 
ATOM   1329 C CA  . GLY A 1 182 ? 3.382   4.599   1.215   1.00 60.24  ? 182  GLY A CA  1 
ATOM   1330 C C   . GLY A 1 182 ? 4.808   4.907   1.588   1.00 61.61  ? 182  GLY A C   1 
ATOM   1331 O O   . GLY A 1 182 ? 5.511   5.457   0.759   1.00 61.97  ? 182  GLY A O   1 
ATOM   1332 N N   . GLY A 1 183 ? 5.203   4.615   2.836   1.00 62.61  ? 183  GLY A N   1 
ATOM   1333 C CA  . GLY A 1 183 ? 6.584   4.713   3.249   1.00 63.94  ? 183  GLY A CA  1 
ATOM   1334 C C   . GLY A 1 183 ? 6.968   3.626   4.224   1.00 65.14  ? 183  GLY A C   1 
ATOM   1335 O O   . GLY A 1 183 ? 6.069   2.954   4.806   1.00 64.47  ? 183  GLY A O   1 
ATOM   1336 N N   . SER A 1 184 ? 8.286   3.463   4.448   1.00 66.17  ? 184  SER A N   1 
ATOM   1337 C CA  . SER A 1 184 ? 8.764   2.389   5.381   1.00 67.57  ? 184  SER A CA  1 
ATOM   1338 C C   . SER A 1 184 ? 9.206   2.795   6.748   1.00 67.26  ? 184  SER A C   1 
ATOM   1339 O O   . SER A 1 184 ? 9.767   1.955   7.495   1.00 67.35  ? 184  SER A O   1 
ATOM   1340 C CB  . SER A 1 184 ? 9.973   1.721   4.800   1.00 66.79  ? 184  SER A CB  1 
ATOM   1341 O OG  . SER A 1 184 ? 9.868   1.902   3.463   1.00 70.94  ? 184  SER A OG  1 
ATOM   1342 N N   . TRP A 1 185 ? 9.046   4.083   7.029   1.00 66.54  ? 185  TRP A N   1 
ATOM   1343 C CA  . TRP A 1 185 ? 9.666   4.649   8.183   1.00 66.58  ? 185  TRP A CA  1 
ATOM   1344 C C   . TRP A 1 185 ? 8.834   4.327   9.443   1.00 67.55  ? 185  TRP A C   1 
ATOM   1345 O O   . TRP A 1 185 ? 9.389   4.373   10.565  1.00 68.98  ? 185  TRP A O   1 
ATOM   1346 C CB  . TRP A 1 185 ? 10.081  6.154   8.001   1.00 65.99  ? 185  TRP A CB  1 
ATOM   1347 C CG  . TRP A 1 185 ? 8.978   7.159   8.143   1.00 64.39  ? 185  TRP A CG  1 
ATOM   1348 C CD1 . TRP A 1 185 ? 8.554   7.774   9.296   1.00 64.12  ? 185  TRP A CD1 1 
ATOM   1349 C CD2 . TRP A 1 185 ? 8.138   7.634   7.109   1.00 64.89  ? 185  TRP A CD2 1 
ATOM   1350 N NE1 . TRP A 1 185 ? 7.481   8.601   9.045   1.00 62.54  ? 185  TRP A NE1 1 
ATOM   1351 C CE2 . TRP A 1 185 ? 7.197   8.533   7.705   1.00 64.78  ? 185  TRP A CE2 1 
ATOM   1352 C CE3 . TRP A 1 185 ? 8.069   7.392   5.718   1.00 65.54  ? 185  TRP A CE3 1 
ATOM   1353 C CZ2 . TRP A 1 185 ? 6.203   9.206   6.954   1.00 63.95  ? 185  TRP A CZ2 1 
ATOM   1354 C CZ3 . TRP A 1 185 ? 7.056   8.056   4.958   1.00 65.46  ? 185  TRP A CZ3 1 
ATOM   1355 C CH2 . TRP A 1 185 ? 6.136   8.965   5.600   1.00 64.63  ? 185  TRP A CH2 1 
ATOM   1356 N N   . LEU A 1 186 ? 7.559   3.940   9.301   1.00 67.06  ? 186  LEU A N   1 
ATOM   1357 C CA  . LEU A 1 186 ? 6.735   3.697   10.520  1.00 65.75  ? 186  LEU A CA  1 
ATOM   1358 C C   . LEU A 1 186 ? 7.054   2.336   11.111  1.00 66.15  ? 186  LEU A C   1 
ATOM   1359 O O   . LEU A 1 186 ? 6.757   2.034   12.287  1.00 65.51  ? 186  LEU A O   1 
ATOM   1360 C CB  . LEU A 1 186 ? 5.246   3.752   10.225  1.00 64.83  ? 186  LEU A CB  1 
ATOM   1361 C CG  . LEU A 1 186 ? 4.784   5.005   9.536   1.00 63.15  ? 186  LEU A CG  1 
ATOM   1362 C CD1 . LEU A 1 186 ? 4.959   4.784   8.076   1.00 63.65  ? 186  LEU A CD1 1 
ATOM   1363 C CD2 . LEU A 1 186 ? 3.355   5.182   9.831   1.00 62.79  ? 186  LEU A CD2 1 
ATOM   1364 N N   . VAL A 1 187 ? 7.620   1.490   10.264  1.00 66.53  ? 187  VAL A N   1 
ATOM   1365 C CA  . VAL A 1 187 ? 8.010   0.193   10.713  1.00 67.00  ? 187  VAL A CA  1 
ATOM   1366 C C   . VAL A 1 187 ? 9.468   0.054   10.314  1.00 67.62  ? 187  VAL A C   1 
ATOM   1367 O O   . VAL A 1 187 ? 9.748   -0.333  9.200   1.00 68.09  ? 187  VAL A O   1 
ATOM   1368 C CB  . VAL A 1 187 ? 7.094   -0.872  10.125  1.00 66.13  ? 187  VAL A CB  1 
ATOM   1369 C CG1 . VAL A 1 187 ? 7.460   -2.198  10.683  1.00 67.65  ? 187  VAL A CG1 1 
ATOM   1370 C CG2 . VAL A 1 187 ? 5.722   -0.587  10.531  1.00 64.45  ? 187  VAL A CG2 1 
ATOM   1371 N N   . PRO A 1 188 ? 10.399  0.473   11.197  1.00 68.48  ? 188  PRO A N   1 
ATOM   1372 C CA  . PRO A 1 188 ? 11.833  0.243   10.968  1.00 69.33  ? 188  PRO A CA  1 
ATOM   1373 C C   . PRO A 1 188 ? 12.242  -1.162  11.430  1.00 69.98  ? 188  PRO A C   1 
ATOM   1374 O O   . PRO A 1 188 ? 11.722  -1.683  12.433  1.00 69.78  ? 188  PRO A O   1 
ATOM   1375 C CB  . PRO A 1 188 ? 12.528  1.336   11.818  1.00 68.78  ? 188  PRO A CB  1 
ATOM   1376 C CG  . PRO A 1 188 ? 11.433  1.972   12.644  1.00 67.19  ? 188  PRO A CG  1 
ATOM   1377 C CD  . PRO A 1 188 ? 10.170  1.214   12.451  1.00 68.38  ? 188  PRO A CD  1 
ATOM   1378 N N   . ALA A 1 189 ? 13.151  -1.762  10.681  1.00 70.44  ? 189  ALA A N   1 
ATOM   1379 C CA  . ALA A 1 189 ? 13.489  -3.141  10.904  1.00 71.46  ? 189  ALA A CA  1 
ATOM   1380 C C   . ALA A 1 189 ? 13.859  -3.338  12.334  1.00 72.15  ? 189  ALA A C   1 
ATOM   1381 O O   . ALA A 1 189 ? 13.390  -4.303  12.923  1.00 72.93  ? 189  ALA A O   1 
ATOM   1382 C CB  . ALA A 1 189 ? 14.637  -3.539  10.056  1.00 71.55  ? 189  ALA A CB  1 
ATOM   1383 N N   . ASP A 1 190 ? 14.688  -2.428  12.866  1.00 72.32  ? 190  ASP A N   1 
ATOM   1384 C CA  . ASP A 1 190 ? 15.295  -2.533  14.193  1.00 73.13  ? 190  ASP A CA  1 
ATOM   1385 C C   . ASP A 1 190 ? 14.251  -2.399  15.292  1.00 72.86  ? 190  ASP A C   1 
ATOM   1386 O O   . ASP A 1 190 ? 14.423  -2.948  16.384  1.00 73.55  ? 190  ASP A O   1 
ATOM   1387 C CB  . ASP A 1 190 ? 16.424  -1.500  14.393  1.00 73.75  ? 190  ASP A CB  1 
ATOM   1388 C CG  . ASP A 1 190 ? 16.050  -0.073  13.836  1.00 79.22  ? 190  ASP A CG  1 
ATOM   1389 O OD1 . ASP A 1 190 ? 16.251  0.210   12.607  1.00 84.21  ? 190  ASP A OD1 1 
ATOM   1390 O OD2 . ASP A 1 190 ? 15.558  0.788   14.620  1.00 81.41  ? 190  ASP A OD2 1 
ATOM   1391 N N   . ALA A 1 191 ? 13.155  -1.696  15.029  1.00 72.31  ? 191  ALA A N   1 
ATOM   1392 C CA  . ALA A 1 191 ? 12.061  -1.676  16.002  1.00 71.77  ? 191  ALA A CA  1 
ATOM   1393 C C   . ALA A 1 191 ? 11.285  -2.976  16.058  1.00 71.81  ? 191  ALA A C   1 
ATOM   1394 O O   . ALA A 1 191 ? 10.816  -3.383  17.126  1.00 72.38  ? 191  ALA A O   1 
ATOM   1395 C CB  . ALA A 1 191 ? 11.143  -0.603  15.683  1.00 72.41  ? 191  ALA A CB  1 
ATOM   1396 N N   . LEU A 1 192 ? 11.096  -3.580  14.884  1.00 71.58  ? 192  LEU A N   1 
ATOM   1397 C CA  . LEU A 1 192 ? 10.458  -4.860  14.711  1.00 70.94  ? 192  LEU A CA  1 
ATOM   1398 C C   . LEU A 1 192 ? 11.351  -5.837  15.407  1.00 72.07  ? 192  LEU A C   1 
ATOM   1399 O O   . LEU A 1 192 ? 10.981  -6.458  16.395  1.00 71.68  ? 192  LEU A O   1 
ATOM   1400 C CB  . LEU A 1 192 ? 10.448  -5.187  13.227  1.00 70.78  ? 192  LEU A CB  1 
ATOM   1401 C CG  . LEU A 1 192 ? 9.108   -5.702  12.728  1.00 70.36  ? 192  LEU A CG  1 
ATOM   1402 C CD1 . LEU A 1 192 ? 8.019   -4.828  13.339  1.00 67.43  ? 192  LEU A CD1 1 
ATOM   1403 C CD2 . LEU A 1 192 ? 9.001   -5.735  11.172  1.00 70.20  ? 192  LEU A CD2 1 
ATOM   1404 N N   . GLU A 1 193 ? 12.569  -5.939  14.888  1.00 73.36  ? 193  GLU A N   1 
ATOM   1405 C CA  . GLU A 1 193 ? 13.606  -6.782  15.461  1.00 74.79  ? 193  GLU A CA  1 
ATOM   1406 C C   . GLU A 1 193 ? 13.515  -6.809  16.969  1.00 73.61  ? 193  GLU A C   1 
ATOM   1407 O O   . GLU A 1 193 ? 13.629  -7.866  17.563  1.00 73.60  ? 193  GLU A O   1 
ATOM   1408 C CB  . GLU A 1 193 ? 15.010  -6.328  14.987  1.00 75.77  ? 193  GLU A CB  1 
ATOM   1409 C CG  . GLU A 1 193 ? 16.097  -6.104  16.103  1.00 83.30  ? 193  GLU A CG  1 
ATOM   1410 C CD  . GLU A 1 193 ? 17.481  -6.820  15.835  1.00 92.23  ? 193  GLU A CD  1 
ATOM   1411 O OE1 . GLU A 1 193 ? 17.614  -8.010  16.299  1.00 92.71  ? 193  GLU A OE1 1 
ATOM   1412 O OE2 . GLU A 1 193 ? 18.416  -6.184  15.205  1.00 93.86  ? 193  GLU A OE2 1 
ATOM   1413 N N   . ALA A 1 194 ? 13.283  -5.635  17.561  1.00 72.93  ? 194  ALA A N   1 
ATOM   1414 C CA  . ALA A 1 194 ? 13.386  -5.404  19.009  1.00 71.66  ? 194  ALA A CA  1 
ATOM   1415 C C   . ALA A 1 194 ? 12.024  -5.359  19.751  1.00 70.66  ? 194  ALA A C   1 
ATOM   1416 O O   . ALA A 1 194 ? 11.960  -5.073  20.932  1.00 70.13  ? 194  ALA A O   1 
ATOM   1417 C CB  . ALA A 1 194 ? 14.236  -4.122  19.267  1.00 71.53  ? 194  ALA A CB  1 
ATOM   1418 N N   . GLY A 1 195 ? 10.946  -5.682  19.050  1.00 70.02  ? 195  GLY A N   1 
ATOM   1419 C CA  . GLY A 1 195 ? 9.614   -5.474  19.563  1.00 69.53  ? 195  GLY A CA  1 
ATOM   1420 C C   . GLY A 1 195 ? 9.310   -4.138  20.254  1.00 69.10  ? 195  GLY A C   1 
ATOM   1421 O O   . GLY A 1 195 ? 8.493   -4.103  21.178  1.00 68.93  ? 195  GLY A O   1 
ATOM   1422 N N   . ASP A 1 196 ? 9.916   -3.020  19.856  1.00 68.27  ? 196  ASP A N   1 
ATOM   1423 C CA  . ASP A 1 196 ? 9.483   -1.837  20.566  1.00 67.25  ? 196  ASP A CA  1 
ATOM   1424 C C   . ASP A 1 196 ? 8.368   -1.063  19.904  1.00 68.29  ? 196  ASP A C   1 
ATOM   1425 O O   . ASP A 1 196 ? 8.545   0.068   19.458  1.00 68.28  ? 196  ASP A O   1 
ATOM   1426 C CB  . ASP A 1 196 ? 10.570  -0.981  21.208  1.00 65.69  ? 196  ASP A CB  1 
ATOM   1427 C CG  . ASP A 1 196 ? 10.207  -0.614  22.645  1.00 59.27  ? 196  ASP A CG  1 
ATOM   1428 O OD1 . ASP A 1 196 ? 10.317  -1.487  23.529  0.50 54.09  ? 196  ASP A OD1 1 
ATOM   1429 O OD2 . ASP A 1 196 ? 9.816   0.547   22.855  1.00 39.89  ? 196  ASP A OD2 1 
ATOM   1430 N N   . TYR A 1 197 ? 7.200   -1.725  19.930  1.00 68.65  ? 197  TYR A N   1 
ATOM   1431 C CA  . TYR A 1 197 ? 5.901   -1.184  19.519  1.00 68.40  ? 197  TYR A CA  1 
ATOM   1432 C C   . TYR A 1 197 ? 5.557   0.182   20.148  1.00 67.62  ? 197  TYR A C   1 
ATOM   1433 O O   . TYR A 1 197 ? 4.805   0.920   19.508  1.00 68.13  ? 197  TYR A O   1 
ATOM   1434 C CB  . TYR A 1 197 ? 4.764   -2.221  19.786  1.00 68.98  ? 197  TYR A CB  1 
ATOM   1435 C CG  . TYR A 1 197 ? 5.209   -3.647  19.509  1.00 69.52  ? 197  TYR A CG  1 
ATOM   1436 C CD1 . TYR A 1 197 ? 5.483   -4.564  20.572  1.00 71.74  ? 197  TYR A CD1 1 
ATOM   1437 C CD2 . TYR A 1 197 ? 5.411   -4.081  18.201  1.00 69.08  ? 197  TYR A CD2 1 
ATOM   1438 C CE1 . TYR A 1 197 ? 5.965   -5.919  20.317  1.00 70.55  ? 197  TYR A CE1 1 
ATOM   1439 C CE2 . TYR A 1 197 ? 5.879   -5.395  17.924  1.00 72.56  ? 197  TYR A CE2 1 
ATOM   1440 C CZ  . TYR A 1 197 ? 6.158   -6.319  18.977  1.00 71.56  ? 197  TYR A CZ  1 
ATOM   1441 O OH  . TYR A 1 197 ? 6.610   -7.587  18.635  1.00 69.31  ? 197  TYR A OH  1 
ATOM   1442 N N   . ASP A 1 198 ? 6.049   0.508   21.371  1.00 65.63  ? 198  ASP A N   1 
ATOM   1443 C CA  . ASP A 1 198 ? 5.916   1.895   21.910  1.00 63.49  ? 198  ASP A CA  1 
ATOM   1444 C C   . ASP A 1 198 ? 6.259   2.819   20.718  1.00 63.28  ? 198  ASP A C   1 
ATOM   1445 O O   . ASP A 1 198 ? 5.440   3.658   20.272  1.00 62.77  ? 198  ASP A O   1 
ATOM   1446 C CB  . ASP A 1 198 ? 6.691   2.229   23.255  1.00 61.76  ? 198  ASP A CB  1 
ATOM   1447 C CG  . ASP A 1 198 ? 8.066   1.514   23.411  1.00 61.75  ? 198  ASP A CG  1 
ATOM   1448 O OD1 . ASP A 1 198 ? 8.164   0.286   23.655  1.00 61.61  ? 198  ASP A OD1 1 
ATOM   1449 O OD2 . ASP A 1 198 ? 9.111   2.167   23.391  1.00 55.88  ? 198  ASP A OD2 1 
ATOM   1450 N N   . ARG A 1 199 ? 7.420   2.571   20.129  1.00 62.31  ? 199  ARG A N   1 
ATOM   1451 C CA  . ARG A 1 199 ? 7.947   3.437   19.110  1.00 61.78  ? 199  ARG A CA  1 
ATOM   1452 C C   . ARG A 1 199 ? 7.193   3.414   17.816  1.00 62.23  ? 199  ARG A C   1 
ATOM   1453 O O   . ARG A 1 199 ? 7.119   4.453   17.121  1.00 62.36  ? 199  ARG A O   1 
ATOM   1454 C CB  . ARG A 1 199 ? 9.349   3.004   18.818  1.00 62.32  ? 199  ARG A CB  1 
ATOM   1455 C CG  . ARG A 1 199 ? 10.077  3.828   17.841  1.00 61.82  ? 199  ARG A CG  1 
ATOM   1456 C CD  . ARG A 1 199 ? 11.433  3.202   17.677  1.00 61.53  ? 199  ARG A CD  1 
ATOM   1457 N NE  . ARG A 1 199 ? 12.150  3.793   16.556  1.00 60.94  ? 199  ARG A NE  1 
ATOM   1458 C CZ  . ARG A 1 199 ? 13.216  3.236   16.004  1.00 61.29  ? 199  ARG A CZ  1 
ATOM   1459 N NH1 . ARG A 1 199 ? 13.675  2.068   16.484  1.00 62.43  ? 199  ARG A NH1 1 
ATOM   1460 N NH2 . ARG A 1 199 ? 13.796  3.831   14.966  1.00 58.78  ? 199  ARG A NH2 1 
ATOM   1461 N N   . ILE A 1 200 ? 6.677   2.242   17.447  1.00 62.23  ? 200  ILE A N   1 
ATOM   1462 C CA  . ILE A 1 200 ? 5.873   2.135   16.212  1.00 62.18  ? 200  ILE A CA  1 
ATOM   1463 C C   . ILE A 1 200 ? 4.592   2.934   16.290  1.00 61.81  ? 200  ILE A C   1 
ATOM   1464 O O   . ILE A 1 200 ? 4.330   3.728   15.425  1.00 61.64  ? 200  ILE A O   1 
ATOM   1465 C CB  . ILE A 1 200 ? 5.590   0.686   15.812  1.00 62.37  ? 200  ILE A CB  1 
ATOM   1466 C CG1 . ILE A 1 200 ? 6.725   0.181   14.911  1.00 62.50  ? 200  ILE A CG1 1 
ATOM   1467 C CG2 . ILE A 1 200 ? 4.244   0.562   15.063  1.00 63.33  ? 200  ILE A CG2 1 
ATOM   1468 C CD1 . ILE A 1 200 ? 7.088   -1.287  15.166  1.00 60.21  ? 200  ILE A CD1 1 
ATOM   1469 N N   . THR A 1 201 ? 3.806   2.719   17.336  1.00 62.78  ? 201  THR A N   1 
ATOM   1470 C CA  . THR A 1 201 ? 2.621   3.524   17.618  1.00 63.40  ? 201  THR A CA  1 
ATOM   1471 C C   . THR A 1 201 ? 2.927   4.998   17.403  1.00 64.30  ? 201  THR A C   1 
ATOM   1472 O O   . THR A 1 201 ? 2.157   5.701   16.719  1.00 64.59  ? 201  THR A O   1 
ATOM   1473 C CB  . THR A 1 201 ? 2.128   3.327   19.057  1.00 62.87  ? 201  THR A CB  1 
ATOM   1474 O OG1 . THR A 1 201 ? 1.679   1.984   19.216  1.00 65.30  ? 201  THR A OG1 1 
ATOM   1475 C CG2 . THR A 1 201 ? 1.001   4.217   19.363  1.00 61.02  ? 201  THR A CG2 1 
ATOM   1476 N N   . LYS A 1 202 ? 4.047   5.487   17.946  1.00 64.81  ? 202  LYS A N   1 
ATOM   1477 C CA  . LYS A 1 202 ? 4.216   6.938   17.860  1.00 65.71  ? 202  LYS A CA  1 
ATOM   1478 C C   . LYS A 1 202 ? 4.651   7.472   16.498  1.00 64.89  ? 202  LYS A C   1 
ATOM   1479 O O   . LYS A 1 202 ? 4.083   8.464   16.048  1.00 65.74  ? 202  LYS A O   1 
ATOM   1480 C CB  . LYS A 1 202 ? 4.954   7.570   19.046  1.00 65.96  ? 202  LYS A CB  1 
ATOM   1481 C CG  . LYS A 1 202 ? 6.357   7.078   19.264  1.00 69.73  ? 202  LYS A CG  1 
ATOM   1482 C CD  . LYS A 1 202 ? 7.411   7.591   18.211  1.00 73.28  ? 202  LYS A CD  1 
ATOM   1483 C CE  . LYS A 1 202 ? 7.682   9.074   18.313  1.00 72.00  ? 202  LYS A CE  1 
ATOM   1484 N NZ  . LYS A 1 202 ? 8.415   9.377   19.538  1.00 72.05  ? 202  LYS A NZ  1 
ATOM   1485 N N   . LEU A 1 203 ? 5.597   6.799   15.842  1.00 63.49  ? 203  LEU A N   1 
ATOM   1486 C CA  . LEU A 1 203 ? 5.988   7.120   14.496  1.00 61.52  ? 203  LEU A CA  1 
ATOM   1487 C C   . LEU A 1 203 ? 4.793   7.181   13.607  1.00 61.18  ? 203  LEU A C   1 
ATOM   1488 O O   . LEU A 1 203 ? 4.769   7.953   12.628  1.00 61.39  ? 203  LEU A O   1 
ATOM   1489 C CB  . LEU A 1 203 ? 6.865   6.027   14.010  1.00 61.40  ? 203  LEU A CB  1 
ATOM   1490 C CG  . LEU A 1 203 ? 8.353   6.322   14.143  1.00 64.01  ? 203  LEU A CG  1 
ATOM   1491 C CD1 . LEU A 1 203 ? 9.228   5.137   13.673  1.00 63.49  ? 203  LEU A CD1 1 
ATOM   1492 C CD2 . LEU A 1 203 ? 8.779   7.640   13.438  1.00 64.37  ? 203  LEU A CD2 1 
ATOM   1493 N N   . ALA A 1 204 ? 3.789   6.385   13.947  1.00 60.79  ? 204  ALA A N   1 
ATOM   1494 C CA  . ALA A 1 204 ? 2.576   6.372   13.171  1.00 62.43  ? 204  ALA A CA  1 
ATOM   1495 C C   . ALA A 1 204 ? 1.741   7.575   13.501  1.00 63.77  ? 204  ALA A C   1 
ATOM   1496 O O   . ALA A 1 204 ? 1.342   8.345   12.612  1.00 63.94  ? 204  ALA A O   1 
ATOM   1497 C CB  . ALA A 1 204 ? 1.773   5.084   13.378  1.00 62.27  ? 204  ALA A CB  1 
ATOM   1498 N N   . ARG A 1 205 ? 1.471   7.764   14.779  1.00 65.06  ? 205  ARG A N   1 
ATOM   1499 C CA  . ARG A 1 205 ? 0.693   8.890   15.087  1.00 67.45  ? 205  ARG A CA  1 
ATOM   1500 C C   . ARG A 1 205 ? 1.315   10.156  14.474  1.00 67.94  ? 205  ARG A C   1 
ATOM   1501 O O   . ARG A 1 205 ? 0.612   11.002  13.910  1.00 68.80  ? 205  ARG A O   1 
ATOM   1502 C CB  . ARG A 1 205 ? 0.604   9.071   16.545  1.00 68.04  ? 205  ARG A CB  1 
ATOM   1503 C CG  . ARG A 1 205 ? -0.080  10.378  16.864  1.00 74.18  ? 205  ARG A CG  1 
ATOM   1504 C CD  . ARG A 1 205 ? -0.502  10.408  18.314  1.00 84.96  ? 205  ARG A CD  1 
ATOM   1505 N NE  . ARG A 1 205 ? -1.361  9.255   18.698  1.00 90.78  ? 205  ARG A NE  1 
ATOM   1506 C CZ  . ARG A 1 205 ? -0.948  8.125   19.312  1.00 93.25  ? 205  ARG A CZ  1 
ATOM   1507 N NH1 . ARG A 1 205 ? 0.351   7.907   19.622  1.00 94.69  ? 205  ARG A NH1 1 
ATOM   1508 N NH2 . ARG A 1 205 ? -1.849  7.188   19.611  1.00 93.45  ? 205  ARG A NH2 1 
ATOM   1509 N N   . GLU A 1 206 ? 2.625   10.304  14.569  1.00 68.06  ? 206  GLU A N   1 
ATOM   1510 C CA  . GLU A 1 206 ? 3.237   11.552  14.133  1.00 68.50  ? 206  GLU A CA  1 
ATOM   1511 C C   . GLU A 1 206 ? 3.097   11.739  12.647  1.00 68.90  ? 206  GLU A C   1 
ATOM   1512 O O   . GLU A 1 206 ? 3.045   12.897  12.172  1.00 69.22  ? 206  GLU A O   1 
ATOM   1513 C CB  . GLU A 1 206 ? 4.700   11.545  14.418  1.00 68.53  ? 206  GLU A CB  1 
ATOM   1514 C CG  . GLU A 1 206 ? 5.043   11.347  15.839  1.00 70.13  ? 206  GLU A CG  1 
ATOM   1515 C CD  . GLU A 1 206 ? 6.534   11.477  16.029  1.00 74.86  ? 206  GLU A CD  1 
ATOM   1516 O OE1 . GLU A 1 206 ? 6.952   11.612  17.201  1.00 77.75  ? 206  GLU A OE1 1 
ATOM   1517 O OE2 . GLU A 1 206 ? 7.284   11.463  15.000  1.00 76.18  ? 206  GLU A OE2 1 
ATOM   1518 N N   . ALA A 1 207 ? 3.081   10.599  11.935  1.00 68.33  ? 207  ALA A N   1 
ATOM   1519 C CA  . ALA A 1 207 ? 2.914   10.544  10.492  1.00 67.43  ? 207  ALA A CA  1 
ATOM   1520 C C   . ALA A 1 207 ? 1.505   11.058  10.110  1.00 67.56  ? 207  ALA A C   1 
ATOM   1521 O O   . ALA A 1 207 ? 1.349   11.904  9.231   1.00 66.66  ? 207  ALA A O   1 
ATOM   1522 C CB  . ALA A 1 207 ? 3.117   9.136   10.045  1.00 66.61  ? 207  ALA A CB  1 
ATOM   1523 N N   . VAL A 1 208 ? 0.487   10.559  10.805  1.00 67.64  ? 208  VAL A N   1 
ATOM   1524 C CA  . VAL A 1 208 ? -0.892  10.932  10.554  1.00 68.10  ? 208  VAL A CA  1 
ATOM   1525 C C   . VAL A 1 208 ? -1.153  12.405  10.906  1.00 70.01  ? 208  VAL A C   1 
ATOM   1526 O O   . VAL A 1 208 ? -1.990  13.053  10.280  1.00 69.75  ? 208  VAL A O   1 
ATOM   1527 C CB  . VAL A 1 208 ? -1.808  10.046  11.408  1.00 67.95  ? 208  VAL A CB  1 
ATOM   1528 C CG1 . VAL A 1 208 ? -3.262  10.277  11.081  1.00 65.62  ? 208  VAL A CG1 1 
ATOM   1529 C CG2 . VAL A 1 208 ? -1.393  8.606   11.256  1.00 65.35  ? 208  VAL A CG2 1 
ATOM   1530 N N   . GLU A 1 209 ? -0.444  12.906  11.932  1.00 71.73  ? 209  GLU A N   1 
ATOM   1531 C CA  . GLU A 1 209 ? -0.593  14.261  12.438  1.00 73.19  ? 209  GLU A CA  1 
ATOM   1532 C C   . GLU A 1 209 ? 0.141   15.166  11.537  1.00 73.06  ? 209  GLU A C   1 
ATOM   1533 O O   . GLU A 1 209 ? -0.386  16.149  11.092  1.00 73.09  ? 209  GLU A O   1 
ATOM   1534 C CB  . GLU A 1 209 ? 0.012   14.421  13.848  1.00 74.22  ? 209  GLU A CB  1 
ATOM   1535 C CG  . GLU A 1 209 ? -0.950  15.128  14.860  1.00 78.04  ? 209  GLU A CG  1 
ATOM   1536 C CD  . GLU A 1 209 ? -2.179  14.221  15.145  1.00 85.08  ? 209  GLU A CD  1 
ATOM   1537 O OE1 . GLU A 1 209 ? -3.105  14.159  14.271  1.00 85.94  ? 209  GLU A OE1 1 
ATOM   1538 O OE2 . GLU A 1 209 ? -2.193  13.533  16.213  1.00 85.62  ? 209  GLU A OE2 1 
ATOM   1539 N N   . GLY A 1 210 ? 1.385   14.831  11.297  1.00 73.88  ? 210  GLY A N   1 
ATOM   1540 C CA  . GLY A 1 210 ? 2.178   15.596  10.404  1.00 76.00  ? 210  GLY A CA  1 
ATOM   1541 C C   . GLY A 1 210 ? 1.604   15.652  9.011   1.00 77.76  ? 210  GLY A C   1 
ATOM   1542 O O   . GLY A 1 210 ? 2.190   16.299  8.161   1.00 77.83  ? 210  GLY A O   1 
ATOM   1543 N N   . ALA A 1 211 ? 0.464   15.009  8.748   1.00 79.70  ? 211  ALA A N   1 
ATOM   1544 C CA  . ALA A 1 211 ? -0.111  15.040  7.377   1.00 82.33  ? 211  ALA A CA  1 
ATOM   1545 C C   . ALA A 1 211 ? -1.199  16.083  7.044   1.00 83.08  ? 211  ALA A C   1 
ATOM   1546 O O   . ALA A 1 211 ? -1.869  15.929  6.019   1.00 82.55  ? 211  ALA A O   1 
ATOM   1547 C CB  . ALA A 1 211 ? -0.582  13.687  6.985   1.00 81.35  ? 211  ALA A CB  1 
ATOM   1548 N N   . LYS A 1 212 ? -1.334  17.137  7.878   1.00 85.49  ? 212  LYS A N   1 
ATOM   1549 C CA  . LYS A 1 212 ? -2.367  18.222  7.768   1.00 87.56  ? 212  LYS A CA  1 
ATOM   1550 C C   . LYS A 1 212 ? -1.850  19.667  7.441   1.00 89.26  ? 212  LYS A C   1 
ATOM   1551 O O   . LYS A 1 212 ? -0.673  19.847  7.114   1.00 89.22  ? 212  LYS A O   1 
ATOM   1552 C CB  . LYS A 1 212 ? -3.184  18.264  9.057   1.00 87.27  ? 212  LYS A CB  1 
ATOM   1553 C CG  . LYS A 1 212 ? -4.058  17.075  9.282   1.00 87.01  ? 212  LYS A CG  1 
ATOM   1554 C CD  . LYS A 1 212 ? -4.014  16.754  10.750  1.00 86.84  ? 212  LYS A CD  1 
ATOM   1555 C CE  . LYS A 1 212 ? -5.174  15.845  11.139  1.00 87.22  ? 212  LYS A CE  1 
ATOM   1556 N NZ  . LYS A 1 212 ? -5.055  15.467  12.574  1.00 86.66  ? 212  LYS A NZ  1 
ATOM   1557 N N   . LEU A 1 213 ? -2.728  20.676  7.602   1.00 91.26  ? 213  LEU A N   1 
ATOM   1558 C CA  . LEU A 1 213 ? -2.593  22.116  7.118   1.00 92.63  ? 213  LEU A CA  1 
ATOM   1559 C C   . LEU A 1 213 ? -3.683  22.433  6.014   1.00 93.81  ? 213  LEU A C   1 
ATOM   1560 O O   . LEU A 1 213 ? -4.841  21.959  6.142   1.00 94.15  ? 213  LEU A O   1 
ATOM   1561 C CB  . LEU A 1 213 ? -1.148  22.579  6.678   1.00 93.35  ? 213  LEU A CB  1 
ATOM   1562 C CG  . LEU A 1 213 ? -0.222  23.469  7.571   1.00 95.92  ? 213  LEU A CG  1 
ATOM   1563 C CD1 . LEU A 1 213 ? 0.624   22.599  8.587   1.00 97.61  ? 213  LEU A CD1 1 
ATOM   1564 C CD2 . LEU A 1 213 ? 0.709   24.542  6.807   1.00 94.00  ? 213  LEU A CD2 1 
ATOM   1565 O OXT . LEU A 1 213 ? -3.483  23.139  4.979   1.00 93.73  ? 213  LEU A OXT 1 
HETATM 1566 S S   . SO4 B 2 .   ? 11.093  4.088   0.932   1.00 50.00  ? 1214 SO4 A S   1 
HETATM 1567 O O1  . SO4 B 2 .   ? 11.176  4.030   2.474   1.00 60.42  ? 1214 SO4 A O1  1 
HETATM 1568 O O2  . SO4 B 2 .   ? 9.662   4.488   0.296   1.00 59.91  ? 1214 SO4 A O2  1 
HETATM 1569 O O3  . SO4 B 2 .   ? 12.018  5.115   0.257   1.00 47.83  ? 1214 SO4 A O3  1 
HETATM 1570 O O4  . SO4 B 2 .   ? 11.541  2.680   0.411   1.00 50.73  ? 1214 SO4 A O4  1 
HETATM 1571 O O   . HOH C 3 .   ? -15.747 1.635   -10.238 1.00 73.38  ? 2001 HOH A O   1 
HETATM 1572 O O   . HOH C 3 .   ? -12.648 -2.877  -11.584 1.00 33.25  ? 2002 HOH A O   1 
HETATM 1573 O O   . HOH C 3 .   ? -18.699 -7.442  -8.464  1.00 44.94  ? 2003 HOH A O   1 
HETATM 1574 O O   . HOH C 3 .   ? -14.097 -1.443  -17.019 1.00 68.33  ? 2004 HOH A O   1 
HETATM 1575 O O   . HOH C 3 .   ? -15.080 -7.682  -14.391 1.00 58.02  ? 2005 HOH A O   1 
HETATM 1576 O O   . HOH C 3 .   ? -17.052 -6.798  -11.771 1.00 68.12  ? 2006 HOH A O   1 
HETATM 1577 O O   . HOH C 3 .   ? -15.599 11.152  -5.305  1.00 71.14  ? 2007 HOH A O   1 
HETATM 1578 O O   . HOH C 3 .   ? -19.159 3.748   -1.437  1.00 61.30  ? 2008 HOH A O   1 
HETATM 1579 O O   . HOH C 3 .   ? 13.632  -17.944 6.812   1.00 76.13  ? 2009 HOH A O   1 
HETATM 1580 O O   . HOH C 3 .   ? 10.992  -19.196 6.022   1.00 88.88  ? 2010 HOH A O   1 
HETATM 1581 O O   . HOH C 3 .   ? -18.373 -0.364  -3.772  1.00 57.41  ? 2011 HOH A O   1 
HETATM 1582 O O   . HOH C 3 .   ? 8.740   -16.983 10.037  1.00 52.48  ? 2012 HOH A O   1 
HETATM 1583 O O   . HOH C 3 .   ? -15.778 8.701   -6.801  1.00 61.36  ? 2013 HOH A O   1 
HETATM 1584 O O   . HOH C 3 .   ? -13.414 6.929   -1.961  1.00 77.84  ? 2014 HOH A O   1 
HETATM 1585 O O   . HOH C 3 .   ? -14.657 3.511   -6.969  1.00 59.31  ? 2015 HOH A O   1 
HETATM 1586 O O   . HOH C 3 .   ? -11.156 8.265   -5.862  1.00 65.20  ? 2016 HOH A O   1 
HETATM 1587 O O   . HOH C 3 .   ? -18.489 4.484   -4.325  1.00 51.27  ? 2017 HOH A O   1 
HETATM 1588 O O   . HOH C 3 .   ? 14.185  -11.598 19.976  1.00 55.77  ? 2018 HOH A O   1 
HETATM 1589 O O   . HOH C 3 .   ? -6.064  8.904   1.710   1.00 61.94  ? 2019 HOH A O   1 
HETATM 1590 O O   . HOH C 3 .   ? -5.420  4.809   3.376   1.00 49.48  ? 2020 HOH A O   1 
HETATM 1591 O O   . HOH C 3 .   ? -2.677  7.354   7.521   1.00 62.65  ? 2021 HOH A O   1 
HETATM 1592 O O   . HOH C 3 .   ? 13.519  -18.824 3.555   1.00 78.02  ? 2022 HOH A O   1 
HETATM 1593 O O   . HOH C 3 .   ? 8.043   -21.238 1.933   1.00 84.15  ? 2023 HOH A O   1 
HETATM 1594 O O   . HOH C 3 .   ? 4.119   -19.207 2.735   1.00 49.15  ? 2024 HOH A O   1 
HETATM 1595 O O   . HOH C 3 .   ? 12.589  -6.156  9.040   1.00 61.35  ? 2025 HOH A O   1 
HETATM 1596 O O   . HOH C 3 .   ? 8.515   -18.677 7.844   1.00 64.56  ? 2026 HOH A O   1 
HETATM 1597 O O   . HOH C 3 .   ? 11.289  -8.816  12.330  1.00 47.02  ? 2027 HOH A O   1 
HETATM 1598 O O   . HOH C 3 .   ? 8.984   -15.098 15.975  1.00 56.52  ? 2028 HOH A O   1 
HETATM 1599 O O   . HOH C 3 .   ? 11.533  -10.906 19.828  1.00 59.70  ? 2029 HOH A O   1 
HETATM 1600 O O   . HOH C 3 .   ? 4.792   -21.979 1.352   1.00 62.63  ? 2030 HOH A O   1 
HETATM 1601 O O   . HOH C 3 .   ? -5.025  -1.338  18.881  1.00 58.10  ? 2031 HOH A O   1 
HETATM 1602 O O   . HOH C 3 .   ? -3.301  8.891   15.695  1.00 72.97  ? 2032 HOH A O   1 
HETATM 1603 O O   . HOH C 3 .   ? 12.528  -4.880  -0.343  1.00 66.06  ? 2033 HOH A O   1 
HETATM 1604 O O   . HOH C 3 .   ? 9.844   -18.319 2.617   1.00 75.63  ? 2034 HOH A O   1 
HETATM 1605 O O   . HOH C 3 .   ? 14.500  -15.711 2.632   1.00 63.66  ? 2035 HOH A O   1 
HETATM 1606 O O   . HOH C 3 .   ? 5.368   -16.260 3.062   1.00 49.64  ? 2036 HOH A O   1 
HETATM 1607 O O   . HOH C 3 .   ? 9.945   -14.376 6.808   1.00 65.90  ? 2037 HOH A O   1 
HETATM 1608 O O   . HOH C 3 .   ? 2.591   -19.762 4.842   1.00 32.48  ? 2038 HOH A O   1 
HETATM 1609 O O   . HOH C 3 .   ? 4.949   -18.971 5.773   1.00 35.63  ? 2039 HOH A O   1 
HETATM 1610 O O   . HOH C 3 .   ? 3.855   -20.664 6.793   0.50 2.00   ? 2040 HOH A O   1 
HETATM 1611 O O   . HOH C 3 .   ? 6.381   -19.434 8.288   1.00 45.86  ? 2041 HOH A O   1 
HETATM 1612 O O   . HOH C 3 .   ? 5.936   -21.024 6.523   1.00 15.09  ? 2042 HOH A O   1 
HETATM 1613 O O   . HOH C 3 .   ? -13.780 16.999  -15.628 1.00 52.02  ? 2043 HOH A O   1 
HETATM 1614 O O   . HOH C 3 .   ? -8.956  -8.256  10.949  1.00 75.05  ? 2044 HOH A O   1 
HETATM 1615 O O   . HOH C 3 .   ? -9.674  0.227   14.772  1.00 73.31  ? 2045 HOH A O   1 
HETATM 1616 O O   . HOH C 3 .   ? 6.909   -10.425 -4.292  1.00 61.29  ? 2046 HOH A O   1 
HETATM 1617 O O   . HOH C 3 .   ? -4.882  -14.727 -9.111  1.00 62.40  ? 2047 HOH A O   1 
HETATM 1618 O O   . HOH C 3 .   ? 2.887   -21.860 -6.966  1.00 71.92  ? 2048 HOH A O   1 
HETATM 1619 O O   . HOH C 3 .   ? 1.343   -17.122 -10.896 1.00 60.33  ? 2049 HOH A O   1 
HETATM 1620 O O   . HOH C 3 .   ? -7.110  -17.375 -3.451  1.00 58.08  ? 2050 HOH A O   1 
HETATM 1621 O O   . HOH C 3 .   ? 4.692   -18.111 0.597   1.00 61.85  ? 2051 HOH A O   1 
HETATM 1622 O O   . HOH C 3 .   ? -0.595  -19.825 0.545   1.00 54.61  ? 2052 HOH A O   1 
HETATM 1623 O O   . HOH C 3 .   ? 2.343   -20.574 2.153   1.00 51.49  ? 2053 HOH A O   1 
HETATM 1624 O O   . HOH C 3 .   ? -0.096  -21.305 -1.468  1.00 58.49  ? 2054 HOH A O   1 
HETATM 1625 O O   . HOH C 3 .   ? -8.135  -12.126 -5.947  1.00 45.65  ? 2055 HOH A O   1 
HETATM 1626 O O   . HOH C 3 .   ? -4.700  -23.278 -0.963  1.00 39.66  ? 2056 HOH A O   1 
HETATM 1627 O O   . HOH C 3 .   ? -2.869  -21.338 -1.571  1.00 53.40  ? 2057 HOH A O   1 
HETATM 1628 O O   . HOH C 3 .   ? 1.665   -6.013  -23.181 0.33 55.21  ? 2058 HOH A O   1 
HETATM 1629 O O   . HOH C 3 .   ? 1.893   -8.131  -19.819 1.00 70.38  ? 2059 HOH A O   1 
HETATM 1630 O O   . HOH C 3 .   ? -2.246  -11.613 -21.039 1.00 61.80  ? 2060 HOH A O   1 
HETATM 1631 O O   . HOH C 3 .   ? -5.648  -14.706 -14.874 1.00 55.77  ? 2061 HOH A O   1 
HETATM 1632 O O   . HOH C 3 .   ? -6.538  -0.192  -8.258  1.00 65.19  ? 2062 HOH A O   1 
HETATM 1633 O O   . HOH C 3 .   ? 4.690   8.566   -19.188 1.00 54.52  ? 2063 HOH A O   1 
HETATM 1634 O O   . HOH C 3 .   ? 6.047   0.687   -12.879 1.00 39.64  ? 2064 HOH A O   1 
HETATM 1635 O O   . HOH C 3 .   ? 6.844   0.010   -19.336 0.33 29.38  ? 2065 HOH A O   1 
HETATM 1636 O O   . HOH C 3 .   ? -10.688 -2.419  -22.557 1.00 41.22  ? 2066 HOH A O   1 
HETATM 1637 O O   . HOH C 3 .   ? -4.832  -4.416  -22.919 1.00 56.40  ? 2067 HOH A O   1 
HETATM 1638 O O   . HOH C 3 .   ? -13.221 1.161   -11.935 1.00 51.82  ? 2068 HOH A O   1 
HETATM 1639 O O   . HOH C 3 .   ? -11.556 6.016   -13.534 1.00 74.64  ? 2069 HOH A O   1 
HETATM 1640 O O   . HOH C 3 .   ? -12.841 -0.153  -6.974  1.00 56.56  ? 2070 HOH A O   1 
HETATM 1641 O O   . HOH C 3 .   ? -8.672  1.112   -9.616  1.00 71.62  ? 2071 HOH A O   1 
HETATM 1642 O O   . HOH C 3 .   ? -12.568 1.646   -6.871  1.00 29.95  ? 2072 HOH A O   1 
HETATM 1643 O O   . HOH C 3 .   ? -12.204 5.724   -10.589 1.00 58.63  ? 2073 HOH A O   1 
HETATM 1644 O O   . HOH C 3 .   ? 5.018   -3.300  -3.569  1.00 52.34  ? 2074 HOH A O   1 
HETATM 1645 O O   . HOH C 3 .   ? 9.465   14.444  -5.369  1.00 62.29  ? 2075 HOH A O   1 
HETATM 1646 O O   . HOH C 3 .   ? 12.483  6.411   -5.434  1.00 56.61  ? 2076 HOH A O   1 
HETATM 1647 O O   . HOH C 3 .   ? 9.725   16.584  -9.021  1.00 58.63  ? 2077 HOH A O   1 
HETATM 1648 O O   . HOH C 3 .   ? 1.089   16.537  -18.533 1.00 61.33  ? 2078 HOH A O   1 
HETATM 1649 O O   . HOH C 3 .   ? -4.814  12.553  -12.077 1.00 86.85  ? 2079 HOH A O   1 
HETATM 1650 O O   . HOH C 3 .   ? -11.482 17.468  -14.372 1.00 57.17  ? 2080 HOH A O   1 
HETATM 1651 O O   . HOH C 3 .   ? -8.535  10.353  -15.564 1.00 74.83  ? 2081 HOH A O   1 
HETATM 1652 O O   . HOH C 3 .   ? -9.764  13.339  -4.243  1.00 52.32  ? 2082 HOH A O   1 
HETATM 1653 O O   . HOH C 3 .   ? -11.771 15.019  -5.621  1.00 43.34  ? 2083 HOH A O   1 
HETATM 1654 O O   . HOH C 3 .   ? -13.001 13.493  -7.654  1.00 72.63  ? 2084 HOH A O   1 
HETATM 1655 O O   . HOH C 3 .   ? 12.166  4.085   -3.981  1.00 66.48  ? 2085 HOH A O   1 
HETATM 1656 O O   . HOH C 3 .   ? 12.827  13.255  6.397   1.00 47.06  ? 2086 HOH A O   1 
HETATM 1657 O O   . HOH C 3 .   ? 6.993   17.848  2.833   1.00 72.42  ? 2087 HOH A O   1 
HETATM 1658 O O   . HOH C 3 .   ? -3.995  21.023  -6.248  1.00 66.88  ? 2088 HOH A O   1 
HETATM 1659 O O   . HOH C 3 .   ? -0.939  19.594  -9.127  1.00 57.55  ? 2089 HOH A O   1 
HETATM 1660 O O   . HOH C 3 .   ? -2.960  19.712  -10.885 1.00 69.75  ? 2090 HOH A O   1 
HETATM 1661 O O   . HOH C 3 .   ? -2.424  16.460  -8.940  1.00 60.36  ? 2091 HOH A O   1 
HETATM 1662 O O   . HOH C 3 .   ? 15.111  0.125   9.090   1.00 56.75  ? 2092 HOH A O   1 
HETATM 1663 O O   . HOH C 3 .   ? 11.156  0.731   20.412  1.00 29.94  ? 2093 HOH A O   1 
HETATM 1664 O O   . HOH C 3 .   ? 11.676  6.710   15.974  1.00 51.48  ? 2094 HOH A O   1 
HETATM 1665 O O   . HOH C 3 .   ? 1.574   -0.169  20.870  1.00 74.51  ? 2095 HOH A O   1 
HETATM 1666 O O   . HOH C 3 .   ? 3.053   11.626  18.435  1.00 61.55  ? 2096 HOH A O   1 
HETATM 1667 O O   . HOH C 3 .   ? -7.598  14.937  9.671   1.00 68.06  ? 2097 HOH A O   1 
HETATM 1668 O O   . HOH C 3 .   ? 9.964   2.265   1.285   1.00 55.03  ? 2098 HOH A O   1 
HETATM 1669 O O   . HOH C 3 .   ? 12.500  2.914   5.220   1.00 68.94  ? 2099 HOH A O   1 
HETATM 1670 O O   . HOH C 3 .   ? 7.830   5.225   0.198   1.00 58.29  ? 2100 HOH A O   1 
HETATM 1671 O O   . HOH C 3 .   ? 9.519   5.692   2.741   1.00 108.34 ? 2101 HOH A O   1 
HETATM 1672 O O   . HOH C 3 .   ? 13.335  3.553   0.576   1.00 72.34  ? 2102 HOH A O   1 
# 
loop_
_pdbx_poly_seq_scheme.asym_id 
_pdbx_poly_seq_scheme.entity_id 
_pdbx_poly_seq_scheme.seq_id 
_pdbx_poly_seq_scheme.mon_id 
_pdbx_poly_seq_scheme.ndb_seq_num 
_pdbx_poly_seq_scheme.pdb_seq_num 
_pdbx_poly_seq_scheme.auth_seq_num 
_pdbx_poly_seq_scheme.pdb_mon_id 
_pdbx_poly_seq_scheme.auth_mon_id 
_pdbx_poly_seq_scheme.pdb_strand_id 
_pdbx_poly_seq_scheme.pdb_ins_code 
_pdbx_poly_seq_scheme.hetero 
A 1 1   MET 1   1   1   MET MET A . n 
A 1 2   LYS 2   2   2   LYS LYS A . n 
A 1 3   ASN 3   3   3   ASN ASN A . n 
A 1 4   TRP 4   4   4   TRP TRP A . n 
A 1 5   LYS 5   5   5   LYS LYS A . n 
A 1 6   THR 6   6   6   THR THR A . n 
A 1 7   SER 7   7   7   SER SER A . n 
A 1 8   ALA 8   8   8   ALA ALA A . n 
A 1 9   GLU 9   9   9   GLU GLU A . n 
A 1 10  SER 10  10  10  SER SER A . n 
A 1 11  ILE 11  11  11  ILE ILE A . n 
A 1 12  LEU 12  12  12  LEU LEU A . n 
A 1 13  THR 13  13  13  THR THR A . n 
A 1 14  THR 14  14  14  THR THR A . n 
A 1 15  GLY 15  15  15  GLY GLY A . n 
A 1 16  PRO 16  16  16  PRO PRO A . n 
A 1 17  VAL 17  17  17  VAL VAL A . n 
A 1 18  VAL 18  18  18  VAL VAL A . n 
A 1 19  PRO 19  19  19  PRO PRO A . n 
A 1 20  VAL 20  20  20  VAL VAL A . n 
A 1 21  ILE 21  21  21  ILE ILE A . n 
A 1 22  VAL 22  22  22  VAL VAL A . n 
A 1 23  VAL 23  23  23  VAL VAL A . n 
A 1 24  LYS 24  24  24  LYS LYS A . n 
A 1 25  LYS 25  25  25  LYS LYS A . n 
A 1 26  LEU 26  26  26  LEU LEU A . n 
A 1 27  GLU 27  27  27  GLU GLU A . n 
A 1 28  HIS 28  28  28  HIS HIS A . n 
A 1 29  ALA 29  29  29  ALA ALA A . n 
A 1 30  VAL 30  30  30  VAL VAL A . n 
A 1 31  PRO 31  31  31  PRO PRO A . n 
A 1 32  MET 32  32  32  MET MET A . n 
A 1 33  ALA 33  33  33  ALA ALA A . n 
A 1 34  LYS 34  34  34  LYS LYS A . n 
A 1 35  ALA 35  35  35  ALA ALA A . n 
A 1 36  LEU 36  36  36  LEU LEU A . n 
A 1 37  VAL 37  37  37  VAL VAL A . n 
A 1 38  ALA 38  38  38  ALA ALA A . n 
A 1 39  GLY 39  39  39  GLY GLY A . n 
A 1 40  GLY 40  40  40  GLY GLY A . n 
A 1 41  VAL 41  41  41  VAL VAL A . n 
A 1 42  ARG 42  42  42  ARG ARG A . n 
A 1 43  VAL 43  43  43  VAL VAL A . n 
A 1 44  LEU 44  44  44  LEU LEU A . n 
A 1 45  ASN 45  45  45  ASN ASN A . n 
A 1 46  VAL 46  46  46  VAL VAL A . n 
A 1 47  THR 47  47  47  THR THR A . n 
A 1 48  LEU 48  48  48  LEU LEU A . n 
A 1 49  ARG 49  49  49  ARG ARG A . n 
A 1 50  THR 50  50  50  THR THR A . n 
A 1 51  GLU 51  51  51  GLU GLU A . n 
A 1 52  CYS 52  52  52  CYS CYS A . n 
A 1 53  ALA 53  53  53  ALA ALA A . n 
A 1 54  VAL 54  54  54  VAL VAL A . n 
A 1 55  ASP 55  55  55  ASP ASP A . n 
A 1 56  ALA 56  56  56  ALA ALA A . n 
A 1 57  ILE 57  57  57  ILE ILE A . n 
A 1 58  ARG 58  58  58  ARG ARG A . n 
A 1 59  ALA 59  59  59  ALA ALA A . n 
A 1 60  ILE 60  60  60  ILE ILE A . n 
A 1 61  ALA 61  61  61  ALA ALA A . n 
A 1 62  LYS 62  62  62  LYS LYS A . n 
A 1 63  GLU 63  63  63  GLU GLU A . n 
A 1 64  VAL 64  64  64  VAL VAL A . n 
A 1 65  PRO 65  65  65  PRO PRO A . n 
A 1 66  GLU 66  66  66  GLU GLU A . n 
A 1 67  ALA 67  67  67  ALA ALA A . n 
A 1 68  ILE 68  68  68  ILE ILE A . n 
A 1 69  VAL 69  69  69  VAL VAL A . n 
A 1 70  GLY 70  70  70  GLY GLY A . n 
A 1 71  ALA 71  71  71  ALA ALA A . n 
A 1 72  GLY 72  72  72  GLY GLY A . n 
A 1 73  THR 73  73  73  THR THR A . n 
A 1 74  VAL 74  74  74  VAL VAL A . n 
A 1 75  LEU 75  75  75  LEU LEU A . n 
A 1 76  ASN 76  76  76  ASN ASN A . n 
A 1 77  PRO 77  77  77  PRO PRO A . n 
A 1 78  GLN 78  78  78  GLN GLN A . n 
A 1 79  GLN 79  79  79  GLN GLN A . n 
A 1 80  LEU 80  80  80  LEU LEU A . n 
A 1 81  ALA 81  81  81  ALA ALA A . n 
A 1 82  GLU 82  82  82  GLU GLU A . n 
A 1 83  VAL 83  83  83  VAL VAL A . n 
A 1 84  THR 84  84  84  THR THR A . n 
A 1 85  GLU 85  85  85  GLU GLU A . n 
A 1 86  ALA 86  86  86  ALA ALA A . n 
A 1 87  GLY 87  87  87  GLY GLY A . n 
A 1 88  ALA 88  88  88  ALA ALA A . n 
A 1 89  GLN 89  89  89  GLN GLN A . n 
A 1 90  PHE 90  90  90  PHE PHE A . n 
A 1 91  ALA 91  91  91  ALA ALA A . n 
A 1 92  ILE 92  92  92  ILE ILE A . n 
A 1 93  SER 93  93  93  SER SER A . n 
A 1 94  PRO 94  94  94  PRO PRO A . n 
A 1 95  GLY 95  95  95  GLY GLY A . n 
A 1 96  LEU 96  96  96  LEU LEU A . n 
A 1 97  THR 97  97  97  THR THR A . n 
A 1 98  GLU 98  98  98  GLU GLU A . n 
A 1 99  PRO 99  99  99  PRO PRO A . n 
A 1 100 LEU 100 100 100 LEU LEU A . n 
A 1 101 LEU 101 101 101 LEU LEU A . n 
A 1 102 LYS 102 102 102 LYS LYS A . n 
A 1 103 ALA 103 103 103 ALA ALA A . n 
A 1 104 ALA 104 104 104 ALA ALA A . n 
A 1 105 THR 105 105 105 THR THR A . n 
A 1 106 GLU 106 106 106 GLU GLU A . n 
A 1 107 GLY 107 107 107 GLY GLY A . n 
A 1 108 THR 108 108 108 THR THR A . n 
A 1 109 ILE 109 109 109 ILE ILE A . n 
A 1 110 PRO 110 110 110 PRO PRO A . n 
A 1 111 LEU 111 111 111 LEU LEU A . n 
A 1 112 ILE 112 112 112 ILE ILE A . n 
A 1 113 PRO 113 113 113 PRO PRO A . n 
A 1 114 GLY 114 114 114 GLY GLY A . n 
A 1 115 ILE 115 115 115 ILE ILE A . n 
A 1 116 SER 116 116 116 SER SER A . n 
A 1 117 THR 117 117 117 THR THR A . n 
A 1 118 VAL 118 118 118 VAL VAL A . n 
A 1 119 SER 119 119 119 SER SER A . n 
A 1 120 GLU 120 120 120 GLU GLU A . n 
A 1 121 LEU 121 121 121 LEU LEU A . n 
A 1 122 MET 122 122 122 MET MET A . n 
A 1 123 LEU 123 123 123 LEU LEU A . n 
A 1 124 GLY 124 124 124 GLY GLY A . n 
A 1 125 MET 125 125 125 MET MET A . n 
A 1 126 ASP 126 126 126 ASP ASP A . n 
A 1 127 TYR 127 127 127 TYR TYR A . n 
A 1 128 GLY 128 128 128 GLY GLY A . n 
A 1 129 LEU 129 129 129 LEU LEU A . n 
A 1 130 LYS 130 130 130 LYS LYS A . n 
A 1 131 GLU 131 131 131 GLU GLU A . n 
A 1 132 PHE 132 132 132 PHE PHE A . n 
A 1 133 LYS 133 133 133 LYS LYS A . n 
A 1 134 PHE 134 134 134 PHE PHE A . n 
A 1 135 PHE 135 135 135 PHE PHE A . n 
A 1 136 PRO 136 136 136 PRO PRO A . n 
A 1 137 ALA 137 137 137 ALA ALA A . n 
A 1 138 GLU 138 138 138 GLU GLU A . n 
A 1 139 ALA 139 139 139 ALA ALA A . n 
A 1 140 ASN 140 140 140 ASN ASN A . n 
A 1 141 GLY 141 141 141 GLY GLY A . n 
A 1 142 GLY 142 142 142 GLY GLY A . n 
A 1 143 VAL 143 143 143 VAL VAL A . n 
A 1 144 LYS 144 144 144 LYS LYS A . n 
A 1 145 ALA 145 145 145 ALA ALA A . n 
A 1 146 LEU 146 146 146 LEU LEU A . n 
A 1 147 GLN 147 147 147 GLN GLN A . n 
A 1 148 ALA 148 148 148 ALA ALA A . n 
A 1 149 ILE 149 149 149 ILE ILE A . n 
A 1 150 ALA 150 150 150 ALA ALA A . n 
A 1 151 GLY 151 151 151 GLY GLY A . n 
A 1 152 PRO 152 152 152 PRO PRO A . n 
A 1 153 PHE 153 153 153 PHE PHE A . n 
A 1 154 SER 154 154 154 SER SER A . n 
A 1 155 GLN 155 155 155 GLN GLN A . n 
A 1 156 VAL 156 156 156 VAL VAL A . n 
A 1 157 ARG 157 157 157 ARG ARG A . n 
A 1 158 PHE 158 158 158 PHE PHE A . n 
A 1 159 CYS 159 159 159 CYS CYS A . n 
A 1 160 PRO 160 160 160 PRO PRO A . n 
A 1 161 THR 161 161 161 THR THR A . n 
A 1 162 GLY 162 162 162 GLY GLY A . n 
A 1 163 GLY 163 163 163 GLY GLY A . n 
A 1 164 ILE 164 164 164 ILE ILE A . n 
A 1 165 SER 165 165 165 SER SER A . n 
A 1 166 PRO 166 166 166 PRO PRO A . n 
A 1 167 ALA 167 167 167 ALA ALA A . n 
A 1 168 ASN 168 168 168 ASN ASN A . n 
A 1 169 TYR 169 169 169 TYR TYR A . n 
A 1 170 ARG 170 170 170 ARG ARG A . n 
A 1 171 ASP 171 171 171 ASP ASP A . n 
A 1 172 TYR 172 172 172 TYR TYR A . n 
A 1 173 LEU 173 173 173 LEU LEU A . n 
A 1 174 ALA 174 174 174 ALA ALA A . n 
A 1 175 LEU 175 175 175 LEU LEU A . n 
A 1 176 LYS 176 176 176 LYS LYS A . n 
A 1 177 SER 177 177 177 SER SER A . n 
A 1 178 VAL 178 178 178 VAL VAL A . n 
A 1 179 LEU 179 179 179 LEU LEU A . n 
A 1 180 CYS 180 180 180 CYS CYS A . n 
A 1 181 ILE 181 181 181 ILE ILE A . n 
A 1 182 GLY 182 182 182 GLY GLY A . n 
A 1 183 GLY 183 183 183 GLY GLY A . n 
A 1 184 SER 184 184 184 SER SER A . n 
A 1 185 TRP 185 185 185 TRP TRP A . n 
A 1 186 LEU 186 186 186 LEU LEU A . n 
A 1 187 VAL 187 187 187 VAL VAL A . n 
A 1 188 PRO 188 188 188 PRO PRO A . n 
A 1 189 ALA 189 189 189 ALA ALA A . n 
A 1 190 ASP 190 190 190 ASP ASP A . n 
A 1 191 ALA 191 191 191 ALA ALA A . n 
A 1 192 LEU 192 192 192 LEU LEU A . n 
A 1 193 GLU 193 193 193 GLU GLU A . n 
A 1 194 ALA 194 194 194 ALA ALA A . n 
A 1 195 GLY 195 195 195 GLY GLY A . n 
A 1 196 ASP 196 196 196 ASP ASP A . n 
A 1 197 TYR 197 197 197 TYR TYR A . n 
A 1 198 ASP 198 198 198 ASP ASP A . n 
A 1 199 ARG 199 199 199 ARG ARG A . n 
A 1 200 ILE 200 200 200 ILE ILE A . n 
A 1 201 THR 201 201 201 THR THR A . n 
A 1 202 LYS 202 202 202 LYS LYS A . n 
A 1 203 LEU 203 203 203 LEU LEU A . n 
A 1 204 ALA 204 204 204 ALA ALA A . n 
A 1 205 ARG 205 205 205 ARG ARG A . n 
A 1 206 GLU 206 206 206 GLU GLU A . n 
A 1 207 ALA 207 207 207 ALA ALA A . n 
A 1 208 VAL 208 208 208 VAL VAL A . n 
A 1 209 GLU 209 209 209 GLU GLU A . n 
A 1 210 GLY 210 210 210 GLY GLY A . n 
A 1 211 ALA 211 211 211 ALA ALA A . n 
A 1 212 LYS 212 212 212 LYS LYS A . n 
A 1 213 LEU 213 213 213 LEU LEU A . n 
# 
loop_
_pdbx_nonpoly_scheme.asym_id 
_pdbx_nonpoly_scheme.entity_id 
_pdbx_nonpoly_scheme.mon_id 
_pdbx_nonpoly_scheme.ndb_seq_num 
_pdbx_nonpoly_scheme.pdb_seq_num 
_pdbx_nonpoly_scheme.auth_seq_num 
_pdbx_nonpoly_scheme.pdb_mon_id 
_pdbx_nonpoly_scheme.auth_mon_id 
_pdbx_nonpoly_scheme.pdb_strand_id 
_pdbx_nonpoly_scheme.pdb_ins_code 
B 2 SO4 1   1214 1214 SO4 SO4 A . 
C 3 HOH 1   2001 2001 HOH HOH A . 
C 3 HOH 2   2002 2002 HOH HOH A . 
C 3 HOH 3   2003 2003 HOH HOH A . 
C 3 HOH 4   2004 2004 HOH HOH A . 
C 3 HOH 5   2005 2005 HOH HOH A . 
C 3 HOH 6   2006 2006 HOH HOH A . 
C 3 HOH 7   2007 2007 HOH HOH A . 
C 3 HOH 8   2008 2008 HOH HOH A . 
C 3 HOH 9   2009 2009 HOH HOH A . 
C 3 HOH 10  2010 2010 HOH HOH A . 
C 3 HOH 11  2011 2011 HOH HOH A . 
C 3 HOH 12  2012 2012 HOH HOH A . 
C 3 HOH 13  2013 2013 HOH HOH A . 
C 3 HOH 14  2014 2014 HOH HOH A . 
C 3 HOH 15  2015 2015 HOH HOH A . 
C 3 HOH 16  2016 2016 HOH HOH A . 
C 3 HOH 17  2017 2017 HOH HOH A . 
C 3 HOH 18  2018 2018 HOH HOH A . 
C 3 HOH 19  2019 2019 HOH HOH A . 
C 3 HOH 20  2020 2020 HOH HOH A . 
C 3 HOH 21  2021 2021 HOH HOH A . 
C 3 HOH 22  2022 2022 HOH HOH A . 
C 3 HOH 23  2023 2023 HOH HOH A . 
C 3 HOH 24  2024 2024 HOH HOH A . 
C 3 HOH 25  2025 2025 HOH HOH A . 
C 3 HOH 26  2026 2026 HOH HOH A . 
C 3 HOH 27  2027 2027 HOH HOH A . 
C 3 HOH 28  2028 2028 HOH HOH A . 
C 3 HOH 29  2029 2029 HOH HOH A . 
C 3 HOH 30  2030 2030 HOH HOH A . 
C 3 HOH 31  2031 2031 HOH HOH A . 
C 3 HOH 32  2032 2032 HOH HOH A . 
C 3 HOH 33  2033 2033 HOH HOH A . 
C 3 HOH 34  2034 2034 HOH HOH A . 
C 3 HOH 35  2035 2035 HOH HOH A . 
C 3 HOH 36  2036 2036 HOH HOH A . 
C 3 HOH 37  2037 2037 HOH HOH A . 
C 3 HOH 38  2038 2038 HOH HOH A . 
C 3 HOH 39  2039 2039 HOH HOH A . 
C 3 HOH 40  2040 2040 HOH HOH A . 
C 3 HOH 41  2041 2041 HOH HOH A . 
C 3 HOH 42  2042 2042 HOH HOH A . 
C 3 HOH 43  2043 2043 HOH HOH A . 
C 3 HOH 44  2044 2044 HOH HOH A . 
C 3 HOH 45  2045 2045 HOH HOH A . 
C 3 HOH 46  2046 2046 HOH HOH A . 
C 3 HOH 47  2047 2047 HOH HOH A . 
C 3 HOH 48  2048 2048 HOH HOH A . 
C 3 HOH 49  2049 2049 HOH HOH A . 
C 3 HOH 50  2050 2050 HOH HOH A . 
C 3 HOH 51  2051 2051 HOH HOH A . 
C 3 HOH 52  2052 2052 HOH HOH A . 
C 3 HOH 53  2053 2053 HOH HOH A . 
C 3 HOH 54  2054 2054 HOH HOH A . 
C 3 HOH 55  2055 2055 HOH HOH A . 
C 3 HOH 56  2056 2056 HOH HOH A . 
C 3 HOH 57  2057 2057 HOH HOH A . 
C 3 HOH 58  2058 2058 HOH HOH A . 
C 3 HOH 59  2059 2059 HOH HOH A . 
C 3 HOH 60  2060 2060 HOH HOH A . 
C 3 HOH 61  2061 2061 HOH HOH A . 
C 3 HOH 62  2062 2062 HOH HOH A . 
C 3 HOH 63  2063 2063 HOH HOH A . 
C 3 HOH 64  2064 2064 HOH HOH A . 
C 3 HOH 65  2065 2065 HOH HOH A . 
C 3 HOH 66  2066 2066 HOH HOH A . 
C 3 HOH 67  2067 2067 HOH HOH A . 
C 3 HOH 68  2068 2068 HOH HOH A . 
C 3 HOH 69  2069 2069 HOH HOH A . 
C 3 HOH 70  2070 2070 HOH HOH A . 
C 3 HOH 71  2071 2071 HOH HOH A . 
C 3 HOH 72  2072 2072 HOH HOH A . 
C 3 HOH 73  2073 2073 HOH HOH A . 
C 3 HOH 74  2074 2074 HOH HOH A . 
C 3 HOH 75  2075 2075 HOH HOH A . 
C 3 HOH 76  2076 2076 HOH HOH A . 
C 3 HOH 77  2077 2077 HOH HOH A . 
C 3 HOH 78  2078 2078 HOH HOH A . 
C 3 HOH 79  2079 2079 HOH HOH A . 
C 3 HOH 80  2080 2080 HOH HOH A . 
C 3 HOH 81  2081 2081 HOH HOH A . 
C 3 HOH 82  2082 2082 HOH HOH A . 
C 3 HOH 83  2083 2083 HOH HOH A . 
C 3 HOH 84  2084 2084 HOH HOH A . 
C 3 HOH 85  2085 2085 HOH HOH A . 
C 3 HOH 86  2086 2086 HOH HOH A . 
C 3 HOH 87  2087 2087 HOH HOH A . 
C 3 HOH 88  2088 2088 HOH HOH A . 
C 3 HOH 89  2089 2089 HOH HOH A . 
C 3 HOH 90  2090 2090 HOH HOH A . 
C 3 HOH 91  2091 2091 HOH HOH A . 
C 3 HOH 92  2092 2092 HOH HOH A . 
C 3 HOH 93  2093 2093 HOH HOH A . 
C 3 HOH 94  2094 2094 HOH HOH A . 
C 3 HOH 95  2095 2095 HOH HOH A . 
C 3 HOH 96  2096 2096 HOH HOH A . 
C 3 HOH 97  2097 2097 HOH HOH A . 
C 3 HOH 98  2098 2098 HOH HOH A . 
C 3 HOH 99  2099 2099 HOH HOH A . 
C 3 HOH 100 2100 2100 HOH HOH A . 
C 3 HOH 101 2101 2101 HOH HOH A . 
C 3 HOH 102 2102 2102 HOH HOH A . 
# 
_pdbx_struct_assembly.id                   1 
_pdbx_struct_assembly.details              author_and_software_defined_assembly 
_pdbx_struct_assembly.method_details       PQS 
_pdbx_struct_assembly.oligomeric_details   trimeric 
_pdbx_struct_assembly.oligomeric_count     3 
# 
_pdbx_struct_assembly_gen.assembly_id       1 
_pdbx_struct_assembly_gen.oper_expression   1,2,3 
_pdbx_struct_assembly_gen.asym_id_list      A,B,C 
# 
loop_
_pdbx_struct_oper_list.id 
_pdbx_struct_oper_list.type 
_pdbx_struct_oper_list.name 
_pdbx_struct_oper_list.symmetry_operation 
_pdbx_struct_oper_list.matrix[1][1] 
_pdbx_struct_oper_list.matrix[1][2] 
_pdbx_struct_oper_list.matrix[1][3] 
_pdbx_struct_oper_list.vector[1] 
_pdbx_struct_oper_list.matrix[2][1] 
_pdbx_struct_oper_list.matrix[2][2] 
_pdbx_struct_oper_list.matrix[2][3] 
_pdbx_struct_oper_list.vector[2] 
_pdbx_struct_oper_list.matrix[3][1] 
_pdbx_struct_oper_list.matrix[3][2] 
_pdbx_struct_oper_list.matrix[3][3] 
_pdbx_struct_oper_list.vector[3] 
1 'identity operation'         1_555 x,y,z         1.0000000000  0.0000000000 0.0000000000  0.0000000000  0.0000000000 1.0000000000 0.0000000000  0.0000000000  0.0000000000  0.0000000000  1.0000000000  0.0000000000   
2 'crystal symmetry operation' 2_455 -y-1,x-y,z    -0.0423698213 0.2735000209 0.9609383626  25.8135081989 0.9478964909 0.3149645219 -0.0478496855 -6.9074712457 -0.3157483820 0.9088427193  -0.2725947006 -23.5423982232 
3 'crystal symmetry operation' 3_445 -x+y-1,-x-1,z -0.0423698213 0.9478964909 -0.3157483820 0.2078073387  0.2735000209 0.3149645219 0.9088427193  16.5119505657 0.9609383626  -0.0478496855 -0.2725947006 -31.5532436251 
# 
loop_
_pdbx_struct_special_symmetry.id 
_pdbx_struct_special_symmetry.PDB_model_num 
_pdbx_struct_special_symmetry.auth_asym_id 
_pdbx_struct_special_symmetry.auth_comp_id 
_pdbx_struct_special_symmetry.auth_seq_id 
_pdbx_struct_special_symmetry.PDB_ins_code 
_pdbx_struct_special_symmetry.label_asym_id 
_pdbx_struct_special_symmetry.label_comp_id 
_pdbx_struct_special_symmetry.label_seq_id 
1 1 A HOH 2040 ? C HOH . 
2 1 A HOH 2058 ? C HOH . 
# 
loop_
_pdbx_audit_revision_history.ordinal 
_pdbx_audit_revision_history.data_content_type 
_pdbx_audit_revision_history.major_revision 
_pdbx_audit_revision_history.minor_revision 
_pdbx_audit_revision_history.revision_date 
1 'Structure model' 1 0 2006-01-18 
2 'Structure model' 1 1 2011-07-13 
3 'Structure model' 1 2 2017-07-05 
4 'Structure model' 1 3 2023-12-13 
# 
_pdbx_audit_revision_details.ordinal             1 
_pdbx_audit_revision_details.revision_ordinal    1 
_pdbx_audit_revision_details.data_content_type   'Structure model' 
_pdbx_audit_revision_details.provider            repository 
_pdbx_audit_revision_details.type                'Initial release' 
_pdbx_audit_revision_details.description         ? 
_pdbx_audit_revision_details.details             ? 
# 
loop_
_pdbx_audit_revision_group.ordinal 
_pdbx_audit_revision_group.revision_ordinal 
_pdbx_audit_revision_group.data_content_type 
_pdbx_audit_revision_group.group 
1 2 'Structure model' Advisory                    
2 2 'Structure model' 'Version format compliance' 
3 3 'Structure model' 'Data collection'           
4 4 'Structure model' 'Data collection'           
5 4 'Structure model' 'Database references'       
6 4 'Structure model' Other                       
7 4 'Structure model' 'Refinement description'    
# 
loop_
_pdbx_audit_revision_category.ordinal 
_pdbx_audit_revision_category.revision_ordinal 
_pdbx_audit_revision_category.data_content_type 
_pdbx_audit_revision_category.category 
1 3 'Structure model' diffrn_source                 
2 4 'Structure model' chem_comp_atom                
3 4 'Structure model' chem_comp_bond                
4 4 'Structure model' database_2                    
5 4 'Structure model' pdbx_database_status          
6 4 'Structure model' pdbx_initial_refinement_model 
# 
loop_
_pdbx_audit_revision_item.ordinal 
_pdbx_audit_revision_item.revision_ordinal 
_pdbx_audit_revision_item.data_content_type 
_pdbx_audit_revision_item.item 
1 3 'Structure model' '_diffrn_source.type'                  
2 4 'Structure model' '_database_2.pdbx_DOI'                 
3 4 'Structure model' '_database_2.pdbx_database_accession'  
4 4 'Structure model' '_pdbx_database_status.status_code_sf' 
# 
_pdbx_refine_tls.pdbx_refine_id   'X-RAY DIFFRACTION' 
_pdbx_refine_tls.id               1 
_pdbx_refine_tls.details          ? 
_pdbx_refine_tls.method           refined 
_pdbx_refine_tls.origin_x         -0.1031 
_pdbx_refine_tls.origin_y         -0.8142 
_pdbx_refine_tls.origin_z         -0.8909 
_pdbx_refine_tls.T[1][1]          -0.0930 
_pdbx_refine_tls.T[2][2]          -0.1044 
_pdbx_refine_tls.T[3][3]          -0.0485 
_pdbx_refine_tls.T[1][2]          0.0074 
_pdbx_refine_tls.T[1][3]          -0.0063 
_pdbx_refine_tls.T[2][3]          0.0008 
_pdbx_refine_tls.L[1][1]          0.6474 
_pdbx_refine_tls.L[2][2]          0.5130 
_pdbx_refine_tls.L[3][3]          1.7417 
_pdbx_refine_tls.L[1][2]          0.2840 
_pdbx_refine_tls.L[1][3]          -0.0054 
_pdbx_refine_tls.L[2][3]          -0.4073 
_pdbx_refine_tls.S[1][1]          0.0075 
_pdbx_refine_tls.S[1][2]          -0.0260 
_pdbx_refine_tls.S[1][3]          -0.0315 
_pdbx_refine_tls.S[2][1]          0.0277 
_pdbx_refine_tls.S[2][2]          0.0485 
_pdbx_refine_tls.S[2][3]          0.0215 
_pdbx_refine_tls.S[3][1]          -0.0114 
_pdbx_refine_tls.S[3][2]          -0.1594 
_pdbx_refine_tls.S[3][3]          -0.0561 
# 
_pdbx_refine_tls_group.pdbx_refine_id      'X-RAY DIFFRACTION' 
_pdbx_refine_tls_group.id                  1 
_pdbx_refine_tls_group.refine_tls_id       1 
_pdbx_refine_tls_group.beg_auth_asym_id    A 
_pdbx_refine_tls_group.beg_auth_seq_id     1 
_pdbx_refine_tls_group.beg_label_asym_id   ? 
_pdbx_refine_tls_group.beg_label_seq_id    ? 
_pdbx_refine_tls_group.end_auth_asym_id    A 
_pdbx_refine_tls_group.end_auth_seq_id     200 
_pdbx_refine_tls_group.end_label_asym_id   ? 
_pdbx_refine_tls_group.end_label_seq_id    ? 
_pdbx_refine_tls_group.selection           ? 
_pdbx_refine_tls_group.selection_details   ? 
# 
loop_
_software.name 
_software.classification 
_software.version 
_software.citation_id 
_software.pdbx_ordinal 
REFMAC refinement       5.2.0007 ? 1 
d*TREK 'data reduction' .        ? 2 
SCALA  'data scaling'   .        ? 3 
MOLREP phasing          .        ? 4 
# 
_pdbx_entry_details.entry_id                 1WAU 
_pdbx_entry_details.compound_details         'ENGINEERED RESIDUE GLU 45 ASN, CHAIN A' 
_pdbx_entry_details.source_details           ? 
_pdbx_entry_details.nonpolymer_details       ? 
_pdbx_entry_details.sequence_details         ? 
_pdbx_entry_details.has_ligand_of_interest   ? 
# 
loop_
_pdbx_validate_close_contact.id 
_pdbx_validate_close_contact.PDB_model_num 
_pdbx_validate_close_contact.auth_atom_id_1 
_pdbx_validate_close_contact.auth_asym_id_1 
_pdbx_validate_close_contact.auth_comp_id_1 
_pdbx_validate_close_contact.auth_seq_id_1 
_pdbx_validate_close_contact.PDB_ins_code_1 
_pdbx_validate_close_contact.label_alt_id_1 
_pdbx_validate_close_contact.auth_atom_id_2 
_pdbx_validate_close_contact.auth_asym_id_2 
_pdbx_validate_close_contact.auth_comp_id_2 
_pdbx_validate_close_contact.auth_seq_id_2 
_pdbx_validate_close_contact.PDB_ins_code_2 
_pdbx_validate_close_contact.label_alt_id_2 
_pdbx_validate_close_contact.dist 
1  1 NZ  A LYS 130  ? ? O   A HOH 2072 ? ? 1.75 
2  1 NZ  A LYS 133  ? ? O   A HOH 2074 ? ? 1.79 
3  1 NZ  A LYS 130  ? ? O   A HOH 2070 ? ? 1.79 
4  1 NZ  A LYS 176  ? ? O   A HOH 2089 ? ? 1.80 
5  1 O   A HOH 2070 ? ? O   A HOH 2072 ? ? 1.82 
6  1 OD2 A ASP 196  ? ? OD2 A ASP 198  ? ? 1.85 
7  1 O4  A SO4 1214 ? ? O   A HOH 2098 ? ? 1.85 
8  1 OD2 A ASP 196  ? ? OD1 A ASP 198  ? ? 1.85 
9  1 O2  A SO4 1214 ? ? O   A HOH 2100 ? ? 1.98 
10 1 CB  A ASP 196  ? ? O   A HOH 2093 ? ? 1.98 
11 1 O4  A SO4 1214 ? ? O   A HOH 2102 ? ? 2.00 
12 1 O3  A SO4 1214 ? ? O   A HOH 2102 ? ? 2.07 
13 1 OD2 A ASP 196  ? ? CG  A ASP 198  ? ? 2.08 
14 1 S   A SO4 1214 ? ? O   A HOH 2098 ? ? 2.17 
# 
loop_
_pdbx_validate_symm_contact.id 
_pdbx_validate_symm_contact.PDB_model_num 
_pdbx_validate_symm_contact.auth_atom_id_1 
_pdbx_validate_symm_contact.auth_asym_id_1 
_pdbx_validate_symm_contact.auth_comp_id_1 
_pdbx_validate_symm_contact.auth_seq_id_1 
_pdbx_validate_symm_contact.PDB_ins_code_1 
_pdbx_validate_symm_contact.label_alt_id_1 
_pdbx_validate_symm_contact.site_symmetry_1 
_pdbx_validate_symm_contact.auth_atom_id_2 
_pdbx_validate_symm_contact.auth_asym_id_2 
_pdbx_validate_symm_contact.auth_comp_id_2 
_pdbx_validate_symm_contact.auth_seq_id_2 
_pdbx_validate_symm_contact.PDB_ins_code_2 
_pdbx_validate_symm_contact.label_alt_id_2 
_pdbx_validate_symm_contact.site_symmetry_2 
_pdbx_validate_symm_contact.dist 
1 1 OD2 A ASP 196 ? ? 1_555 OD2 A ASP 196 ? ? 5_556 1.41 
2 1 OE1 A GLU 98  ? ? 1_555 OE1 A GLU 98  ? ? 3_445 1.84 
3 1 CG  A ASP 196 ? ? 1_555 OD2 A ASP 196 ? ? 5_556 1.93 
4 1 OD1 A ASP 196 ? ? 1_555 OD2 A ASP 198 ? ? 5_556 1.94 
5 1 OD1 A ASP 198 ? ? 1_555 OD2 A ASP 198 ? ? 5_556 2.01 
# 
loop_
_pdbx_validate_rmsd_bond.id 
_pdbx_validate_rmsd_bond.PDB_model_num 
_pdbx_validate_rmsd_bond.auth_atom_id_1 
_pdbx_validate_rmsd_bond.auth_asym_id_1 
_pdbx_validate_rmsd_bond.auth_comp_id_1 
_pdbx_validate_rmsd_bond.auth_seq_id_1 
_pdbx_validate_rmsd_bond.PDB_ins_code_1 
_pdbx_validate_rmsd_bond.label_alt_id_1 
_pdbx_validate_rmsd_bond.auth_atom_id_2 
_pdbx_validate_rmsd_bond.auth_asym_id_2 
_pdbx_validate_rmsd_bond.auth_comp_id_2 
_pdbx_validate_rmsd_bond.auth_seq_id_2 
_pdbx_validate_rmsd_bond.PDB_ins_code_2 
_pdbx_validate_rmsd_bond.label_alt_id_2 
_pdbx_validate_rmsd_bond.bond_value 
_pdbx_validate_rmsd_bond.bond_target_value 
_pdbx_validate_rmsd_bond.bond_deviation 
_pdbx_validate_rmsd_bond.bond_standard_deviation 
_pdbx_validate_rmsd_bond.linker_flag 
1 1 CB A GLU 51  ? ? CG A GLU 51  ? ? 1.704 1.517 0.187 0.019 N 
2 1 CB A GLU 98  ? ? CG A GLU 98  ? ? 1.663 1.517 0.146 0.019 N 
3 1 CG A GLU 98  ? ? CD A GLU 98  ? ? 1.639 1.515 0.124 0.015 N 
4 1 CD A LYS 130 ? ? CE A LYS 130 ? ? 1.663 1.508 0.155 0.025 N 
# 
_pdbx_validate_rmsd_angle.id                         1 
_pdbx_validate_rmsd_angle.PDB_model_num              1 
_pdbx_validate_rmsd_angle.auth_atom_id_1             CB 
_pdbx_validate_rmsd_angle.auth_asym_id_1             A 
_pdbx_validate_rmsd_angle.auth_comp_id_1             GLU 
_pdbx_validate_rmsd_angle.auth_seq_id_1              98 
_pdbx_validate_rmsd_angle.PDB_ins_code_1             ? 
_pdbx_validate_rmsd_angle.label_alt_id_1             ? 
_pdbx_validate_rmsd_angle.auth_atom_id_2             CA 
_pdbx_validate_rmsd_angle.auth_asym_id_2             A 
_pdbx_validate_rmsd_angle.auth_comp_id_2             GLU 
_pdbx_validate_rmsd_angle.auth_seq_id_2              98 
_pdbx_validate_rmsd_angle.PDB_ins_code_2             ? 
_pdbx_validate_rmsd_angle.label_alt_id_2             ? 
_pdbx_validate_rmsd_angle.auth_atom_id_3             C 
_pdbx_validate_rmsd_angle.auth_asym_id_3             A 
_pdbx_validate_rmsd_angle.auth_comp_id_3             GLU 
_pdbx_validate_rmsd_angle.auth_seq_id_3              98 
_pdbx_validate_rmsd_angle.PDB_ins_code_3             ? 
_pdbx_validate_rmsd_angle.label_alt_id_3             ? 
_pdbx_validate_rmsd_angle.angle_value                124.53 
_pdbx_validate_rmsd_angle.angle_target_value         110.40 
_pdbx_validate_rmsd_angle.angle_deviation            14.13 
_pdbx_validate_rmsd_angle.angle_standard_deviation   2.00 
_pdbx_validate_rmsd_angle.linker_flag                N 
# 
loop_
_pdbx_validate_torsion.id 
_pdbx_validate_torsion.PDB_model_num 
_pdbx_validate_torsion.auth_comp_id 
_pdbx_validate_torsion.auth_asym_id 
_pdbx_validate_torsion.auth_seq_id 
_pdbx_validate_torsion.PDB_ins_code 
_pdbx_validate_torsion.label_alt_id 
_pdbx_validate_torsion.phi 
_pdbx_validate_torsion.psi 
1  1 LYS A 2   ? ? 71.82   -155.21 
2  1 ASN A 3   ? ? -91.15  35.37   
3  1 GLU A 51  ? ? -19.13  -29.46  
4  1 CYS A 52  ? ? -149.33 31.68   
5  1 VAL A 64  ? ? -107.63 73.56   
6  1 SER A 116 ? ? -133.72 -34.62  
7  1 LYS A 130 ? ? -143.78 -7.32   
8  1 ALA A 137 ? ? -22.88  -74.79  
9  1 GLU A 138 ? ? -51.11  -78.04  
10 1 ALA A 139 ? ? -27.73  -44.52  
11 1 ASN A 140 ? ? -63.12  4.07    
12 1 VAL A 143 ? ? -45.00  -73.22  
13 1 LYS A 212 ? ? -113.73 -167.23 
# 
loop_
_chem_comp_atom.comp_id 
_chem_comp_atom.atom_id 
_chem_comp_atom.type_symbol 
_chem_comp_atom.pdbx_aromatic_flag 
_chem_comp_atom.pdbx_stereo_config 
_chem_comp_atom.pdbx_ordinal 
ALA N    N N N 1   
ALA CA   C N S 2   
ALA C    C N N 3   
ALA O    O N N 4   
ALA CB   C N N 5   
ALA OXT  O N N 6   
ALA H    H N N 7   
ALA H2   H N N 8   
ALA HA   H N N 9   
ALA HB1  H N N 10  
ALA HB2  H N N 11  
ALA HB3  H N N 12  
ALA HXT  H N N 13  
ARG N    N N N 14  
ARG CA   C N S 15  
ARG C    C N N 16  
ARG O    O N N 17  
ARG CB   C N N 18  
ARG CG   C N N 19  
ARG CD   C N N 20  
ARG NE   N N N 21  
ARG CZ   C N N 22  
ARG NH1  N N N 23  
ARG NH2  N N N 24  
ARG OXT  O N N 25  
ARG H    H N N 26  
ARG H2   H N N 27  
ARG HA   H N N 28  
ARG HB2  H N N 29  
ARG HB3  H N N 30  
ARG HG2  H N N 31  
ARG HG3  H N N 32  
ARG HD2  H N N 33  
ARG HD3  H N N 34  
ARG HE   H N N 35  
ARG HH11 H N N 36  
ARG HH12 H N N 37  
ARG HH21 H N N 38  
ARG HH22 H N N 39  
ARG HXT  H N N 40  
ASN N    N N N 41  
ASN CA   C N S 42  
ASN C    C N N 43  
ASN O    O N N 44  
ASN CB   C N N 45  
ASN CG   C N N 46  
ASN OD1  O N N 47  
ASN ND2  N N N 48  
ASN OXT  O N N 49  
ASN H    H N N 50  
ASN H2   H N N 51  
ASN HA   H N N 52  
ASN HB2  H N N 53  
ASN HB3  H N N 54  
ASN HD21 H N N 55  
ASN HD22 H N N 56  
ASN HXT  H N N 57  
ASP N    N N N 58  
ASP CA   C N S 59  
ASP C    C N N 60  
ASP O    O N N 61  
ASP CB   C N N 62  
ASP CG   C N N 63  
ASP OD1  O N N 64  
ASP OD2  O N N 65  
ASP OXT  O N N 66  
ASP H    H N N 67  
ASP H2   H N N 68  
ASP HA   H N N 69  
ASP HB2  H N N 70  
ASP HB3  H N N 71  
ASP HD2  H N N 72  
ASP HXT  H N N 73  
CYS N    N N N 74  
CYS CA   C N R 75  
CYS C    C N N 76  
CYS O    O N N 77  
CYS CB   C N N 78  
CYS SG   S N N 79  
CYS OXT  O N N 80  
CYS H    H N N 81  
CYS H2   H N N 82  
CYS HA   H N N 83  
CYS HB2  H N N 84  
CYS HB3  H N N 85  
CYS HG   H N N 86  
CYS HXT  H N N 87  
GLN N    N N N 88  
GLN CA   C N S 89  
GLN C    C N N 90  
GLN O    O N N 91  
GLN CB   C N N 92  
GLN CG   C N N 93  
GLN CD   C N N 94  
GLN OE1  O N N 95  
GLN NE2  N N N 96  
GLN OXT  O N N 97  
GLN H    H N N 98  
GLN H2   H N N 99  
GLN HA   H N N 100 
GLN HB2  H N N 101 
GLN HB3  H N N 102 
GLN HG2  H N N 103 
GLN HG3  H N N 104 
GLN HE21 H N N 105 
GLN HE22 H N N 106 
GLN HXT  H N N 107 
GLU N    N N N 108 
GLU CA   C N S 109 
GLU C    C N N 110 
GLU O    O N N 111 
GLU CB   C N N 112 
GLU CG   C N N 113 
GLU CD   C N N 114 
GLU OE1  O N N 115 
GLU OE2  O N N 116 
GLU OXT  O N N 117 
GLU H    H N N 118 
GLU H2   H N N 119 
GLU HA   H N N 120 
GLU HB2  H N N 121 
GLU HB3  H N N 122 
GLU HG2  H N N 123 
GLU HG3  H N N 124 
GLU HE2  H N N 125 
GLU HXT  H N N 126 
GLY N    N N N 127 
GLY CA   C N N 128 
GLY C    C N N 129 
GLY O    O N N 130 
GLY OXT  O N N 131 
GLY H    H N N 132 
GLY H2   H N N 133 
GLY HA2  H N N 134 
GLY HA3  H N N 135 
GLY HXT  H N N 136 
HIS N    N N N 137 
HIS CA   C N S 138 
HIS C    C N N 139 
HIS O    O N N 140 
HIS CB   C N N 141 
HIS CG   C Y N 142 
HIS ND1  N Y N 143 
HIS CD2  C Y N 144 
HIS CE1  C Y N 145 
HIS NE2  N Y N 146 
HIS OXT  O N N 147 
HIS H    H N N 148 
HIS H2   H N N 149 
HIS HA   H N N 150 
HIS HB2  H N N 151 
HIS HB3  H N N 152 
HIS HD1  H N N 153 
HIS HD2  H N N 154 
HIS HE1  H N N 155 
HIS HE2  H N N 156 
HIS HXT  H N N 157 
HOH O    O N N 158 
HOH H1   H N N 159 
HOH H2   H N N 160 
ILE N    N N N 161 
ILE CA   C N S 162 
ILE C    C N N 163 
ILE O    O N N 164 
ILE CB   C N S 165 
ILE CG1  C N N 166 
ILE CG2  C N N 167 
ILE CD1  C N N 168 
ILE OXT  O N N 169 
ILE H    H N N 170 
ILE H2   H N N 171 
ILE HA   H N N 172 
ILE HB   H N N 173 
ILE HG12 H N N 174 
ILE HG13 H N N 175 
ILE HG21 H N N 176 
ILE HG22 H N N 177 
ILE HG23 H N N 178 
ILE HD11 H N N 179 
ILE HD12 H N N 180 
ILE HD13 H N N 181 
ILE HXT  H N N 182 
LEU N    N N N 183 
LEU CA   C N S 184 
LEU C    C N N 185 
LEU O    O N N 186 
LEU CB   C N N 187 
LEU CG   C N N 188 
LEU CD1  C N N 189 
LEU CD2  C N N 190 
LEU OXT  O N N 191 
LEU H    H N N 192 
LEU H2   H N N 193 
LEU HA   H N N 194 
LEU HB2  H N N 195 
LEU HB3  H N N 196 
LEU HG   H N N 197 
LEU HD11 H N N 198 
LEU HD12 H N N 199 
LEU HD13 H N N 200 
LEU HD21 H N N 201 
LEU HD22 H N N 202 
LEU HD23 H N N 203 
LEU HXT  H N N 204 
LYS N    N N N 205 
LYS CA   C N S 206 
LYS C    C N N 207 
LYS O    O N N 208 
LYS CB   C N N 209 
LYS CG   C N N 210 
LYS CD   C N N 211 
LYS CE   C N N 212 
LYS NZ   N N N 213 
LYS OXT  O N N 214 
LYS H    H N N 215 
LYS H2   H N N 216 
LYS HA   H N N 217 
LYS HB2  H N N 218 
LYS HB3  H N N 219 
LYS HG2  H N N 220 
LYS HG3  H N N 221 
LYS HD2  H N N 222 
LYS HD3  H N N 223 
LYS HE2  H N N 224 
LYS HE3  H N N 225 
LYS HZ1  H N N 226 
LYS HZ2  H N N 227 
LYS HZ3  H N N 228 
LYS HXT  H N N 229 
MET N    N N N 230 
MET CA   C N S 231 
MET C    C N N 232 
MET O    O N N 233 
MET CB   C N N 234 
MET CG   C N N 235 
MET SD   S N N 236 
MET CE   C N N 237 
MET OXT  O N N 238 
MET H    H N N 239 
MET H2   H N N 240 
MET HA   H N N 241 
MET HB2  H N N 242 
MET HB3  H N N 243 
MET HG2  H N N 244 
MET HG3  H N N 245 
MET HE1  H N N 246 
MET HE2  H N N 247 
MET HE3  H N N 248 
MET HXT  H N N 249 
PHE N    N N N 250 
PHE CA   C N S 251 
PHE C    C N N 252 
PHE O    O N N 253 
PHE CB   C N N 254 
PHE CG   C Y N 255 
PHE CD1  C Y N 256 
PHE CD2  C Y N 257 
PHE CE1  C Y N 258 
PHE CE2  C Y N 259 
PHE CZ   C Y N 260 
PHE OXT  O N N 261 
PHE H    H N N 262 
PHE H2   H N N 263 
PHE HA   H N N 264 
PHE HB2  H N N 265 
PHE HB3  H N N 266 
PHE HD1  H N N 267 
PHE HD2  H N N 268 
PHE HE1  H N N 269 
PHE HE2  H N N 270 
PHE HZ   H N N 271 
PHE HXT  H N N 272 
PRO N    N N N 273 
PRO CA   C N S 274 
PRO C    C N N 275 
PRO O    O N N 276 
PRO CB   C N N 277 
PRO CG   C N N 278 
PRO CD   C N N 279 
PRO OXT  O N N 280 
PRO H    H N N 281 
PRO HA   H N N 282 
PRO HB2  H N N 283 
PRO HB3  H N N 284 
PRO HG2  H N N 285 
PRO HG3  H N N 286 
PRO HD2  H N N 287 
PRO HD3  H N N 288 
PRO HXT  H N N 289 
SER N    N N N 290 
SER CA   C N S 291 
SER C    C N N 292 
SER O    O N N 293 
SER CB   C N N 294 
SER OG   O N N 295 
SER OXT  O N N 296 
SER H    H N N 297 
SER H2   H N N 298 
SER HA   H N N 299 
SER HB2  H N N 300 
SER HB3  H N N 301 
SER HG   H N N 302 
SER HXT  H N N 303 
SO4 S    S N N 304 
SO4 O1   O N N 305 
SO4 O2   O N N 306 
SO4 O3   O N N 307 
SO4 O4   O N N 308 
THR N    N N N 309 
THR CA   C N S 310 
THR C    C N N 311 
THR O    O N N 312 
THR CB   C N R 313 
THR OG1  O N N 314 
THR CG2  C N N 315 
THR OXT  O N N 316 
THR H    H N N 317 
THR H2   H N N 318 
THR HA   H N N 319 
THR HB   H N N 320 
THR HG1  H N N 321 
THR HG21 H N N 322 
THR HG22 H N N 323 
THR HG23 H N N 324 
THR HXT  H N N 325 
TRP N    N N N 326 
TRP CA   C N S 327 
TRP C    C N N 328 
TRP O    O N N 329 
TRP CB   C N N 330 
TRP CG   C Y N 331 
TRP CD1  C Y N 332 
TRP CD2  C Y N 333 
TRP NE1  N Y N 334 
TRP CE2  C Y N 335 
TRP CE3  C Y N 336 
TRP CZ2  C Y N 337 
TRP CZ3  C Y N 338 
TRP CH2  C Y N 339 
TRP OXT  O N N 340 
TRP H    H N N 341 
TRP H2   H N N 342 
TRP HA   H N N 343 
TRP HB2  H N N 344 
TRP HB3  H N N 345 
TRP HD1  H N N 346 
TRP HE1  H N N 347 
TRP HE3  H N N 348 
TRP HZ2  H N N 349 
TRP HZ3  H N N 350 
TRP HH2  H N N 351 
TRP HXT  H N N 352 
TYR N    N N N 353 
TYR CA   C N S 354 
TYR C    C N N 355 
TYR O    O N N 356 
TYR CB   C N N 357 
TYR CG   C Y N 358 
TYR CD1  C Y N 359 
TYR CD2  C Y N 360 
TYR CE1  C Y N 361 
TYR CE2  C Y N 362 
TYR CZ   C Y N 363 
TYR OH   O N N 364 
TYR OXT  O N N 365 
TYR H    H N N 366 
TYR H2   H N N 367 
TYR HA   H N N 368 
TYR HB2  H N N 369 
TYR HB3  H N N 370 
TYR HD1  H N N 371 
TYR HD2  H N N 372 
TYR HE1  H N N 373 
TYR HE2  H N N 374 
TYR HH   H N N 375 
TYR HXT  H N N 376 
VAL N    N N N 377 
VAL CA   C N S 378 
VAL C    C N N 379 
VAL O    O N N 380 
VAL CB   C N N 381 
VAL CG1  C N N 382 
VAL CG2  C N N 383 
VAL OXT  O N N 384 
VAL H    H N N 385 
VAL H2   H N N 386 
VAL HA   H N N 387 
VAL HB   H N N 388 
VAL HG11 H N N 389 
VAL HG12 H N N 390 
VAL HG13 H N N 391 
VAL HG21 H N N 392 
VAL HG22 H N N 393 
VAL HG23 H N N 394 
VAL HXT  H N N 395 
# 
loop_
_chem_comp_bond.comp_id 
_chem_comp_bond.atom_id_1 
_chem_comp_bond.atom_id_2 
_chem_comp_bond.value_order 
_chem_comp_bond.pdbx_aromatic_flag 
_chem_comp_bond.pdbx_stereo_config 
_chem_comp_bond.pdbx_ordinal 
ALA N   CA   sing N N 1   
ALA N   H    sing N N 2   
ALA N   H2   sing N N 3   
ALA CA  C    sing N N 4   
ALA CA  CB   sing N N 5   
ALA CA  HA   sing N N 6   
ALA C   O    doub N N 7   
ALA C   OXT  sing N N 8   
ALA CB  HB1  sing N N 9   
ALA CB  HB2  sing N N 10  
ALA CB  HB3  sing N N 11  
ALA OXT HXT  sing N N 12  
ARG N   CA   sing N N 13  
ARG N   H    sing N N 14  
ARG N   H2   sing N N 15  
ARG CA  C    sing N N 16  
ARG CA  CB   sing N N 17  
ARG CA  HA   sing N N 18  
ARG C   O    doub N N 19  
ARG C   OXT  sing N N 20  
ARG CB  CG   sing N N 21  
ARG CB  HB2  sing N N 22  
ARG CB  HB3  sing N N 23  
ARG CG  CD   sing N N 24  
ARG CG  HG2  sing N N 25  
ARG CG  HG3  sing N N 26  
ARG CD  NE   sing N N 27  
ARG CD  HD2  sing N N 28  
ARG CD  HD3  sing N N 29  
ARG NE  CZ   sing N N 30  
ARG NE  HE   sing N N 31  
ARG CZ  NH1  sing N N 32  
ARG CZ  NH2  doub N N 33  
ARG NH1 HH11 sing N N 34  
ARG NH1 HH12 sing N N 35  
ARG NH2 HH21 sing N N 36  
ARG NH2 HH22 sing N N 37  
ARG OXT HXT  sing N N 38  
ASN N   CA   sing N N 39  
ASN N   H    sing N N 40  
ASN N   H2   sing N N 41  
ASN CA  C    sing N N 42  
ASN CA  CB   sing N N 43  
ASN CA  HA   sing N N 44  
ASN C   O    doub N N 45  
ASN C   OXT  sing N N 46  
ASN CB  CG   sing N N 47  
ASN CB  HB2  sing N N 48  
ASN CB  HB3  sing N N 49  
ASN CG  OD1  doub N N 50  
ASN CG  ND2  sing N N 51  
ASN ND2 HD21 sing N N 52  
ASN ND2 HD22 sing N N 53  
ASN OXT HXT  sing N N 54  
ASP N   CA   sing N N 55  
ASP N   H    sing N N 56  
ASP N   H2   sing N N 57  
ASP CA  C    sing N N 58  
ASP CA  CB   sing N N 59  
ASP CA  HA   sing N N 60  
ASP C   O    doub N N 61  
ASP C   OXT  sing N N 62  
ASP CB  CG   sing N N 63  
ASP CB  HB2  sing N N 64  
ASP CB  HB3  sing N N 65  
ASP CG  OD1  doub N N 66  
ASP CG  OD2  sing N N 67  
ASP OD2 HD2  sing N N 68  
ASP OXT HXT  sing N N 69  
CYS N   CA   sing N N 70  
CYS N   H    sing N N 71  
CYS N   H2   sing N N 72  
CYS CA  C    sing N N 73  
CYS CA  CB   sing N N 74  
CYS CA  HA   sing N N 75  
CYS C   O    doub N N 76  
CYS C   OXT  sing N N 77  
CYS CB  SG   sing N N 78  
CYS CB  HB2  sing N N 79  
CYS CB  HB3  sing N N 80  
CYS SG  HG   sing N N 81  
CYS OXT HXT  sing N N 82  
GLN N   CA   sing N N 83  
GLN N   H    sing N N 84  
GLN N   H2   sing N N 85  
GLN CA  C    sing N N 86  
GLN CA  CB   sing N N 87  
GLN CA  HA   sing N N 88  
GLN C   O    doub N N 89  
GLN C   OXT  sing N N 90  
GLN CB  CG   sing N N 91  
GLN CB  HB2  sing N N 92  
GLN CB  HB3  sing N N 93  
GLN CG  CD   sing N N 94  
GLN CG  HG2  sing N N 95  
GLN CG  HG3  sing N N 96  
GLN CD  OE1  doub N N 97  
GLN CD  NE2  sing N N 98  
GLN NE2 HE21 sing N N 99  
GLN NE2 HE22 sing N N 100 
GLN OXT HXT  sing N N 101 
GLU N   CA   sing N N 102 
GLU N   H    sing N N 103 
GLU N   H2   sing N N 104 
GLU CA  C    sing N N 105 
GLU CA  CB   sing N N 106 
GLU CA  HA   sing N N 107 
GLU C   O    doub N N 108 
GLU C   OXT  sing N N 109 
GLU CB  CG   sing N N 110 
GLU CB  HB2  sing N N 111 
GLU CB  HB3  sing N N 112 
GLU CG  CD   sing N N 113 
GLU CG  HG2  sing N N 114 
GLU CG  HG3  sing N N 115 
GLU CD  OE1  doub N N 116 
GLU CD  OE2  sing N N 117 
GLU OE2 HE2  sing N N 118 
GLU OXT HXT  sing N N 119 
GLY N   CA   sing N N 120 
GLY N   H    sing N N 121 
GLY N   H2   sing N N 122 
GLY CA  C    sing N N 123 
GLY CA  HA2  sing N N 124 
GLY CA  HA3  sing N N 125 
GLY C   O    doub N N 126 
GLY C   OXT  sing N N 127 
GLY OXT HXT  sing N N 128 
HIS N   CA   sing N N 129 
HIS N   H    sing N N 130 
HIS N   H2   sing N N 131 
HIS CA  C    sing N N 132 
HIS CA  CB   sing N N 133 
HIS CA  HA   sing N N 134 
HIS C   O    doub N N 135 
HIS C   OXT  sing N N 136 
HIS CB  CG   sing N N 137 
HIS CB  HB2  sing N N 138 
HIS CB  HB3  sing N N 139 
HIS CG  ND1  sing Y N 140 
HIS CG  CD2  doub Y N 141 
HIS ND1 CE1  doub Y N 142 
HIS ND1 HD1  sing N N 143 
HIS CD2 NE2  sing Y N 144 
HIS CD2 HD2  sing N N 145 
HIS CE1 NE2  sing Y N 146 
HIS CE1 HE1  sing N N 147 
HIS NE2 HE2  sing N N 148 
HIS OXT HXT  sing N N 149 
HOH O   H1   sing N N 150 
HOH O   H2   sing N N 151 
ILE N   CA   sing N N 152 
ILE N   H    sing N N 153 
ILE N   H2   sing N N 154 
ILE CA  C    sing N N 155 
ILE CA  CB   sing N N 156 
ILE CA  HA   sing N N 157 
ILE C   O    doub N N 158 
ILE C   OXT  sing N N 159 
ILE CB  CG1  sing N N 160 
ILE CB  CG2  sing N N 161 
ILE CB  HB   sing N N 162 
ILE CG1 CD1  sing N N 163 
ILE CG1 HG12 sing N N 164 
ILE CG1 HG13 sing N N 165 
ILE CG2 HG21 sing N N 166 
ILE CG2 HG22 sing N N 167 
ILE CG2 HG23 sing N N 168 
ILE CD1 HD11 sing N N 169 
ILE CD1 HD12 sing N N 170 
ILE CD1 HD13 sing N N 171 
ILE OXT HXT  sing N N 172 
LEU N   CA   sing N N 173 
LEU N   H    sing N N 174 
LEU N   H2   sing N N 175 
LEU CA  C    sing N N 176 
LEU CA  CB   sing N N 177 
LEU CA  HA   sing N N 178 
LEU C   O    doub N N 179 
LEU C   OXT  sing N N 180 
LEU CB  CG   sing N N 181 
LEU CB  HB2  sing N N 182 
LEU CB  HB3  sing N N 183 
LEU CG  CD1  sing N N 184 
LEU CG  CD2  sing N N 185 
LEU CG  HG   sing N N 186 
LEU CD1 HD11 sing N N 187 
LEU CD1 HD12 sing N N 188 
LEU CD1 HD13 sing N N 189 
LEU CD2 HD21 sing N N 190 
LEU CD2 HD22 sing N N 191 
LEU CD2 HD23 sing N N 192 
LEU OXT HXT  sing N N 193 
LYS N   CA   sing N N 194 
LYS N   H    sing N N 195 
LYS N   H2   sing N N 196 
LYS CA  C    sing N N 197 
LYS CA  CB   sing N N 198 
LYS CA  HA   sing N N 199 
LYS C   O    doub N N 200 
LYS C   OXT  sing N N 201 
LYS CB  CG   sing N N 202 
LYS CB  HB2  sing N N 203 
LYS CB  HB3  sing N N 204 
LYS CG  CD   sing N N 205 
LYS CG  HG2  sing N N 206 
LYS CG  HG3  sing N N 207 
LYS CD  CE   sing N N 208 
LYS CD  HD2  sing N N 209 
LYS CD  HD3  sing N N 210 
LYS CE  NZ   sing N N 211 
LYS CE  HE2  sing N N 212 
LYS CE  HE3  sing N N 213 
LYS NZ  HZ1  sing N N 214 
LYS NZ  HZ2  sing N N 215 
LYS NZ  HZ3  sing N N 216 
LYS OXT HXT  sing N N 217 
MET N   CA   sing N N 218 
MET N   H    sing N N 219 
MET N   H2   sing N N 220 
MET CA  C    sing N N 221 
MET CA  CB   sing N N 222 
MET CA  HA   sing N N 223 
MET C   O    doub N N 224 
MET C   OXT  sing N N 225 
MET CB  CG   sing N N 226 
MET CB  HB2  sing N N 227 
MET CB  HB3  sing N N 228 
MET CG  SD   sing N N 229 
MET CG  HG2  sing N N 230 
MET CG  HG3  sing N N 231 
MET SD  CE   sing N N 232 
MET CE  HE1  sing N N 233 
MET CE  HE2  sing N N 234 
MET CE  HE3  sing N N 235 
MET OXT HXT  sing N N 236 
PHE N   CA   sing N N 237 
PHE N   H    sing N N 238 
PHE N   H2   sing N N 239 
PHE CA  C    sing N N 240 
PHE CA  CB   sing N N 241 
PHE CA  HA   sing N N 242 
PHE C   O    doub N N 243 
PHE C   OXT  sing N N 244 
PHE CB  CG   sing N N 245 
PHE CB  HB2  sing N N 246 
PHE CB  HB3  sing N N 247 
PHE CG  CD1  doub Y N 248 
PHE CG  CD2  sing Y N 249 
PHE CD1 CE1  sing Y N 250 
PHE CD1 HD1  sing N N 251 
PHE CD2 CE2  doub Y N 252 
PHE CD2 HD2  sing N N 253 
PHE CE1 CZ   doub Y N 254 
PHE CE1 HE1  sing N N 255 
PHE CE2 CZ   sing Y N 256 
PHE CE2 HE2  sing N N 257 
PHE CZ  HZ   sing N N 258 
PHE OXT HXT  sing N N 259 
PRO N   CA   sing N N 260 
PRO N   CD   sing N N 261 
PRO N   H    sing N N 262 
PRO CA  C    sing N N 263 
PRO CA  CB   sing N N 264 
PRO CA  HA   sing N N 265 
PRO C   O    doub N N 266 
PRO C   OXT  sing N N 267 
PRO CB  CG   sing N N 268 
PRO CB  HB2  sing N N 269 
PRO CB  HB3  sing N N 270 
PRO CG  CD   sing N N 271 
PRO CG  HG2  sing N N 272 
PRO CG  HG3  sing N N 273 
PRO CD  HD2  sing N N 274 
PRO CD  HD3  sing N N 275 
PRO OXT HXT  sing N N 276 
SER N   CA   sing N N 277 
SER N   H    sing N N 278 
SER N   H2   sing N N 279 
SER CA  C    sing N N 280 
SER CA  CB   sing N N 281 
SER CA  HA   sing N N 282 
SER C   O    doub N N 283 
SER C   OXT  sing N N 284 
SER CB  OG   sing N N 285 
SER CB  HB2  sing N N 286 
SER CB  HB3  sing N N 287 
SER OG  HG   sing N N 288 
SER OXT HXT  sing N N 289 
SO4 S   O1   doub N N 290 
SO4 S   O2   doub N N 291 
SO4 S   O3   sing N N 292 
SO4 S   O4   sing N N 293 
THR N   CA   sing N N 294 
THR N   H    sing N N 295 
THR N   H2   sing N N 296 
THR CA  C    sing N N 297 
THR CA  CB   sing N N 298 
THR CA  HA   sing N N 299 
THR C   O    doub N N 300 
THR C   OXT  sing N N 301 
THR CB  OG1  sing N N 302 
THR CB  CG2  sing N N 303 
THR CB  HB   sing N N 304 
THR OG1 HG1  sing N N 305 
THR CG2 HG21 sing N N 306 
THR CG2 HG22 sing N N 307 
THR CG2 HG23 sing N N 308 
THR OXT HXT  sing N N 309 
TRP N   CA   sing N N 310 
TRP N   H    sing N N 311 
TRP N   H2   sing N N 312 
TRP CA  C    sing N N 313 
TRP CA  CB   sing N N 314 
TRP CA  HA   sing N N 315 
TRP C   O    doub N N 316 
TRP C   OXT  sing N N 317 
TRP CB  CG   sing N N 318 
TRP CB  HB2  sing N N 319 
TRP CB  HB3  sing N N 320 
TRP CG  CD1  doub Y N 321 
TRP CG  CD2  sing Y N 322 
TRP CD1 NE1  sing Y N 323 
TRP CD1 HD1  sing N N 324 
TRP CD2 CE2  doub Y N 325 
TRP CD2 CE3  sing Y N 326 
TRP NE1 CE2  sing Y N 327 
TRP NE1 HE1  sing N N 328 
TRP CE2 CZ2  sing Y N 329 
TRP CE3 CZ3  doub Y N 330 
TRP CE3 HE3  sing N N 331 
TRP CZ2 CH2  doub Y N 332 
TRP CZ2 HZ2  sing N N 333 
TRP CZ3 CH2  sing Y N 334 
TRP CZ3 HZ3  sing N N 335 
TRP CH2 HH2  sing N N 336 
TRP OXT HXT  sing N N 337 
TYR N   CA   sing N N 338 
TYR N   H    sing N N 339 
TYR N   H2   sing N N 340 
TYR CA  C    sing N N 341 
TYR CA  CB   sing N N 342 
TYR CA  HA   sing N N 343 
TYR C   O    doub N N 344 
TYR C   OXT  sing N N 345 
TYR CB  CG   sing N N 346 
TYR CB  HB2  sing N N 347 
TYR CB  HB3  sing N N 348 
TYR CG  CD1  doub Y N 349 
TYR CG  CD2  sing Y N 350 
TYR CD1 CE1  sing Y N 351 
TYR CD1 HD1  sing N N 352 
TYR CD2 CE2  doub Y N 353 
TYR CD2 HD2  sing N N 354 
TYR CE1 CZ   doub Y N 355 
TYR CE1 HE1  sing N N 356 
TYR CE2 CZ   sing Y N 357 
TYR CE2 HE2  sing N N 358 
TYR CZ  OH   sing N N 359 
TYR OH  HH   sing N N 360 
TYR OXT HXT  sing N N 361 
VAL N   CA   sing N N 362 
VAL N   H    sing N N 363 
VAL N   H2   sing N N 364 
VAL CA  C    sing N N 365 
VAL CA  CB   sing N N 366 
VAL CA  HA   sing N N 367 
VAL C   O    doub N N 368 
VAL C   OXT  sing N N 369 
VAL CB  CG1  sing N N 370 
VAL CB  CG2  sing N N 371 
VAL CB  HB   sing N N 372 
VAL CG1 HG11 sing N N 373 
VAL CG1 HG12 sing N N 374 
VAL CG1 HG13 sing N N 375 
VAL CG2 HG21 sing N N 376 
VAL CG2 HG22 sing N N 377 
VAL CG2 HG23 sing N N 378 
VAL OXT HXT  sing N N 379 
# 
loop_
_pdbx_entity_nonpoly.entity_id 
_pdbx_entity_nonpoly.name 
_pdbx_entity_nonpoly.comp_id 
2 'SULFATE ION' SO4 
3 water         HOH 
# 
_pdbx_initial_refinement_model.id               1 
_pdbx_initial_refinement_model.entity_id_list   ? 
_pdbx_initial_refinement_model.type             'experimental model' 
_pdbx_initial_refinement_model.source_name      PDB 
_pdbx_initial_refinement_model.accession_code   1EUA 
_pdbx_initial_refinement_model.details          'PDB ENTRY 1EUA' 
# 
